data_3OCC
#
_entry.id   3OCC
#
_cell.length_a   91.647
_cell.length_b   109.829
_cell.length_c   154.747
_cell.angle_alpha   90.00
_cell.angle_beta   90.00
_cell.angle_gamma   90.00
#
_symmetry.space_group_name_H-M   'P 21 21 21'
#
loop_
_entity.id
_entity.type
_entity.pdbx_description
1 polymer 'Purine nucleoside phosphorylase deoD-type'
2 non-polymer 7-[[(3R,4R)-3-(hydroxymethyl)-4-oxidanyl-pyrrolidin-1-ium-1-yl]methyl]-3,5-dihydropyrrolo[3,2-d]pyrimidin-4-one
3 non-polymer 'PHOSPHATE ION'
4 water water
#
_entity_poly.entity_id   1
_entity_poly.type   'polypeptide(L)'
_entity_poly.pdbx_seq_one_letter_code
;MATPHINAEMGDFADVVLMPGDPLRAKFIAETFLQDVREVNNVRGMLGFTGTYKGRKISVMGHGMGIPSCSIYAKELITD
FGVKKIIRVGSCGAVRTDVKLRDVVIGMGACTDSKVNRMRFKDHDYAAIADFEMTRNAVDAAKAKGVNVRVGNLFSADLF
YTPDPQMFDVMEKYGILGVEMEAAGIYGVAAEFGAKALTICTVSDHIRTGEQTTAAERQTTFNDMIEIALESVLLGDNA
;
_entity_poly.pdbx_strand_id   A,B,C,D,E,F
#
loop_
_chem_comp.id
_chem_comp.type
_chem_comp.name
_chem_comp.formula
DIH non-polymer 7-[[(3R,4R)-3-(hydroxymethyl)-4-oxidanyl-pyrrolidin-1-ium-1-yl]methyl]-3,5-dihydropyrrolo[3,2-d]pyrimidin-4-one 'C12 H17 N4 O3 1'
PO4 non-polymer 'PHOSPHATE ION' 'O4 P -3'
#
# COMPACT_ATOMS: atom_id res chain seq x y z
N THR A 3 22.76 -21.94 -16.80
CA THR A 3 22.48 -20.96 -15.72
C THR A 3 23.10 -21.43 -14.40
N PRO A 4 23.07 -20.58 -13.35
CA PRO A 4 23.58 -21.05 -12.07
C PRO A 4 22.68 -22.08 -11.41
N HIS A 5 21.49 -22.33 -11.98
CA HIS A 5 20.51 -23.15 -11.31
C HIS A 5 20.24 -24.48 -11.99
N ILE A 6 20.56 -24.57 -13.28
CA ILE A 6 20.24 -25.77 -14.04
C ILE A 6 21.44 -26.16 -14.90
N ASN A 7 21.95 -27.35 -14.67
CA ASN A 7 23.14 -27.79 -15.45
C ASN A 7 22.71 -28.86 -16.47
N ALA A 8 21.91 -28.45 -17.43
CA ALA A 8 21.34 -29.38 -18.42
C ALA A 8 21.52 -28.74 -19.78
N GLU A 9 21.42 -29.52 -20.86
CA GLU A 9 21.47 -28.94 -22.21
C GLU A 9 20.06 -28.88 -22.77
N MET A 10 19.82 -27.95 -23.70
CA MET A 10 18.49 -27.86 -24.32
C MET A 10 18.19 -29.23 -24.94
N GLY A 11 16.94 -29.65 -24.85
CA GLY A 11 16.56 -31.00 -25.22
C GLY A 11 16.52 -31.98 -24.04
N ASP A 12 17.19 -31.67 -22.93
CA ASP A 12 17.20 -32.59 -21.81
C ASP A 12 15.86 -32.69 -21.12
N PHE A 13 15.08 -31.61 -21.22
CA PHE A 13 13.76 -31.59 -20.60
C PHE A 13 12.68 -31.82 -21.64
N ALA A 14 11.64 -32.54 -21.23
CA ALA A 14 10.41 -32.65 -22.04
C ALA A 14 9.74 -31.27 -22.13
N ASP A 15 8.71 -31.16 -22.97
CA ASP A 15 7.94 -29.92 -23.08
C ASP A 15 6.96 -29.78 -21.92
N VAL A 16 6.82 -30.84 -21.14
CA VAL A 16 5.99 -30.79 -19.93
C VAL A 16 6.82 -31.21 -18.76
N VAL A 17 6.79 -30.44 -17.67
CA VAL A 17 7.55 -30.79 -16.46
C VAL A 17 6.60 -30.79 -15.23
N LEU A 18 6.56 -31.91 -14.51
CA LEU A 18 5.91 -31.99 -13.19
C LEU A 18 6.92 -31.50 -12.15
N MET A 19 6.50 -30.63 -11.25
CA MET A 19 7.43 -30.07 -10.26
C MET A 19 6.81 -30.12 -8.86
N PRO A 20 7.35 -30.98 -7.99
CA PRO A 20 7.10 -30.91 -6.56
C PRO A 20 8.10 -29.90 -5.96
N GLY A 21 7.85 -29.45 -4.73
CA GLY A 21 8.87 -28.59 -4.09
C GLY A 21 10.10 -29.37 -3.67
N ASP A 22 9.88 -30.67 -3.40
CA ASP A 22 10.91 -31.54 -2.78
C ASP A 22 11.66 -32.32 -3.86
N PRO A 23 12.97 -32.11 -3.98
CA PRO A 23 13.66 -32.83 -5.04
C PRO A 23 13.65 -34.35 -4.81
N LEU A 24 13.51 -34.79 -3.55
CA LEU A 24 13.47 -36.22 -3.29
C LEU A 24 12.12 -36.79 -3.73
N ARG A 25 11.07 -35.96 -3.67
CA ARG A 25 9.78 -36.39 -4.21
C ARG A 25 9.90 -36.47 -5.74
N ALA A 26 10.63 -35.53 -6.35
CA ALA A 26 10.88 -35.62 -7.79
C ALA A 26 11.56 -36.93 -8.16
N LYS A 27 12.61 -37.28 -7.41
CA LYS A 27 13.28 -38.58 -7.62
C LYS A 27 12.32 -39.77 -7.51
N PHE A 28 11.49 -39.78 -6.46
CA PHE A 28 10.52 -40.85 -6.27
C PHE A 28 9.51 -40.92 -7.43
N ILE A 29 9.01 -39.77 -7.88
CA ILE A 29 8.04 -39.72 -8.96
C ILE A 29 8.65 -40.32 -10.22
N ALA A 30 9.86 -39.86 -10.57
CA ALA A 30 10.49 -40.36 -11.78
C ALA A 30 10.72 -41.86 -11.71
N GLU A 31 11.29 -42.34 -10.60
CA GLU A 31 11.64 -43.74 -10.49
C GLU A 31 10.42 -44.66 -10.45
N THR A 32 9.32 -44.14 -9.90
CA THR A 32 8.12 -44.94 -9.71
C THR A 32 7.22 -44.96 -10.93
N PHE A 33 7.17 -43.84 -11.65
CA PHE A 33 6.21 -43.66 -12.75
C PHE A 33 6.75 -43.57 -14.16
N LEU A 34 8.06 -43.36 -14.32
CA LEU A 34 8.61 -43.16 -15.67
C LEU A 34 9.54 -44.28 -16.08
N GLN A 35 9.61 -44.55 -17.38
CA GLN A 35 10.59 -45.49 -17.92
C GLN A 35 11.79 -44.78 -18.46
N ASP A 36 12.92 -45.48 -18.54
CA ASP A 36 14.13 -44.97 -19.20
C ASP A 36 14.56 -43.61 -18.62
N VAL A 37 14.61 -43.54 -17.30
CA VAL A 37 14.79 -42.28 -16.59
C VAL A 37 16.26 -41.90 -16.61
N ARG A 38 16.55 -40.63 -16.86
CA ARG A 38 17.87 -40.11 -16.63
C ARG A 38 17.81 -38.86 -15.77
N GLU A 39 18.81 -38.70 -14.92
CA GLU A 39 18.93 -37.48 -14.14
C GLU A 39 19.51 -36.41 -15.07
N VAL A 40 18.85 -35.25 -15.12
CA VAL A 40 19.29 -34.17 -16.01
C VAL A 40 19.73 -32.92 -15.26
N ASN A 41 19.40 -32.82 -13.98
CA ASN A 41 19.89 -31.68 -13.18
C ASN A 41 20.21 -32.12 -11.77
N ASN A 42 21.28 -31.56 -11.20
CA ASN A 42 21.54 -31.75 -9.79
C ASN A 42 22.19 -30.57 -9.10
N VAL A 43 22.27 -29.43 -9.80
CA VAL A 43 22.84 -28.21 -9.18
C VAL A 43 22.06 -27.85 -7.91
N ARG A 44 22.77 -27.45 -6.85
CA ARG A 44 22.15 -27.12 -5.55
C ARG A 44 21.30 -28.27 -4.99
N GLY A 45 21.53 -29.50 -5.47
CA GLY A 45 20.72 -30.66 -5.07
C GLY A 45 19.29 -30.67 -5.62
N MET A 46 18.98 -29.81 -6.58
CA MET A 46 17.59 -29.68 -7.02
C MET A 46 17.37 -30.65 -8.16
N LEU A 47 17.19 -31.91 -7.79
CA LEU A 47 17.17 -33.00 -8.75
C LEU A 47 16.08 -32.86 -9.82
N GLY A 48 16.46 -33.07 -11.09
CA GLY A 48 15.53 -33.12 -12.20
C GLY A 48 15.78 -34.37 -13.00
N PHE A 49 14.71 -34.93 -13.57
CA PHE A 49 14.77 -36.18 -14.31
C PHE A 49 13.92 -36.07 -15.58
N THR A 50 14.27 -36.90 -16.56
CA THR A 50 13.45 -37.06 -17.76
C THR A 50 13.31 -38.52 -18.11
N GLY A 51 12.10 -38.93 -18.46
CA GLY A 51 11.84 -40.31 -18.90
C GLY A 51 10.58 -40.32 -19.75
N THR A 52 9.96 -41.49 -19.88
CA THR A 52 8.65 -41.56 -20.55
C THR A 52 7.55 -42.07 -19.64
N TYR A 53 6.34 -41.61 -19.92
CA TYR A 53 5.14 -42.15 -19.30
C TYR A 53 4.27 -42.68 -20.41
N LYS A 54 4.02 -43.99 -20.43
CA LYS A 54 3.27 -44.59 -21.53
C LYS A 54 3.77 -44.08 -22.88
N GLY A 55 5.09 -44.06 -23.04
CA GLY A 55 5.73 -43.69 -24.31
C GLY A 55 5.93 -42.18 -24.51
N ARG A 56 5.38 -41.37 -23.62
CA ARG A 56 5.40 -39.92 -23.82
C ARG A 56 6.50 -39.28 -22.95
N LYS A 57 7.33 -38.45 -23.56
CA LYS A 57 8.43 -37.82 -22.85
C LYS A 57 7.87 -36.89 -21.77
N ILE A 58 8.36 -37.06 -20.54
CA ILE A 58 7.93 -36.26 -19.39
C ILE A 58 9.14 -35.97 -18.52
N SER A 59 9.22 -34.77 -17.95
CA SER A 59 10.27 -34.46 -16.97
C SER A 59 9.65 -34.23 -15.62
N VAL A 60 10.42 -34.43 -14.56
CA VAL A 60 9.97 -34.12 -13.21
C VAL A 60 11.17 -33.51 -12.48
N MET A 61 10.97 -32.37 -11.84
CA MET A 61 12.08 -31.71 -11.18
C MET A 61 11.58 -30.89 -10.00
N GLY A 62 12.36 -30.91 -8.93
CA GLY A 62 12.06 -30.10 -7.73
C GLY A 62 12.10 -28.60 -8.02
N HIS A 63 11.27 -27.85 -7.32
CA HIS A 63 11.35 -26.37 -7.44
C HIS A 63 11.72 -25.64 -6.17
N GLY A 64 11.93 -26.37 -5.09
CA GLY A 64 12.25 -25.79 -3.77
C GLY A 64 11.02 -25.20 -3.07
N MET A 65 11.19 -24.69 -1.86
CA MET A 65 10.04 -24.10 -1.18
C MET A 65 9.94 -22.60 -1.44
N GLY A 66 8.72 -22.17 -1.72
CA GLY A 66 8.39 -20.73 -1.71
C GLY A 66 8.41 -20.13 -3.11
N ILE A 67 7.74 -18.98 -3.23
CA ILE A 67 7.63 -18.30 -4.50
C ILE A 67 9.00 -17.92 -5.12
N PRO A 68 9.91 -17.32 -4.34
CA PRO A 68 11.20 -16.90 -4.96
C PRO A 68 12.00 -18.08 -5.53
N SER A 69 11.95 -19.22 -4.86
CA SER A 69 12.66 -20.43 -5.36
C SER A 69 12.03 -20.96 -6.62
N CYS A 70 10.74 -21.24 -6.56
CA CYS A 70 10.10 -21.88 -7.72
C CYS A 70 10.02 -20.92 -8.92
N SER A 71 10.06 -19.60 -8.69
CA SER A 71 10.01 -18.64 -9.79
C SER A 71 11.27 -18.72 -10.66
N ILE A 72 12.40 -18.98 -10.01
CA ILE A 72 13.67 -19.10 -10.74
C ILE A 72 13.62 -20.33 -11.69
N TYR A 73 13.23 -21.47 -11.14
CA TYR A 73 13.23 -22.70 -11.91
C TYR A 73 12.20 -22.68 -13.04
N ALA A 74 11.00 -22.20 -12.73
CA ALA A 74 9.94 -22.13 -13.75
C ALA A 74 10.37 -21.20 -14.88
N LYS A 75 10.92 -20.03 -14.55
CA LYS A 75 11.33 -19.09 -15.59
C LYS A 75 12.35 -19.74 -16.53
N GLU A 76 13.40 -20.31 -15.95
CA GLU A 76 14.46 -20.89 -16.77
C GLU A 76 13.96 -22.05 -17.65
N LEU A 77 13.09 -22.88 -17.12
CA LEU A 77 12.61 -24.04 -17.91
C LEU A 77 11.86 -23.52 -19.12
N ILE A 78 11.07 -22.46 -18.93
CA ILE A 78 10.32 -21.85 -20.04
C ILE A 78 11.25 -21.17 -21.06
N THR A 79 12.09 -20.23 -20.62
CA THR A 79 12.88 -19.48 -21.58
C THR A 79 14.12 -20.19 -22.13
N ASP A 80 14.74 -21.04 -21.31
CA ASP A 80 16.02 -21.65 -21.67
C ASP A 80 15.90 -23.10 -22.15
N PHE A 81 14.79 -23.77 -21.82
CA PHE A 81 14.66 -25.20 -22.14
C PHE A 81 13.37 -25.50 -22.88
N GLY A 82 12.66 -24.46 -23.28
CA GLY A 82 11.52 -24.62 -24.18
C GLY A 82 10.29 -25.26 -23.59
N VAL A 83 10.22 -25.29 -22.26
CA VAL A 83 9.09 -25.96 -21.60
C VAL A 83 7.81 -25.19 -21.86
N LYS A 84 6.77 -25.93 -22.25
CA LYS A 84 5.47 -25.34 -22.59
C LYS A 84 4.45 -25.45 -21.46
N LYS A 85 4.51 -26.50 -20.65
CA LYS A 85 3.59 -26.68 -19.54
C LYS A 85 4.32 -27.08 -18.26
N ILE A 86 3.96 -26.46 -17.15
CA ILE A 86 4.43 -26.91 -15.86
C ILE A 86 3.22 -27.35 -15.00
N ILE A 87 3.29 -28.55 -14.47
CA ILE A 87 2.29 -28.99 -13.46
C ILE A 87 3.00 -29.11 -12.15
N ARG A 88 2.71 -28.19 -11.23
CA ARG A 88 3.22 -28.33 -9.85
C ARG A 88 2.41 -29.40 -9.17
N VAL A 89 3.13 -30.33 -8.52
CA VAL A 89 2.52 -31.42 -7.79
C VAL A 89 2.94 -31.34 -6.33
N GLY A 90 2.14 -30.62 -5.56
CA GLY A 90 2.57 -30.15 -4.26
C GLY A 90 1.82 -30.77 -3.10
N SER A 91 2.13 -30.26 -1.92
CA SER A 91 1.35 -30.58 -0.74
C SER A 91 0.64 -29.29 -0.33
N CYS A 92 -0.24 -29.35 0.67
CA CYS A 92 -0.89 -28.11 1.11
C CYS A 92 -1.55 -28.33 2.46
N GLY A 93 -1.86 -27.25 3.13
CA GLY A 93 -2.52 -27.33 4.44
C GLY A 93 -3.98 -26.94 4.30
N ALA A 94 -4.86 -27.71 4.90
CA ALA A 94 -6.30 -27.43 4.76
C ALA A 94 -6.80 -26.46 5.84
N VAL A 95 -7.68 -25.55 5.45
CA VAL A 95 -8.40 -24.71 6.43
C VAL A 95 -9.90 -25.03 6.55
N ARG A 96 -10.47 -25.70 5.55
CA ARG A 96 -11.92 -25.97 5.51
C ARG A 96 -12.24 -27.24 6.27
N THR A 97 -13.41 -27.26 6.91
CA THR A 97 -13.80 -28.44 7.67
C THR A 97 -14.16 -29.59 6.73
N ASP A 98 -14.47 -29.29 5.48
CA ASP A 98 -14.86 -30.35 4.55
C ASP A 98 -13.71 -30.84 3.68
N VAL A 99 -12.50 -30.41 3.98
CA VAL A 99 -11.32 -30.86 3.26
C VAL A 99 -10.51 -31.75 4.20
N LYS A 100 -10.17 -32.97 3.79
CA LYS A 100 -9.50 -33.93 4.70
C LYS A 100 -8.06 -34.20 4.30
N LEU A 101 -7.25 -34.69 5.24
CA LEU A 101 -5.91 -35.19 4.87
C LEU A 101 -5.97 -36.14 3.66
N ARG A 102 -5.00 -35.95 2.76
CA ARG A 102 -4.83 -36.74 1.54
C ARG A 102 -5.79 -36.39 0.41
N ASP A 103 -6.71 -35.45 0.67
CA ASP A 103 -7.57 -34.99 -0.43
C ASP A 103 -6.69 -34.33 -1.48
N VAL A 104 -7.12 -34.45 -2.74
CA VAL A 104 -6.41 -33.81 -3.86
C VAL A 104 -7.20 -32.58 -4.28
N VAL A 105 -6.51 -31.44 -4.31
CA VAL A 105 -7.12 -30.16 -4.71
C VAL A 105 -6.40 -29.56 -5.95
N ILE A 106 -7.20 -28.94 -6.81
CA ILE A 106 -6.70 -28.40 -8.07
C ILE A 106 -6.90 -26.88 -8.02
N GLY A 107 -5.79 -26.15 -8.13
CA GLY A 107 -5.82 -24.67 -8.00
C GLY A 107 -6.11 -23.98 -9.31
N MET A 108 -7.39 -23.77 -9.63
N MET A 108 -7.40 -23.78 -9.62
CA MET A 108 -7.71 -22.99 -10.80
CA MET A 108 -7.70 -22.98 -10.78
C MET A 108 -7.28 -21.53 -10.61
C MET A 108 -7.19 -21.56 -10.59
N GLY A 109 -7.20 -21.11 -9.34
CA GLY A 109 -6.59 -19.81 -8.99
C GLY A 109 -5.68 -19.98 -7.78
N ALA A 110 -4.85 -18.98 -7.54
CA ALA A 110 -3.98 -18.98 -6.35
C ALA A 110 -3.92 -17.56 -5.79
N CYS A 111 -4.52 -17.38 -4.60
CA CYS A 111 -4.39 -16.10 -3.86
C CYS A 111 -2.95 -16.05 -3.31
N THR A 112 -2.52 -14.89 -2.84
CA THR A 112 -1.17 -14.84 -2.22
C THR A 112 -1.00 -13.62 -1.31
N ASP A 113 -0.07 -13.72 -0.36
CA ASP A 113 0.38 -12.53 0.38
C ASP A 113 1.77 -12.08 -0.02
N SER A 114 2.26 -12.63 -1.15
CA SER A 114 3.51 -12.18 -1.74
C SER A 114 3.29 -10.88 -2.50
N LYS A 115 4.37 -10.11 -2.67
CA LYS A 115 4.33 -8.87 -3.46
C LYS A 115 4.75 -9.14 -4.90
N VAL A 116 5.01 -10.41 -5.28
CA VAL A 116 5.65 -10.57 -6.62
C VAL A 116 4.74 -10.18 -7.81
N ASN A 117 3.44 -10.46 -7.70
CA ASN A 117 2.56 -10.14 -8.81
C ASN A 117 2.24 -8.67 -8.85
N ARG A 118 2.15 -8.06 -7.67
CA ARG A 118 2.09 -6.59 -7.60
C ARG A 118 3.29 -5.96 -8.32
N MET A 119 4.47 -6.54 -8.18
CA MET A 119 5.66 -5.99 -8.87
C MET A 119 5.53 -6.13 -10.39
N ARG A 120 4.82 -7.16 -10.84
CA ARG A 120 4.61 -7.40 -12.29
C ARG A 120 3.48 -6.53 -12.85
N PHE A 121 2.55 -6.16 -11.97
CA PHE A 121 1.24 -5.69 -12.42
C PHE A 121 0.89 -4.28 -11.91
N LYS A 122 1.90 -3.43 -11.73
CA LYS A 122 1.70 -1.99 -11.39
C LYS A 122 0.94 -1.85 -10.09
N ASP A 123 1.19 -2.80 -9.19
CA ASP A 123 0.59 -2.77 -7.84
C ASP A 123 -0.95 -2.93 -7.85
N HIS A 124 -1.49 -3.48 -8.93
CA HIS A 124 -2.91 -3.87 -8.95
C HIS A 124 -3.06 -5.36 -8.64
N ASP A 125 -4.29 -5.86 -8.67
CA ASP A 125 -4.56 -7.27 -8.37
C ASP A 125 -4.45 -8.07 -9.67
N TYR A 126 -3.41 -8.88 -9.76
CA TYR A 126 -3.31 -9.84 -10.88
C TYR A 126 -3.97 -11.15 -10.38
N ALA A 127 -5.00 -11.63 -11.10
CA ALA A 127 -5.64 -12.90 -10.76
C ALA A 127 -4.74 -14.05 -11.23
N ALA A 128 -4.01 -14.65 -10.29
CA ALA A 128 -3.06 -15.71 -10.66
C ALA A 128 -3.85 -16.99 -10.95
N ILE A 129 -4.05 -17.27 -12.24
CA ILE A 129 -4.88 -18.42 -12.63
C ILE A 129 -4.10 -19.45 -13.40
N ALA A 130 -4.57 -20.71 -13.33
CA ALA A 130 -4.04 -21.80 -14.14
C ALA A 130 -4.48 -21.62 -15.59
N ASP A 131 -3.86 -22.40 -16.48
CA ASP A 131 -4.38 -22.52 -17.86
C ASP A 131 -5.70 -23.30 -17.84
N PHE A 132 -6.73 -22.82 -18.54
CA PHE A 132 -8.04 -23.48 -18.42
C PHE A 132 -8.01 -24.92 -18.93
N GLU A 133 -7.45 -25.13 -20.13
CA GLU A 133 -7.45 -26.51 -20.67
C GLU A 133 -6.65 -27.48 -19.80
N MET A 134 -5.52 -27.04 -19.25
CA MET A 134 -4.78 -27.94 -18.34
C MET A 134 -5.65 -28.28 -17.10
N THR A 135 -6.42 -27.30 -16.67
CA THR A 135 -7.30 -27.53 -15.50
C THR A 135 -8.36 -28.55 -15.85
N ARG A 136 -9.01 -28.35 -17.00
CA ARG A 136 -10.04 -29.29 -17.47
C ARG A 136 -9.46 -30.71 -17.65
N ASN A 137 -8.27 -30.80 -18.24
CA ASN A 137 -7.58 -32.08 -18.41
C ASN A 137 -7.38 -32.80 -17.07
N ALA A 138 -6.93 -32.04 -16.07
CA ALA A 138 -6.74 -32.61 -14.72
C ALA A 138 -8.06 -33.07 -14.09
N VAL A 139 -9.12 -32.28 -14.24
CA VAL A 139 -10.44 -32.68 -13.71
C VAL A 139 -10.94 -33.93 -14.42
N ASP A 140 -10.78 -33.97 -15.75
CA ASP A 140 -11.18 -35.13 -16.52
C ASP A 140 -10.33 -36.33 -16.18
N ALA A 141 -9.02 -36.12 -15.99
CA ALA A 141 -8.16 -37.27 -15.64
C ALA A 141 -8.54 -37.84 -14.27
N ALA A 142 -8.84 -36.95 -13.31
CA ALA A 142 -9.30 -37.41 -11.98
C ALA A 142 -10.58 -38.24 -12.07
N LYS A 143 -11.53 -37.78 -12.89
CA LYS A 143 -12.75 -38.58 -13.08
C LYS A 143 -12.41 -39.98 -13.63
N ALA A 144 -11.52 -40.01 -14.63
CA ALA A 144 -11.13 -41.28 -15.26
C ALA A 144 -10.35 -42.19 -14.29
N LYS A 145 -9.63 -41.60 -13.33
CA LYS A 145 -8.81 -42.37 -12.38
C LYS A 145 -9.59 -42.69 -11.09
N GLY A 146 -10.82 -42.22 -11.03
CA GLY A 146 -11.67 -42.46 -9.87
C GLY A 146 -11.15 -41.78 -8.62
N VAL A 147 -10.53 -40.62 -8.79
CA VAL A 147 -10.03 -39.84 -7.68
C VAL A 147 -10.87 -38.58 -7.46
N ASN A 148 -11.44 -38.43 -6.27
CA ASN A 148 -12.22 -37.24 -5.95
C ASN A 148 -11.33 -36.02 -5.89
N VAL A 149 -11.81 -34.92 -6.47
CA VAL A 149 -11.04 -33.68 -6.39
C VAL A 149 -11.95 -32.51 -6.10
N ARG A 150 -11.35 -31.44 -5.60
CA ARG A 150 -12.02 -30.15 -5.53
C ARG A 150 -11.23 -29.17 -6.38
N VAL A 151 -11.92 -28.25 -7.05
CA VAL A 151 -11.26 -27.30 -7.94
C VAL A 151 -11.62 -25.89 -7.48
N GLY A 152 -10.61 -25.03 -7.29
CA GLY A 152 -10.91 -23.69 -6.78
C GLY A 152 -9.61 -22.98 -6.45
N ASN A 153 -9.62 -22.19 -5.37
CA ASN A 153 -8.49 -21.30 -5.04
C ASN A 153 -7.56 -21.97 -4.05
N LEU A 154 -6.27 -21.86 -4.31
CA LEU A 154 -5.24 -22.09 -3.30
C LEU A 154 -4.86 -20.74 -2.67
N PHE A 155 -4.07 -20.78 -1.60
CA PHE A 155 -3.48 -19.54 -1.09
C PHE A 155 -1.99 -19.79 -0.94
N SER A 156 -1.18 -19.06 -1.74
CA SER A 156 0.27 -19.22 -1.70
C SER A 156 0.86 -18.23 -0.69
N ALA A 157 1.31 -18.76 0.43
CA ALA A 157 1.82 -17.93 1.54
C ALA A 157 3.33 -17.76 1.44
N ASP A 158 3.81 -16.61 1.89
CA ASP A 158 5.24 -16.42 2.08
C ASP A 158 5.73 -16.91 3.43
N LEU A 159 4.89 -16.90 4.47
CA LEU A 159 5.39 -17.36 5.78
C LEU A 159 4.60 -18.58 6.23
N PHE A 160 5.24 -19.75 6.14
CA PHE A 160 4.66 -20.97 6.68
C PHE A 160 4.35 -20.71 8.16
N TYR A 161 5.30 -20.10 8.88
CA TYR A 161 5.11 -19.78 10.30
C TYR A 161 4.52 -18.39 10.41
N THR A 162 3.23 -18.27 10.09
CA THR A 162 2.65 -16.95 9.88
C THR A 162 2.45 -16.21 11.17
N PRO A 163 2.76 -14.91 11.19
CA PRO A 163 2.43 -14.12 12.37
C PRO A 163 0.95 -13.72 12.45
N ASP A 164 0.18 -14.12 11.44
CA ASP A 164 -1.27 -13.77 11.34
C ASP A 164 -2.14 -15.02 11.11
N PRO A 165 -2.26 -15.87 12.13
CA PRO A 165 -3.13 -17.05 11.99
C PRO A 165 -4.60 -16.71 11.76
N GLN A 166 -5.05 -15.52 12.15
CA GLN A 166 -6.44 -15.14 11.88
C GLN A 166 -6.73 -15.14 10.38
N MET A 167 -5.70 -14.91 9.55
CA MET A 167 -5.91 -14.93 8.11
C MET A 167 -6.45 -16.29 7.65
N PHE A 168 -6.11 -17.36 8.39
CA PHE A 168 -6.69 -18.65 8.02
C PHE A 168 -8.22 -18.62 8.06
N ASP A 169 -8.79 -17.89 9.02
CA ASP A 169 -10.27 -17.78 9.10
C ASP A 169 -10.82 -17.11 7.84
N VAL A 170 -10.13 -16.06 7.40
CA VAL A 170 -10.52 -15.36 6.17
C VAL A 170 -10.41 -16.31 4.94
N MET A 171 -9.29 -17.06 4.84
CA MET A 171 -9.14 -18.02 3.75
C MET A 171 -10.29 -19.02 3.76
N GLU A 172 -10.60 -19.53 4.96
CA GLU A 172 -11.71 -20.47 5.08
C GLU A 172 -13.07 -19.89 4.59
N LYS A 173 -13.35 -18.65 5.00
N LYS A 173 -13.39 -18.69 5.03
CA LYS A 173 -14.58 -17.94 4.66
CA LYS A 173 -14.65 -18.10 4.66
C LYS A 173 -14.73 -17.71 3.18
C LYS A 173 -14.73 -17.93 3.14
N TYR A 174 -13.59 -17.65 2.51
CA TYR A 174 -13.54 -17.46 1.06
C TYR A 174 -13.31 -18.77 0.28
N GLY A 175 -13.37 -19.90 0.98
CA GLY A 175 -13.42 -21.22 0.34
C GLY A 175 -12.06 -21.75 -0.15
N ILE A 176 -10.98 -21.21 0.39
CA ILE A 176 -9.64 -21.62 0.00
C ILE A 176 -9.50 -23.12 0.28
N LEU A 177 -9.02 -23.86 -0.71
CA LEU A 177 -8.95 -25.33 -0.61
C LEU A 177 -7.70 -25.82 0.07
N GLY A 178 -6.61 -25.06 -0.11
CA GLY A 178 -5.33 -25.45 0.46
C GLY A 178 -4.38 -24.25 0.55
N VAL A 179 -3.56 -24.23 1.60
CA VAL A 179 -2.50 -23.24 1.77
C VAL A 179 -1.20 -23.91 1.33
N GLU A 180 -0.53 -23.33 0.34
CA GLU A 180 0.82 -23.79 0.00
C GLU A 180 1.68 -22.54 -0.15
N MET A 181 2.75 -22.56 -0.96
CA MET A 181 3.67 -21.44 -0.92
C MET A 181 4.24 -21.13 -2.30
N GLU A 182 3.53 -21.56 -3.34
CA GLU A 182 4.17 -21.53 -4.68
C GLU A 182 3.29 -21.17 -5.87
N ALA A 183 2.07 -21.70 -5.90
CA ALA A 183 1.22 -21.65 -7.09
C ALA A 183 1.11 -20.23 -7.68
N ALA A 184 0.83 -19.24 -6.84
CA ALA A 184 0.63 -17.86 -7.36
C ALA A 184 1.88 -17.38 -8.09
N GLY A 185 3.05 -17.79 -7.61
CA GLY A 185 4.32 -17.40 -8.21
C GLY A 185 4.53 -18.11 -9.54
N ILE A 186 4.23 -19.42 -9.57
CA ILE A 186 4.34 -20.17 -10.82
C ILE A 186 3.37 -19.62 -11.88
N TYR A 187 2.14 -19.31 -11.46
CA TYR A 187 1.17 -18.75 -12.42
C TYR A 187 1.61 -17.37 -12.96
N GLY A 188 2.26 -16.59 -12.10
CA GLY A 188 2.72 -15.26 -12.50
C GLY A 188 3.81 -15.43 -13.55
N VAL A 189 4.75 -16.36 -13.30
CA VAL A 189 5.87 -16.62 -14.25
C VAL A 189 5.32 -17.12 -15.56
N ALA A 190 4.35 -18.04 -15.50
CA ALA A 190 3.83 -18.63 -16.73
C ALA A 190 3.18 -17.57 -17.61
N ALA A 191 2.41 -16.67 -17.00
CA ALA A 191 1.83 -15.56 -17.74
C ALA A 191 2.91 -14.61 -18.28
N GLU A 192 3.88 -14.27 -17.45
CA GLU A 192 4.93 -13.32 -17.83
C GLU A 192 5.67 -13.79 -19.07
N PHE A 193 5.98 -15.09 -19.11
CA PHE A 193 6.86 -15.61 -20.18
C PHE A 193 6.14 -16.46 -21.18
N GLY A 194 4.82 -16.46 -21.12
CA GLY A 194 4.00 -16.99 -22.23
C GLY A 194 3.91 -18.50 -22.27
N ALA A 195 3.81 -19.14 -21.11
CA ALA A 195 3.68 -20.58 -21.07
C ALA A 195 2.44 -20.90 -20.24
N LYS A 196 2.24 -22.18 -19.92
CA LYS A 196 1.00 -22.63 -19.27
C LYS A 196 1.33 -23.36 -17.97
N ALA A 197 0.51 -23.21 -16.94
CA ALA A 197 0.81 -23.92 -15.71
C ALA A 197 -0.44 -24.33 -14.96
N LEU A 198 -0.31 -25.36 -14.12
CA LEU A 198 -1.39 -25.79 -13.23
C LEU A 198 -0.74 -26.30 -11.95
N THR A 199 -1.39 -26.05 -10.82
CA THR A 199 -0.95 -26.64 -9.54
C THR A 199 -2.01 -27.59 -9.04
N ILE A 200 -1.59 -28.82 -8.71
CA ILE A 200 -2.45 -29.82 -8.09
C ILE A 200 -1.77 -30.15 -6.76
N CYS A 201 -2.50 -30.19 -5.64
CA CYS A 201 -1.81 -30.47 -4.38
C CYS A 201 -2.55 -31.56 -3.61
N THR A 202 -1.80 -32.25 -2.76
CA THR A 202 -2.36 -33.18 -1.80
C THR A 202 -2.33 -32.59 -0.41
N VAL A 203 -3.43 -32.71 0.30
CA VAL A 203 -3.53 -32.16 1.66
C VAL A 203 -2.65 -32.97 2.63
N SER A 204 -1.63 -32.32 3.16
CA SER A 204 -0.64 -32.99 4.00
C SER A 204 -0.78 -32.60 5.46
N ASP A 205 -1.54 -31.52 5.71
CA ASP A 205 -1.72 -30.97 7.06
C ASP A 205 -3.13 -30.46 7.17
N HIS A 206 -3.73 -30.56 8.36
CA HIS A 206 -4.96 -29.83 8.60
C HIS A 206 -4.72 -28.82 9.69
N ILE A 207 -4.84 -27.56 9.32
CA ILE A 207 -4.54 -26.43 10.16
C ILE A 207 -5.52 -26.35 11.32
N ARG A 208 -6.74 -26.87 11.16
CA ARG A 208 -7.70 -26.87 12.25
C ARG A 208 -7.62 -28.11 13.16
N THR A 209 -7.47 -29.29 12.58
CA THR A 209 -7.48 -30.50 13.42
C THR A 209 -6.10 -30.78 14.01
N GLY A 210 -5.08 -30.19 13.41
CA GLY A 210 -3.72 -30.43 13.84
C GLY A 210 -3.13 -31.70 13.23
N GLU A 211 -3.89 -32.43 12.40
CA GLU A 211 -3.30 -33.65 11.81
C GLU A 211 -2.15 -33.27 10.86
N GLN A 212 -1.04 -34.01 10.93
CA GLN A 212 0.10 -33.76 10.03
C GLN A 212 0.57 -35.12 9.49
N THR A 213 1.04 -35.15 8.25
CA THR A 213 1.71 -36.34 7.74
C THR A 213 3.20 -36.27 8.06
N THR A 214 3.89 -37.41 8.02
CA THR A 214 5.35 -37.38 8.27
C THR A 214 6.13 -36.90 7.06
N ALA A 215 7.40 -36.54 7.26
CA ALA A 215 8.27 -36.20 6.14
C ALA A 215 8.29 -37.35 5.10
N ALA A 216 8.35 -38.58 5.58
CA ALA A 216 8.36 -39.74 4.67
C ALA A 216 7.08 -39.87 3.82
N GLU A 217 5.93 -39.67 4.45
CA GLU A 217 4.67 -39.68 3.72
C GLU A 217 4.64 -38.59 2.65
N ARG A 218 5.12 -37.38 2.95
CA ARG A 218 5.09 -36.33 1.96
C ARG A 218 5.98 -36.66 0.78
N GLN A 219 7.04 -37.42 1.05
CA GLN A 219 8.05 -37.68 0.02
C GLN A 219 7.62 -38.77 -0.95
N THR A 220 6.83 -39.72 -0.48
CA THR A 220 6.57 -40.92 -1.29
C THR A 220 5.13 -41.44 -1.38
N THR A 221 4.15 -40.78 -0.77
CA THR A 221 2.81 -41.42 -0.66
C THR A 221 1.67 -40.64 -1.31
N PHE A 222 1.93 -39.43 -1.77
CA PHE A 222 0.88 -38.63 -2.37
C PHE A 222 0.86 -38.86 -3.88
N ASN A 223 0.35 -40.02 -4.26
CA ASN A 223 0.49 -40.55 -5.61
C ASN A 223 -0.74 -40.41 -6.51
N ASP A 224 -1.91 -40.28 -5.90
CA ASP A 224 -3.10 -39.95 -6.69
C ASP A 224 -2.90 -38.68 -7.50
N MET A 225 -2.24 -37.67 -6.92
CA MET A 225 -2.07 -36.44 -7.67
C MET A 225 -1.16 -36.65 -8.87
N ILE A 226 -0.19 -37.55 -8.74
CA ILE A 226 0.74 -37.83 -9.83
C ILE A 226 0.05 -38.57 -11.00
N GLU A 227 -0.76 -39.57 -10.67
CA GLU A 227 -1.57 -40.26 -11.69
C GLU A 227 -2.45 -39.28 -12.42
N ILE A 228 -3.09 -38.38 -11.67
CA ILE A 228 -3.94 -37.37 -12.29
C ILE A 228 -3.08 -36.47 -13.20
N ALA A 229 -1.94 -36.00 -12.69
CA ALA A 229 -1.09 -35.10 -13.49
C ALA A 229 -0.65 -35.74 -14.79
N LEU A 230 -0.11 -36.96 -14.69
CA LEU A 230 0.39 -37.64 -15.88
C LEU A 230 -0.70 -37.97 -16.84
N GLU A 231 -1.82 -38.51 -16.35
CA GLU A 231 -2.92 -38.77 -17.27
C GLU A 231 -3.48 -37.49 -17.91
N SER A 232 -3.41 -36.37 -17.18
CA SER A 232 -3.95 -35.10 -17.72
C SER A 232 -3.09 -34.64 -18.92
N VAL A 233 -1.78 -34.92 -18.88
CA VAL A 233 -0.90 -34.57 -19.99
C VAL A 233 -1.35 -35.29 -21.28
N LEU A 234 -1.64 -36.58 -21.16
CA LEU A 234 -2.05 -37.36 -22.32
C LEU A 234 -3.38 -36.84 -22.88
N LEU A 235 -4.30 -36.46 -21.99
CA LEU A 235 -5.56 -35.86 -22.45
C LEU A 235 -5.26 -34.58 -23.23
N GLY A 236 -4.35 -33.75 -22.70
CA GLY A 236 -3.97 -32.53 -23.37
C GLY A 236 -3.36 -32.73 -24.75
N ASP A 237 -2.58 -33.80 -24.92
CA ASP A 237 -1.94 -34.07 -26.19
C ASP A 237 -2.99 -34.42 -27.23
N ASN A 238 -4.06 -35.11 -26.80
CA ASN A 238 -5.05 -35.70 -27.71
C ASN A 238 -6.09 -34.66 -28.14
N ALA A 239 -5.72 -33.39 -27.98
CA ALA A 239 -6.56 -32.24 -28.25
C ALA A 239 -7.85 -32.31 -27.41
N THR B 3 -35.24 -4.21 0.18
CA THR B 3 -34.12 -3.23 0.05
C THR B 3 -34.49 -2.03 -0.82
N PRO B 4 -33.65 -0.99 -0.80
CA PRO B 4 -33.74 0.14 -1.74
C PRO B 4 -33.44 -0.23 -3.18
N HIS B 5 -32.99 -1.45 -3.44
CA HIS B 5 -32.47 -1.74 -4.76
C HIS B 5 -33.28 -2.74 -5.56
N ILE B 6 -34.00 -3.61 -4.86
CA ILE B 6 -34.78 -4.67 -5.56
C ILE B 6 -36.17 -4.69 -4.98
N ASN B 7 -37.17 -4.44 -5.82
CA ASN B 7 -38.58 -4.41 -5.37
C ASN B 7 -39.33 -5.68 -5.81
N ALA B 8 -38.64 -6.80 -5.74
CA ALA B 8 -39.22 -8.11 -6.05
C ALA B 8 -39.57 -8.84 -4.75
N GLU B 9 -40.40 -9.88 -4.83
CA GLU B 9 -40.59 -10.78 -3.69
C GLU B 9 -39.77 -12.04 -3.88
N MET B 10 -39.40 -12.69 -2.77
CA MET B 10 -38.69 -13.97 -2.86
C MET B 10 -39.56 -14.90 -3.72
N GLY B 11 -38.90 -15.74 -4.51
CA GLY B 11 -39.57 -16.54 -5.50
C GLY B 11 -39.54 -15.91 -6.90
N ASP B 12 -39.42 -14.59 -6.97
CA ASP B 12 -39.57 -13.90 -8.26
C ASP B 12 -38.39 -14.18 -9.18
N PHE B 13 -37.24 -14.48 -8.59
CA PHE B 13 -36.03 -14.76 -9.39
C PHE B 13 -35.80 -16.27 -9.47
N ALA B 14 -35.30 -16.73 -10.60
CA ALA B 14 -34.84 -18.10 -10.74
C ALA B 14 -33.57 -18.29 -9.92
N ASP B 15 -33.07 -19.53 -9.87
CA ASP B 15 -31.83 -19.81 -9.15
C ASP B 15 -30.61 -19.35 -9.95
N VAL B 16 -30.82 -19.04 -11.25
CA VAL B 16 -29.76 -18.57 -12.15
C VAL B 16 -30.21 -17.23 -12.73
N VAL B 17 -29.33 -16.24 -12.65
CA VAL B 17 -29.58 -14.92 -13.20
C VAL B 17 -28.47 -14.50 -14.16
N LEU B 18 -28.86 -14.22 -15.41
CA LEU B 18 -27.93 -13.60 -16.35
C LEU B 18 -27.96 -12.09 -16.09
N MET B 19 -26.81 -11.44 -16.04
CA MET B 19 -26.75 -9.98 -15.73
C MET B 19 -25.84 -9.27 -16.73
N PRO B 20 -26.44 -8.44 -17.58
CA PRO B 20 -25.66 -7.45 -18.33
C PRO B 20 -25.61 -6.18 -17.50
N GLY B 21 -24.71 -5.28 -17.83
CA GLY B 21 -24.64 -4.00 -17.11
C GLY B 21 -25.85 -3.13 -17.44
N ASP B 22 -26.36 -3.28 -18.67
CA ASP B 22 -27.37 -2.38 -19.23
C ASP B 22 -28.79 -2.97 -19.02
N PRO B 23 -29.65 -2.29 -18.22
CA PRO B 23 -30.99 -2.85 -18.02
C PRO B 23 -31.81 -2.98 -19.31
N LEU B 24 -31.49 -2.19 -20.33
CA LEU B 24 -32.18 -2.28 -21.62
C LEU B 24 -31.73 -3.52 -22.40
N ARG B 25 -30.48 -3.93 -22.22
CA ARG B 25 -30.06 -5.23 -22.80
C ARG B 25 -30.72 -6.36 -22.01
N ALA B 26 -30.93 -6.19 -20.71
CA ALA B 26 -31.63 -7.23 -19.97
C ALA B 26 -33.05 -7.43 -20.51
N LYS B 27 -33.71 -6.32 -20.80
CA LYS B 27 -35.04 -6.36 -21.41
C LYS B 27 -35.04 -7.05 -22.79
N PHE B 28 -34.08 -6.67 -23.63
CA PHE B 28 -33.96 -7.27 -24.94
C PHE B 28 -33.70 -8.77 -24.83
N ILE B 29 -32.78 -9.14 -23.95
CA ILE B 29 -32.48 -10.57 -23.74
C ILE B 29 -33.73 -11.34 -23.35
N ALA B 30 -34.46 -10.85 -22.33
CA ALA B 30 -35.62 -11.56 -21.82
C ALA B 30 -36.69 -11.70 -22.91
N GLU B 31 -36.94 -10.60 -23.62
CA GLU B 31 -37.97 -10.59 -24.66
C GLU B 31 -37.61 -11.45 -25.89
N THR B 32 -36.32 -11.56 -26.16
CA THR B 32 -35.89 -12.25 -27.37
C THR B 32 -35.66 -13.74 -27.16
N PHE B 33 -35.18 -14.12 -25.96
CA PHE B 33 -34.79 -15.51 -25.70
C PHE B 33 -35.72 -16.30 -24.80
N LEU B 34 -36.49 -15.62 -23.95
CA LEU B 34 -37.32 -16.32 -22.96
C LEU B 34 -38.82 -16.33 -23.27
N GLN B 35 -39.51 -17.36 -22.79
CA GLN B 35 -40.97 -17.42 -22.84
C GLN B 35 -41.60 -17.04 -21.51
N ASP B 36 -42.85 -16.57 -21.57
CA ASP B 36 -43.65 -16.31 -20.39
C ASP B 36 -42.96 -15.32 -19.44
N VAL B 37 -42.49 -14.23 -20.02
CA VAL B 37 -41.63 -13.30 -19.28
C VAL B 37 -42.48 -12.39 -18.41
N ARG B 38 -42.05 -12.20 -17.16
CA ARG B 38 -42.59 -11.15 -16.26
C ARG B 38 -41.49 -10.19 -15.85
N GLU B 39 -41.80 -8.89 -15.74
CA GLU B 39 -40.84 -7.94 -15.19
C GLU B 39 -40.96 -8.07 -13.68
N VAL B 40 -39.83 -8.24 -13.01
CA VAL B 40 -39.81 -8.46 -11.55
C VAL B 40 -39.07 -7.39 -10.76
N ASN B 41 -38.29 -6.55 -11.44
CA ASN B 41 -37.70 -5.43 -10.74
C ASN B 41 -37.71 -4.19 -11.61
N ASN B 42 -37.92 -3.02 -11.00
CA ASN B 42 -37.67 -1.80 -11.75
C ASN B 42 -37.19 -0.60 -10.93
N VAL B 43 -36.88 -0.82 -9.66
CA VAL B 43 -36.33 0.23 -8.81
C VAL B 43 -35.05 0.82 -9.44
N ARG B 44 -34.94 2.16 -9.44
CA ARG B 44 -33.84 2.87 -10.04
C ARG B 44 -33.71 2.57 -11.53
N GLY B 45 -34.77 2.09 -12.16
CA GLY B 45 -34.71 1.78 -13.58
C GLY B 45 -33.92 0.49 -13.88
N MET B 46 -33.53 -0.25 -12.84
CA MET B 46 -32.67 -1.43 -13.03
C MET B 46 -33.51 -2.68 -13.31
N LEU B 47 -33.95 -2.76 -14.56
CA LEU B 47 -34.95 -3.75 -14.99
C LEU B 47 -34.48 -5.17 -14.75
N GLY B 48 -35.35 -6.00 -14.16
CA GLY B 48 -35.10 -7.44 -14.13
C GLY B 48 -36.33 -8.23 -14.50
N PHE B 49 -36.12 -9.44 -15.02
CA PHE B 49 -37.19 -10.22 -15.67
C PHE B 49 -36.96 -11.68 -15.32
N THR B 50 -38.06 -12.43 -15.34
CA THR B 50 -37.98 -13.88 -15.19
C THR B 50 -38.85 -14.54 -16.24
N GLY B 51 -38.34 -15.62 -16.84
CA GLY B 51 -39.07 -16.34 -17.89
C GLY B 51 -38.56 -17.75 -17.93
N THR B 52 -38.81 -18.47 -19.03
CA THR B 52 -38.24 -19.80 -19.21
C THR B 52 -37.43 -19.91 -20.51
N TYR B 53 -36.37 -20.72 -20.46
CA TYR B 53 -35.60 -21.06 -21.66
C TYR B 53 -35.63 -22.57 -21.80
N LYS B 54 -36.25 -23.02 -22.90
CA LYS B 54 -36.47 -24.46 -23.10
C LYS B 54 -37.04 -25.08 -21.84
N GLY B 55 -37.99 -24.38 -21.22
CA GLY B 55 -38.73 -24.91 -20.07
C GLY B 55 -38.08 -24.73 -18.71
N ARG B 56 -36.86 -24.21 -18.72
CA ARG B 56 -36.07 -24.01 -17.51
C ARG B 56 -36.18 -22.56 -17.04
N LYS B 57 -36.48 -22.35 -15.76
CA LYS B 57 -36.67 -20.98 -15.27
C LYS B 57 -35.32 -20.22 -15.30
N ILE B 58 -35.34 -19.00 -15.83
CA ILE B 58 -34.12 -18.18 -15.97
C ILE B 58 -34.52 -16.74 -15.67
N SER B 59 -33.72 -16.03 -14.88
CA SER B 59 -33.90 -14.57 -14.77
C SER B 59 -32.82 -13.77 -15.51
N VAL B 60 -33.13 -12.51 -15.82
CA VAL B 60 -32.17 -11.61 -16.45
C VAL B 60 -32.38 -10.21 -15.88
N MET B 61 -31.31 -9.62 -15.36
CA MET B 61 -31.43 -8.33 -14.67
C MET B 61 -30.17 -7.52 -14.82
N GLY B 62 -30.33 -6.23 -15.11
CA GLY B 62 -29.15 -5.34 -15.21
C GLY B 62 -28.43 -5.22 -13.88
N HIS B 63 -27.12 -4.95 -13.93
CA HIS B 63 -26.36 -4.72 -12.70
C HIS B 63 -25.72 -3.34 -12.63
N GLY B 64 -25.90 -2.54 -13.69
CA GLY B 64 -25.29 -1.20 -13.76
C GLY B 64 -23.80 -1.23 -14.05
N MET B 65 -23.14 -0.07 -14.11
CA MET B 65 -21.74 -0.06 -14.52
C MET B 65 -20.87 -0.02 -13.29
N GLY B 66 -19.91 -0.93 -13.25
CA GLY B 66 -18.83 -0.83 -12.28
C GLY B 66 -18.99 -1.75 -11.10
N ILE B 67 -17.88 -2.02 -10.45
CA ILE B 67 -17.86 -2.94 -9.33
C ILE B 67 -18.82 -2.54 -8.18
N PRO B 68 -18.83 -1.27 -7.74
CA PRO B 68 -19.73 -0.97 -6.62
C PRO B 68 -21.23 -1.16 -6.95
N SER B 69 -21.62 -0.88 -8.19
CA SER B 69 -23.03 -1.07 -8.56
C SER B 69 -23.36 -2.57 -8.59
N CYS B 70 -22.57 -3.36 -9.31
CA CYS B 70 -22.95 -4.77 -9.50
C CYS B 70 -22.82 -5.55 -8.19
N SER B 71 -21.91 -5.09 -7.32
CA SER B 71 -21.73 -5.78 -6.04
C SER B 71 -23.00 -5.72 -5.20
N ILE B 72 -23.70 -4.59 -5.24
CA ILE B 72 -24.97 -4.50 -4.48
C ILE B 72 -25.96 -5.52 -5.03
N TYR B 73 -26.20 -5.52 -6.34
CA TYR B 73 -27.26 -6.36 -6.89
C TYR B 73 -26.91 -7.83 -6.69
N ALA B 74 -25.65 -8.17 -6.88
CA ALA B 74 -25.25 -9.60 -6.81
C ALA B 74 -25.39 -10.09 -5.37
N LYS B 75 -24.96 -9.25 -4.43
CA LYS B 75 -25.07 -9.63 -3.00
C LYS B 75 -26.55 -9.90 -2.67
N GLU B 76 -27.42 -8.96 -3.01
CA GLU B 76 -28.85 -9.09 -2.66
C GLU B 76 -29.52 -10.29 -3.34
N LEU B 77 -29.18 -10.55 -4.60
CA LEU B 77 -29.76 -11.73 -5.29
C LEU B 77 -29.38 -13.00 -4.58
N ILE B 78 -28.14 -13.10 -4.14
CA ILE B 78 -27.69 -14.30 -3.46
C ILE B 78 -28.33 -14.41 -2.06
N THR B 79 -28.22 -13.37 -1.24
CA THR B 79 -28.66 -13.52 0.17
C THR B 79 -30.16 -13.37 0.38
N ASP B 80 -30.80 -12.58 -0.46
CA ASP B 80 -32.20 -12.23 -0.22
C ASP B 80 -33.12 -12.97 -1.18
N PHE B 81 -32.60 -13.43 -2.31
CA PHE B 81 -33.46 -14.13 -3.27
C PHE B 81 -33.02 -15.55 -3.61
N GLY B 82 -32.03 -16.04 -2.87
CA GLY B 82 -31.62 -17.43 -2.99
C GLY B 82 -30.93 -17.82 -4.29
N VAL B 83 -30.43 -16.83 -5.02
CA VAL B 83 -29.75 -17.10 -6.27
C VAL B 83 -28.46 -17.90 -6.07
N LYS B 84 -28.30 -18.95 -6.89
CA LYS B 84 -27.19 -19.88 -6.78
C LYS B 84 -26.07 -19.58 -7.79
N LYS B 85 -26.45 -19.11 -8.98
CA LYS B 85 -25.50 -18.86 -10.08
C LYS B 85 -25.80 -17.51 -10.71
N ILE B 86 -24.77 -16.68 -10.89
CA ILE B 86 -24.88 -15.48 -11.66
C ILE B 86 -23.96 -15.60 -12.88
N ILE B 87 -24.49 -15.35 -14.07
CA ILE B 87 -23.64 -15.24 -15.25
C ILE B 87 -23.73 -13.82 -15.78
N ARG B 88 -22.62 -13.08 -15.65
CA ARG B 88 -22.57 -11.73 -16.20
C ARG B 88 -22.41 -11.93 -17.71
N VAL B 89 -23.22 -11.21 -18.50
CA VAL B 89 -23.19 -11.26 -19.96
C VAL B 89 -22.90 -9.85 -20.43
N GLY B 90 -21.61 -9.54 -20.56
CA GLY B 90 -21.18 -8.14 -20.63
C GLY B 90 -20.58 -7.79 -21.98
N SER B 91 -20.11 -6.55 -22.07
CA SER B 91 -19.22 -6.17 -23.16
C SER B 91 -17.81 -6.00 -22.58
N CYS B 92 -16.82 -5.76 -23.43
CA CYS B 92 -15.49 -5.47 -22.93
C CYS B 92 -14.67 -4.84 -24.04
N GLY B 93 -13.59 -4.17 -23.64
CA GLY B 93 -12.64 -3.61 -24.63
C GLY B 93 -11.37 -4.43 -24.75
N ALA B 94 -10.89 -4.63 -25.99
CA ALA B 94 -9.75 -5.51 -26.23
C ALA B 94 -8.46 -4.71 -26.15
N VAL B 95 -7.44 -5.27 -25.48
CA VAL B 95 -6.09 -4.68 -25.49
C VAL B 95 -5.12 -5.52 -26.33
N ARG B 96 -5.45 -6.79 -26.54
CA ARG B 96 -4.58 -7.68 -27.32
C ARG B 96 -4.85 -7.46 -28.80
N THR B 97 -3.80 -7.40 -29.60
CA THR B 97 -3.98 -7.19 -31.06
C THR B 97 -4.65 -8.39 -31.78
N ASP B 98 -4.58 -9.58 -31.16
CA ASP B 98 -5.18 -10.81 -31.73
C ASP B 98 -6.63 -11.07 -31.24
N VAL B 99 -7.20 -10.13 -30.48
CA VAL B 99 -8.60 -10.20 -30.11
C VAL B 99 -9.40 -9.17 -30.94
N LYS B 100 -10.51 -9.58 -31.54
CA LYS B 100 -11.26 -8.73 -32.49
C LYS B 100 -12.64 -8.34 -31.96
N LEU B 101 -13.20 -7.25 -32.50
CA LEU B 101 -14.58 -6.86 -32.22
C LEU B 101 -15.47 -8.08 -32.39
N ARG B 102 -16.41 -8.21 -31.46
CA ARG B 102 -17.40 -9.29 -31.47
C ARG B 102 -16.89 -10.67 -31.06
N ASP B 103 -15.59 -10.80 -30.76
CA ASP B 103 -15.12 -12.05 -30.13
C ASP B 103 -15.81 -12.24 -28.78
N VAL B 104 -16.05 -13.50 -28.42
CA VAL B 104 -16.59 -13.83 -27.09
C VAL B 104 -15.46 -14.34 -26.21
N VAL B 105 -15.38 -13.77 -24.99
CA VAL B 105 -14.32 -14.10 -24.07
C VAL B 105 -14.91 -14.53 -22.75
N ILE B 106 -14.27 -15.53 -22.15
CA ILE B 106 -14.76 -16.10 -20.88
C ILE B 106 -13.73 -15.87 -19.79
N GLY B 107 -14.14 -15.21 -18.71
CA GLY B 107 -13.26 -14.83 -17.63
C GLY B 107 -13.16 -15.89 -16.55
N MET B 108 -12.25 -16.85 -16.75
N MET B 108 -12.25 -16.84 -16.75
CA MET B 108 -11.99 -17.78 -15.65
CA MET B 108 -11.98 -17.78 -15.68
C MET B 108 -11.40 -17.04 -14.44
C MET B 108 -11.38 -17.06 -14.45
N GLY B 109 -10.70 -15.94 -14.72
CA GLY B 109 -10.23 -15.03 -13.67
C GLY B 109 -10.51 -13.58 -14.05
N ALA B 110 -10.49 -12.70 -13.06
CA ALA B 110 -10.61 -11.26 -13.35
C ALA B 110 -9.60 -10.50 -12.47
N CYS B 111 -8.62 -9.88 -13.10
CA CYS B 111 -7.72 -8.94 -12.43
C CYS B 111 -8.52 -7.67 -12.14
N THR B 112 -7.94 -6.76 -11.37
CA THR B 112 -8.65 -5.51 -11.08
C THR B 112 -7.72 -4.46 -10.46
N ASP B 113 -8.08 -3.20 -10.64
CA ASP B 113 -7.41 -2.10 -9.95
C ASP B 113 -8.30 -1.51 -8.84
N SER B 114 -9.37 -2.22 -8.54
CA SER B 114 -10.24 -1.85 -7.42
C SER B 114 -9.59 -2.26 -6.12
N LYS B 115 -9.99 -1.61 -5.01
CA LYS B 115 -9.55 -2.04 -3.68
C LYS B 115 -10.53 -3.01 -3.02
N VAL B 116 -11.63 -3.39 -3.70
CA VAL B 116 -12.71 -4.14 -2.96
C VAL B 116 -12.25 -5.49 -2.42
N ASN B 117 -11.46 -6.22 -3.18
CA ASN B 117 -11.01 -7.55 -2.71
C ASN B 117 -9.91 -7.44 -1.68
N ARG B 118 -9.09 -6.39 -1.76
CA ARG B 118 -8.16 -6.12 -0.64
C ARG B 118 -8.91 -5.86 0.64
N MET B 119 -10.06 -5.20 0.54
CA MET B 119 -10.83 -4.92 1.76
C MET B 119 -11.40 -6.22 2.37
N ARG B 120 -11.71 -7.19 1.51
CA ARG B 120 -12.24 -8.51 1.96
C ARG B 120 -11.13 -9.42 2.49
N PHE B 121 -9.90 -9.20 2.01
CA PHE B 121 -8.85 -10.24 2.13
C PHE B 121 -7.57 -9.74 2.83
N LYS B 122 -7.72 -8.85 3.83
CA LYS B 122 -6.62 -8.35 4.64
C LYS B 122 -5.49 -7.76 3.81
N ASP B 123 -5.88 -7.10 2.71
CA ASP B 123 -4.97 -6.38 1.83
C ASP B 123 -3.95 -7.28 1.13
N HIS B 124 -4.26 -8.58 1.07
CA HIS B 124 -3.53 -9.50 0.22
C HIS B 124 -4.12 -9.66 -1.18
N ASP B 125 -3.54 -10.56 -1.99
CA ASP B 125 -4.06 -10.72 -3.35
C ASP B 125 -5.12 -11.83 -3.32
N TYR B 126 -6.38 -11.47 -3.50
CA TYR B 126 -7.43 -12.47 -3.69
C TYR B 126 -7.54 -12.78 -5.18
N ALA B 127 -7.41 -14.05 -5.58
CA ALA B 127 -7.53 -14.38 -7.02
C ALA B 127 -9.01 -14.48 -7.33
N ALA B 128 -9.54 -13.45 -7.98
CA ALA B 128 -10.99 -13.43 -8.28
C ALA B 128 -11.30 -14.36 -9.44
N ILE B 129 -11.86 -15.52 -9.11
CA ILE B 129 -12.07 -16.61 -10.09
C ILE B 129 -13.56 -16.95 -10.21
N ALA B 130 -13.90 -17.48 -11.40
CA ALA B 130 -15.23 -17.99 -11.68
C ALA B 130 -15.36 -19.38 -11.02
N ASP B 131 -16.58 -19.89 -11.02
CA ASP B 131 -16.78 -21.32 -10.71
C ASP B 131 -16.23 -22.19 -11.82
N PHE B 132 -15.48 -23.25 -11.48
CA PHE B 132 -14.90 -24.07 -12.55
C PHE B 132 -15.96 -24.71 -13.44
N GLU B 133 -16.94 -25.35 -12.83
CA GLU B 133 -17.90 -26.10 -13.65
C GLU B 133 -18.72 -25.15 -14.52
N MET B 134 -19.04 -23.96 -14.02
CA MET B 134 -19.74 -22.99 -14.86
C MET B 134 -18.91 -22.59 -16.06
N THR B 135 -17.60 -22.46 -15.85
CA THR B 135 -16.68 -22.09 -16.94
C THR B 135 -16.66 -23.21 -17.95
N ARG B 136 -16.52 -24.44 -17.46
CA ARG B 136 -16.51 -25.61 -18.35
C ARG B 136 -17.82 -25.68 -19.13
N ASN B 137 -18.92 -25.51 -18.43
CA ASN B 137 -20.21 -25.51 -19.12
C ASN B 137 -20.25 -24.49 -20.28
N ALA B 138 -19.72 -23.29 -20.04
CA ALA B 138 -19.74 -22.25 -21.06
C ALA B 138 -18.86 -22.62 -22.25
N VAL B 139 -17.66 -23.12 -21.98
CA VAL B 139 -16.78 -23.57 -23.06
C VAL B 139 -17.43 -24.69 -23.87
N ASP B 140 -18.06 -25.64 -23.19
CA ASP B 140 -18.69 -26.78 -23.87
C ASP B 140 -19.90 -26.30 -24.67
N ALA B 141 -20.63 -25.34 -24.12
CA ALA B 141 -21.80 -24.79 -24.83
C ALA B 141 -21.34 -24.04 -26.08
N ALA B 142 -20.22 -23.32 -25.97
CA ALA B 142 -19.72 -22.56 -27.12
C ALA B 142 -19.31 -23.53 -28.23
N LYS B 143 -18.72 -24.64 -27.83
CA LYS B 143 -18.30 -25.65 -28.81
C LYS B 143 -19.51 -26.23 -29.54
N ALA B 144 -20.62 -26.44 -28.83
CA ALA B 144 -21.80 -27.04 -29.44
C ALA B 144 -22.50 -26.03 -30.36
N LYS B 145 -22.33 -24.75 -30.07
CA LYS B 145 -22.90 -23.69 -30.89
C LYS B 145 -21.94 -23.25 -32.00
N GLY B 146 -20.73 -23.80 -32.03
CA GLY B 146 -19.72 -23.41 -33.01
C GLY B 146 -19.26 -21.96 -32.90
N VAL B 147 -19.23 -21.43 -31.68
CA VAL B 147 -18.77 -20.08 -31.43
C VAL B 147 -17.39 -20.22 -30.82
N ASN B 148 -16.38 -19.63 -31.47
CA ASN B 148 -15.03 -19.57 -30.90
C ASN B 148 -15.01 -18.74 -29.63
N VAL B 149 -14.29 -19.25 -28.62
CA VAL B 149 -14.13 -18.49 -27.39
C VAL B 149 -12.69 -18.53 -26.95
N ARG B 150 -12.25 -17.52 -26.22
CA ARG B 150 -11.00 -17.63 -25.48
C ARG B 150 -11.34 -17.62 -23.99
N VAL B 151 -10.56 -18.35 -23.21
CA VAL B 151 -10.82 -18.48 -21.75
C VAL B 151 -9.56 -18.07 -21.00
N GLY B 152 -9.70 -17.14 -20.06
CA GLY B 152 -8.52 -16.59 -19.41
C GLY B 152 -8.92 -15.45 -18.50
N ASN B 153 -8.03 -14.46 -18.39
CA ASN B 153 -8.21 -13.33 -17.47
C ASN B 153 -8.88 -12.14 -18.14
N LEU B 154 -9.89 -11.64 -17.48
CA LEU B 154 -10.38 -10.27 -17.75
C LEU B 154 -9.64 -9.27 -16.87
N PHE B 155 -9.86 -7.98 -17.14
CA PHE B 155 -9.39 -6.96 -16.18
C PHE B 155 -10.55 -6.06 -15.84
N SER B 156 -10.96 -6.04 -14.57
CA SER B 156 -12.08 -5.18 -14.18
C SER B 156 -11.55 -3.85 -13.67
N ALA B 157 -11.82 -2.81 -14.44
CA ALA B 157 -11.25 -1.50 -14.21
C ALA B 157 -12.23 -0.67 -13.43
N ASP B 158 -11.72 0.22 -12.60
CA ASP B 158 -12.58 1.24 -11.98
C ASP B 158 -12.75 2.50 -12.81
N LEU B 159 -11.73 2.87 -13.61
CA LEU B 159 -11.86 4.06 -14.46
C LEU B 159 -11.83 3.70 -15.93
N PHE B 160 -13.02 3.78 -16.55
CA PHE B 160 -13.10 3.65 -18.01
C PHE B 160 -12.16 4.69 -18.62
N TYR B 161 -12.26 5.93 -18.14
CA TYR B 161 -11.38 6.97 -18.64
C TYR B 161 -10.12 6.95 -17.79
N THR B 162 -9.26 5.96 -18.04
CA THR B 162 -8.11 5.78 -17.19
C THR B 162 -7.03 6.86 -17.30
N PRO B 163 -6.46 7.31 -16.17
CA PRO B 163 -5.32 8.22 -16.19
C PRO B 163 -4.02 7.49 -16.43
N ASP B 164 -4.08 6.16 -16.57
CA ASP B 164 -2.86 5.36 -16.83
C ASP B 164 -3.06 4.39 -17.97
N PRO B 165 -3.06 4.91 -19.21
CA PRO B 165 -3.23 4.02 -20.37
C PRO B 165 -2.05 3.07 -20.57
N GLN B 166 -0.87 3.38 -20.00
CA GLN B 166 0.22 2.43 -20.11
C GLN B 166 -0.11 1.08 -19.46
N MET B 167 -1.01 1.08 -18.48
CA MET B 167 -1.44 -0.18 -17.89
C MET B 167 -2.01 -1.14 -18.97
N PHE B 168 -2.58 -0.60 -20.05
CA PHE B 168 -3.11 -1.49 -21.08
C PHE B 168 -2.00 -2.37 -21.65
N ASP B 169 -0.79 -1.81 -21.75
CA ASP B 169 0.36 -2.58 -22.31
C ASP B 169 0.72 -3.74 -21.37
N VAL B 170 0.64 -3.46 -20.06
CA VAL B 170 0.86 -4.50 -19.03
C VAL B 170 -0.22 -5.57 -19.13
N MET B 171 -1.47 -5.15 -19.23
CA MET B 171 -2.57 -6.11 -19.39
C MET B 171 -2.30 -6.99 -20.61
N GLU B 172 -1.93 -6.37 -21.73
CA GLU B 172 -1.70 -7.11 -22.97
C GLU B 172 -0.53 -8.12 -22.81
N LYS B 173 0.55 -7.68 -22.18
CA LYS B 173 1.68 -8.57 -21.93
C LYS B 173 1.28 -9.78 -21.10
N TYR B 174 0.33 -9.59 -20.19
CA TYR B 174 -0.13 -10.68 -19.33
C TYR B 174 -1.33 -11.45 -19.93
N GLY B 175 -1.67 -11.14 -21.18
CA GLY B 175 -2.69 -11.92 -21.91
C GLY B 175 -4.14 -11.63 -21.54
N ILE B 176 -4.40 -10.48 -20.95
CA ILE B 176 -5.76 -10.14 -20.54
C ILE B 176 -6.63 -10.11 -21.80
N LEU B 177 -7.80 -10.76 -21.73
CA LEU B 177 -8.64 -10.96 -22.93
C LEU B 177 -9.55 -9.78 -23.20
N GLY B 178 -9.94 -9.12 -22.12
CA GLY B 178 -10.84 -7.97 -22.26
C GLY B 178 -10.90 -7.12 -21.00
N VAL B 179 -11.08 -5.81 -21.21
CA VAL B 179 -11.19 -4.88 -20.12
C VAL B 179 -12.67 -4.64 -19.93
N GLU B 180 -13.17 -4.90 -18.72
CA GLU B 180 -14.55 -4.49 -18.40
C GLU B 180 -14.51 -3.86 -17.00
N MET B 181 -15.62 -3.86 -16.23
CA MET B 181 -15.59 -3.07 -15.00
C MET B 181 -16.27 -3.77 -13.86
N GLU B 182 -16.42 -5.09 -13.92
CA GLU B 182 -17.39 -5.74 -12.99
C GLU B 182 -16.99 -7.14 -12.48
N ALA B 183 -16.44 -7.96 -13.36
CA ALA B 183 -16.16 -9.39 -13.08
C ALA B 183 -15.47 -9.63 -11.71
N ALA B 184 -14.41 -8.89 -11.43
CA ALA B 184 -13.64 -9.16 -10.18
C ALA B 184 -14.50 -8.91 -8.94
N GLY B 185 -15.43 -7.96 -9.09
CA GLY B 185 -16.39 -7.59 -8.04
C GLY B 185 -17.40 -8.69 -7.84
N ILE B 186 -18.00 -9.14 -8.95
CA ILE B 186 -19.00 -10.22 -8.87
C ILE B 186 -18.38 -11.50 -8.29
N TYR B 187 -17.14 -11.79 -8.70
CA TYR B 187 -16.44 -13.00 -8.20
C TYR B 187 -16.14 -12.87 -6.70
N GLY B 188 -15.80 -11.66 -6.25
CA GLY B 188 -15.57 -11.48 -4.82
C GLY B 188 -16.85 -11.64 -4.00
N VAL B 189 -17.96 -11.07 -4.49
CA VAL B 189 -19.26 -11.29 -3.83
C VAL B 189 -19.67 -12.74 -3.81
N ALA B 190 -19.46 -13.44 -4.93
CA ALA B 190 -19.87 -14.85 -5.00
C ALA B 190 -19.14 -15.70 -3.98
N ALA B 191 -17.83 -15.44 -3.82
CA ALA B 191 -17.06 -16.17 -2.83
C ALA B 191 -17.48 -15.78 -1.42
N GLU B 192 -17.66 -14.47 -1.20
CA GLU B 192 -18.01 -13.98 0.13
C GLU B 192 -19.29 -14.60 0.66
N PHE B 193 -20.29 -14.77 -0.23
CA PHE B 193 -21.64 -15.15 0.21
C PHE B 193 -21.97 -16.56 -0.26
N GLY B 194 -20.96 -17.27 -0.78
CA GLY B 194 -21.05 -18.73 -0.98
C GLY B 194 -21.91 -19.15 -2.18
N ALA B 195 -21.86 -18.40 -3.25
CA ALA B 195 -22.55 -18.78 -4.50
C ALA B 195 -21.53 -18.92 -5.63
N LYS B 196 -22.02 -19.00 -6.86
CA LYS B 196 -21.16 -19.27 -8.01
C LYS B 196 -21.38 -18.20 -9.07
N ALA B 197 -20.32 -17.80 -9.76
CA ALA B 197 -20.50 -16.84 -10.84
C ALA B 197 -19.55 -17.09 -12.01
N LEU B 198 -19.88 -16.50 -13.16
CA LEU B 198 -19.03 -16.52 -14.35
C LEU B 198 -19.34 -15.27 -15.12
N THR B 199 -18.32 -14.68 -15.73
CA THR B 199 -18.49 -13.55 -16.65
C THR B 199 -18.11 -14.01 -18.06
N ILE B 200 -19.03 -13.76 -18.98
CA ILE B 200 -18.77 -13.92 -20.40
C ILE B 200 -18.97 -12.54 -21.01
N CYS B 201 -18.06 -12.10 -21.89
CA CYS B 201 -18.21 -10.77 -22.51
C CYS B 201 -18.03 -10.86 -24.01
N THR B 202 -18.70 -9.95 -24.72
CA THR B 202 -18.46 -9.75 -26.14
C THR B 202 -17.61 -8.50 -26.31
N VAL B 203 -16.57 -8.57 -27.15
CA VAL B 203 -15.69 -7.42 -27.38
C VAL B 203 -16.43 -6.33 -28.17
N SER B 204 -16.63 -5.17 -27.54
CA SER B 204 -17.40 -4.07 -28.14
C SER B 204 -16.54 -2.93 -28.65
N ASP B 205 -15.30 -2.88 -28.15
CA ASP B 205 -14.36 -1.76 -28.43
C ASP B 205 -13.00 -2.38 -28.63
N HIS B 206 -12.23 -1.87 -29.58
CA HIS B 206 -10.81 -2.18 -29.54
C HIS B 206 -10.00 -1.00 -29.06
N ILE B 207 -9.35 -1.16 -27.93
CA ILE B 207 -8.60 -0.07 -27.29
C ILE B 207 -7.38 0.31 -28.09
N ARG B 208 -6.84 -0.60 -28.88
CA ARG B 208 -5.69 -0.26 -29.70
C ARG B 208 -6.08 0.43 -31.02
N THR B 209 -7.11 -0.10 -31.68
CA THR B 209 -7.43 0.37 -33.05
C THR B 209 -8.44 1.50 -33.04
N GLY B 210 -9.18 1.62 -31.94
CA GLY B 210 -10.25 2.59 -31.86
C GLY B 210 -11.56 2.08 -32.45
N GLU B 211 -11.58 0.88 -33.00
CA GLU B 211 -12.82 0.36 -33.61
C GLU B 211 -13.86 0.10 -32.51
N GLN B 212 -15.12 0.35 -32.86
CA GLN B 212 -16.16 0.39 -31.84
C GLN B 212 -17.48 -0.09 -32.39
N THR B 213 -18.39 -0.36 -31.46
CA THR B 213 -19.76 -0.66 -31.81
C THR B 213 -20.62 0.51 -31.33
N THR B 214 -21.79 0.68 -31.94
CA THR B 214 -22.72 1.74 -31.48
C THR B 214 -23.41 1.31 -30.18
N ALA B 215 -24.07 2.27 -29.54
CA ALA B 215 -24.82 1.97 -28.33
C ALA B 215 -25.96 0.98 -28.67
N ALA B 216 -26.52 1.11 -29.86
CA ALA B 216 -27.60 0.19 -30.28
C ALA B 216 -27.07 -1.24 -30.40
N GLU B 217 -25.90 -1.36 -31.05
CA GLU B 217 -25.27 -2.68 -31.20
C GLU B 217 -25.04 -3.35 -29.86
N ARG B 218 -24.56 -2.59 -28.88
CA ARG B 218 -24.29 -3.18 -27.56
C ARG B 218 -25.59 -3.61 -26.89
N GLN B 219 -26.66 -2.86 -27.14
CA GLN B 219 -27.92 -3.13 -26.49
C GLN B 219 -28.64 -4.38 -27.01
N THR B 220 -28.50 -4.69 -28.31
CA THR B 220 -29.38 -5.69 -28.92
C THR B 220 -28.68 -6.64 -29.89
N THR B 221 -27.37 -6.60 -29.96
CA THR B 221 -26.69 -7.26 -31.07
C THR B 221 -25.66 -8.32 -30.66
N PHE B 222 -25.40 -8.46 -29.35
CA PHE B 222 -24.39 -9.40 -28.88
C PHE B 222 -25.08 -10.70 -28.43
N ASN B 223 -25.55 -11.48 -29.41
CA ASN B 223 -26.40 -12.64 -29.15
C ASN B 223 -25.67 -13.98 -28.94
N ASP B 224 -24.51 -14.17 -29.59
CA ASP B 224 -23.75 -15.40 -29.41
C ASP B 224 -23.51 -15.64 -27.91
N MET B 225 -23.13 -14.58 -27.18
CA MET B 225 -22.78 -14.78 -25.76
C MET B 225 -24.00 -15.25 -24.96
N ILE B 226 -25.18 -14.81 -25.36
CA ILE B 226 -26.41 -15.12 -24.60
C ILE B 226 -26.80 -16.59 -24.86
N GLU B 227 -26.68 -17.02 -26.11
CA GLU B 227 -26.92 -18.43 -26.47
C GLU B 227 -25.98 -19.34 -25.70
N ILE B 228 -24.71 -18.94 -25.62
CA ILE B 228 -23.74 -19.73 -24.87
C ILE B 228 -24.13 -19.76 -23.41
N ALA B 229 -24.47 -18.59 -22.86
CA ALA B 229 -24.80 -18.51 -21.45
C ALA B 229 -26.00 -19.40 -21.12
N LEU B 230 -27.06 -19.28 -21.91
CA LEU B 230 -28.25 -20.08 -21.65
C LEU B 230 -28.00 -21.56 -21.81
N GLU B 231 -27.34 -21.96 -22.88
CA GLU B 231 -27.06 -23.38 -23.08
C GLU B 231 -26.14 -23.91 -21.96
N SER B 232 -25.26 -23.05 -21.45
CA SER B 232 -24.34 -23.52 -20.41
C SER B 232 -25.11 -23.87 -19.14
N VAL B 233 -26.18 -23.13 -18.88
CA VAL B 233 -27.01 -23.44 -17.73
C VAL B 233 -27.61 -24.84 -17.85
N LEU B 234 -28.11 -25.17 -19.04
CA LEU B 234 -28.71 -26.48 -19.25
C LEU B 234 -27.67 -27.59 -19.04
N LEU B 235 -26.45 -27.38 -19.52
CA LEU B 235 -25.36 -28.35 -19.37
C LEU B 235 -25.02 -28.55 -17.89
N GLY B 236 -25.00 -27.45 -17.15
CA GLY B 236 -24.76 -27.52 -15.70
C GLY B 236 -25.87 -28.24 -14.96
N ASP B 237 -27.10 -28.13 -15.42
CA ASP B 237 -28.22 -28.80 -14.75
C ASP B 237 -28.12 -30.33 -14.89
N ASN B 238 -27.60 -30.78 -16.03
CA ASN B 238 -27.73 -32.18 -16.46
C ASN B 238 -26.44 -32.96 -16.25
N ALA B 239 -25.42 -32.28 -15.76
CA ALA B 239 -24.20 -32.95 -15.33
C ALA B 239 -24.45 -33.57 -13.95
N PRO C 4 -20.84 6.03 -26.10
CA PRO C 4 -21.47 4.76 -25.71
C PRO C 4 -22.45 4.97 -24.57
N HIS C 5 -22.36 6.12 -23.90
CA HIS C 5 -23.08 6.32 -22.64
C HIS C 5 -24.09 7.45 -22.69
N ILE C 6 -23.90 8.36 -23.63
CA ILE C 6 -24.77 9.54 -23.73
C ILE C 6 -25.15 9.77 -25.19
N ASN C 7 -26.45 9.75 -25.47
CA ASN C 7 -26.93 9.88 -26.87
C ASN C 7 -27.55 11.25 -27.06
N ALA C 8 -26.74 12.27 -26.91
CA ALA C 8 -27.19 13.67 -26.94
C ALA C 8 -26.22 14.45 -27.84
N GLU C 9 -26.61 15.65 -28.27
CA GLU C 9 -25.70 16.49 -29.08
C GLU C 9 -25.13 17.57 -28.17
N MET C 10 -23.97 18.10 -28.52
CA MET C 10 -23.47 19.31 -27.86
C MET C 10 -24.57 20.36 -27.83
N GLY C 11 -24.73 20.98 -26.68
CA GLY C 11 -25.74 21.99 -26.51
C GLY C 11 -26.98 21.45 -25.82
N ASP C 12 -27.14 20.11 -25.79
CA ASP C 12 -28.36 19.52 -25.18
C ASP C 12 -28.38 19.67 -23.66
N PHE C 13 -27.21 19.74 -23.04
CA PHE C 13 -27.08 19.97 -21.59
C PHE C 13 -26.77 21.43 -21.27
N ALA C 14 -27.37 21.92 -20.19
CA ALA C 14 -27.02 23.22 -19.62
C ALA C 14 -25.58 23.19 -19.09
N ASP C 15 -25.06 24.35 -18.70
CA ASP C 15 -23.71 24.43 -18.17
C ASP C 15 -23.69 23.87 -16.74
N VAL C 16 -24.86 23.68 -16.14
CA VAL C 16 -24.96 23.15 -14.78
C VAL C 16 -25.85 21.92 -14.87
N VAL C 17 -25.39 20.80 -14.31
CA VAL C 17 -26.19 19.54 -14.29
C VAL C 17 -26.34 19.03 -12.86
N LEU C 18 -27.59 18.87 -12.41
CA LEU C 18 -27.83 18.19 -11.14
C LEU C 18 -27.81 16.68 -11.42
N MET C 19 -27.18 15.89 -10.55
CA MET C 19 -27.07 14.43 -10.82
C MET C 19 -27.40 13.66 -9.53
N PRO C 20 -28.52 12.96 -9.53
CA PRO C 20 -28.79 11.91 -8.55
C PRO C 20 -28.22 10.58 -9.10
N GLY C 21 -28.09 9.58 -8.24
CA GLY C 21 -27.64 8.27 -8.77
C GLY C 21 -28.77 7.59 -9.55
N ASP C 22 -30.00 7.91 -9.18
CA ASP C 22 -31.19 7.21 -9.63
C ASP C 22 -31.79 7.95 -10.81
N PRO C 23 -31.82 7.34 -12.01
CA PRO C 23 -32.41 8.06 -13.13
C PRO C 23 -33.91 8.39 -12.94
N LEU C 24 -34.60 7.62 -12.10
CA LEU C 24 -36.01 7.93 -11.85
C LEU C 24 -36.14 9.14 -10.94
N ARG C 25 -35.15 9.35 -10.06
CA ARG C 25 -35.12 10.62 -9.29
C ARG C 25 -34.80 11.77 -10.23
N ALA C 26 -33.93 11.57 -11.22
CA ALA C 26 -33.72 12.62 -12.22
C ALA C 26 -35.01 12.99 -12.93
N LYS C 27 -35.81 11.99 -13.30
CA LYS C 27 -37.10 12.24 -13.93
C LYS C 27 -38.05 13.02 -13.00
N PHE C 28 -38.11 12.61 -11.74
CA PHE C 28 -38.91 13.31 -10.77
C PHE C 28 -38.46 14.77 -10.61
N ILE C 29 -37.15 15.01 -10.51
CA ILE C 29 -36.65 16.38 -10.34
C ILE C 29 -37.05 17.24 -11.55
N ALA C 30 -36.84 16.72 -12.76
CA ALA C 30 -37.21 17.48 -13.95
C ALA C 30 -38.72 17.78 -14.01
N GLU C 31 -39.55 16.75 -13.82
CA GLU C 31 -41.03 16.91 -13.83
C GLU C 31 -41.49 17.90 -12.76
N THR C 32 -40.80 17.93 -11.64
CA THR C 32 -41.35 18.59 -10.45
C THR C 32 -40.86 20.02 -10.34
N PHE C 33 -39.61 20.25 -10.76
CA PHE C 33 -38.96 21.54 -10.48
C PHE C 33 -38.66 22.39 -11.73
N LEU C 34 -38.65 21.77 -12.91
CA LEU C 34 -38.27 22.47 -14.14
C LEU C 34 -39.43 22.67 -15.09
N GLN C 35 -39.33 23.72 -15.92
CA GLN C 35 -40.27 23.98 -16.98
C GLN C 35 -39.63 23.70 -18.33
N ASP C 36 -40.47 23.53 -19.37
CA ASP C 36 -40.01 23.34 -20.75
C ASP C 36 -39.00 22.21 -20.87
N VAL C 37 -39.34 21.12 -20.21
CA VAL C 37 -38.41 19.99 -20.07
C VAL C 37 -38.44 19.11 -21.28
N ARG C 38 -37.27 18.66 -21.69
CA ARG C 38 -37.20 17.57 -22.64
C ARG C 38 -36.19 16.55 -22.18
N GLU C 39 -36.44 15.30 -22.55
CA GLU C 39 -35.53 14.22 -22.26
C GLU C 39 -34.40 14.27 -23.28
N VAL C 40 -33.16 14.30 -22.79
CA VAL C 40 -31.99 14.41 -23.70
C VAL C 40 -31.07 13.16 -23.73
N ASN C 41 -31.20 12.29 -22.73
CA ASN C 41 -30.46 11.03 -22.75
C ASN C 41 -31.33 9.90 -22.28
N ASN C 42 -31.16 8.74 -22.91
CA ASN C 42 -31.79 7.52 -22.37
C ASN C 42 -31.01 6.21 -22.55
N VAL C 43 -29.77 6.32 -23.00
CA VAL C 43 -28.89 5.15 -23.16
C VAL C 43 -28.71 4.45 -21.83
N ARG C 44 -28.85 3.13 -21.85
CA ARG C 44 -28.73 2.32 -20.66
C ARG C 44 -29.77 2.68 -19.62
N GLY C 45 -30.82 3.37 -20.04
CA GLY C 45 -31.84 3.78 -19.08
C GLY C 45 -31.41 4.93 -18.20
N MET C 46 -30.26 5.54 -18.51
CA MET C 46 -29.72 6.59 -17.63
C MET C 46 -30.27 7.98 -18.00
N LEU C 47 -31.52 8.17 -17.60
CA LEU C 47 -32.32 9.32 -18.06
C LEU C 47 -31.67 10.66 -17.71
N GLY C 48 -31.66 11.55 -18.69
CA GLY C 48 -31.23 12.92 -18.47
C GLY C 48 -32.19 13.88 -19.15
N PHE C 49 -32.32 15.08 -18.59
CA PHE C 49 -33.36 16.05 -18.99
C PHE C 49 -32.78 17.44 -18.96
N THR C 50 -33.34 18.34 -19.76
CA THR C 50 -32.95 19.75 -19.73
C THR C 50 -34.21 20.58 -19.73
N GLY C 51 -34.23 21.61 -18.89
CA GLY C 51 -35.41 22.47 -18.74
C GLY C 51 -34.94 23.81 -18.20
N THR C 52 -35.87 24.56 -17.60
CA THR C 52 -35.50 25.82 -16.92
C THR C 52 -36.01 25.85 -15.48
N TYR C 53 -35.21 26.45 -14.60
CA TYR C 53 -35.66 26.73 -13.24
C TYR C 53 -35.68 28.23 -13.08
N LYS C 54 -36.88 28.77 -12.85
CA LYS C 54 -37.06 30.22 -12.76
C LYS C 54 -36.36 30.91 -13.94
N GLY C 55 -36.44 30.31 -15.12
CA GLY C 55 -35.99 30.93 -16.37
C GLY C 55 -34.55 30.56 -16.77
N ARG C 56 -33.83 29.92 -15.86
CA ARG C 56 -32.40 29.63 -16.01
C ARG C 56 -32.25 28.18 -16.48
N LYS C 57 -31.45 27.96 -17.53
CA LYS C 57 -31.33 26.62 -18.10
C LYS C 57 -30.62 25.69 -17.12
N ILE C 58 -31.18 24.50 -16.90
CA ILE C 58 -30.64 23.53 -15.92
C ILE C 58 -30.86 22.15 -16.51
N SER C 59 -29.91 21.24 -16.30
CA SER C 59 -30.10 19.83 -16.71
C SER C 59 -30.12 18.98 -15.44
N VAL C 60 -30.73 17.79 -15.53
CA VAL C 60 -30.63 16.83 -14.47
C VAL C 60 -30.50 15.43 -15.06
N MET C 61 -29.54 14.66 -14.59
CA MET C 61 -29.33 13.33 -15.21
C MET C 61 -28.81 12.37 -14.18
N GLY C 62 -29.26 11.11 -14.24
CA GLY C 62 -28.76 10.11 -13.28
C GLY C 62 -27.30 9.79 -13.54
N HIS C 63 -26.59 9.36 -12.50
CA HIS C 63 -25.19 8.99 -12.70
C HIS C 63 -24.93 7.50 -12.36
N GLY C 64 -25.98 6.82 -11.88
CA GLY C 64 -25.82 5.41 -11.47
C GLY C 64 -25.12 5.26 -10.11
N MET C 65 -25.00 4.04 -9.61
CA MET C 65 -24.43 3.86 -8.27
C MET C 65 -22.95 3.59 -8.37
N GLY C 66 -22.19 4.32 -7.56
CA GLY C 66 -20.78 4.02 -7.31
C GLY C 66 -19.85 4.92 -8.12
N ILE C 67 -18.60 4.98 -7.67
CA ILE C 67 -17.58 5.81 -8.28
C ILE C 67 -17.34 5.46 -9.75
N PRO C 68 -17.21 4.15 -10.08
CA PRO C 68 -16.93 3.89 -11.50
C PRO C 68 -18.06 4.30 -12.45
N SER C 69 -19.32 4.19 -12.01
CA SER C 69 -20.43 4.61 -12.88
C SER C 69 -20.47 6.13 -13.00
N CYS C 70 -20.44 6.84 -11.90
CA CYS C 70 -20.59 8.32 -12.03
C CYS C 70 -19.37 9.00 -12.69
N SER C 71 -18.20 8.35 -12.60
CA SER C 71 -16.98 8.94 -13.14
C SER C 71 -17.12 8.98 -14.66
N ILE C 72 -17.79 7.98 -15.23
CA ILE C 72 -17.99 7.97 -16.69
C ILE C 72 -18.88 9.14 -17.11
N TYR C 73 -20.04 9.27 -16.47
CA TYR C 73 -20.99 10.31 -16.88
C TYR C 73 -20.40 11.70 -16.63
N ALA C 74 -19.75 11.89 -15.49
CA ALA C 74 -19.27 13.23 -15.14
C ALA C 74 -18.18 13.63 -16.14
N LYS C 75 -17.26 12.73 -16.42
CA LYS C 75 -16.20 13.02 -17.38
C LYS C 75 -16.79 13.48 -18.71
N GLU C 76 -17.71 12.69 -19.26
CA GLU C 76 -18.23 12.96 -20.62
C GLU C 76 -19.02 14.28 -20.61
N LEU C 77 -19.73 14.56 -19.54
CA LEU C 77 -20.45 15.83 -19.50
C LEU C 77 -19.49 17.00 -19.57
N ILE C 78 -18.37 16.89 -18.87
CA ILE C 78 -17.39 17.98 -18.86
C ILE C 78 -16.70 18.10 -20.21
N THR C 79 -16.18 16.99 -20.72
CA THR C 79 -15.33 17.09 -21.90
C THR C 79 -16.10 17.17 -23.19
N ASP C 80 -17.27 16.53 -23.22
CA ASP C 80 -17.98 16.33 -24.50
C ASP C 80 -19.20 17.23 -24.59
N PHE C 81 -19.69 17.72 -23.45
CA PHE C 81 -20.90 18.55 -23.44
C PHE C 81 -20.74 19.93 -22.79
N GLY C 82 -19.51 20.26 -22.41
CA GLY C 82 -19.13 21.61 -21.99
C GLY C 82 -19.67 21.99 -20.61
N VAL C 83 -20.05 20.98 -19.82
CA VAL C 83 -20.62 21.24 -18.50
C VAL C 83 -19.55 21.84 -17.56
N LYS C 84 -19.91 22.95 -16.92
CA LYS C 84 -19.03 23.67 -15.99
C LYS C 84 -19.22 23.28 -14.53
N LYS C 85 -20.46 22.96 -14.13
CA LYS C 85 -20.74 22.65 -12.72
C LYS C 85 -21.59 21.39 -12.66
N ILE C 86 -21.20 20.46 -11.80
CA ILE C 86 -22.03 19.33 -11.48
C ILE C 86 -22.43 19.41 -10.00
N ILE C 87 -23.72 19.29 -9.71
CA ILE C 87 -24.18 19.20 -8.32
C ILE C 87 -24.82 17.84 -8.11
N ARG C 88 -24.14 16.97 -7.37
CA ARG C 88 -24.72 15.65 -7.12
C ARG C 88 -25.76 15.87 -6.04
N VAL C 89 -26.95 15.33 -6.27
CA VAL C 89 -28.07 15.45 -5.32
C VAL C 89 -28.43 14.03 -4.90
N GLY C 90 -27.78 13.56 -3.83
CA GLY C 90 -27.78 12.15 -3.53
C GLY C 90 -28.48 11.80 -2.25
N SER C 91 -28.43 10.51 -1.94
CA SER C 91 -28.80 10.06 -0.61
C SER C 91 -27.53 9.68 0.15
N CYS C 92 -27.65 9.39 1.45
CA CYS C 92 -26.48 8.88 2.17
C CYS C 92 -26.95 8.20 3.44
N GLY C 93 -26.05 7.43 4.02
CA GLY C 93 -26.37 6.76 5.31
C GLY C 93 -25.61 7.46 6.42
N ALA C 94 -26.27 7.66 7.56
CA ALA C 94 -25.64 8.42 8.66
C ALA C 94 -24.93 7.45 9.61
N VAL C 95 -23.78 7.87 10.12
CA VAL C 95 -23.13 7.14 11.20
C VAL C 95 -23.10 7.89 12.54
N ARG C 96 -23.29 9.22 12.52
CA ARG C 96 -23.25 10.02 13.76
C ARG C 96 -24.59 9.99 14.51
N THR C 97 -24.54 10.08 15.84
CA THR C 97 -25.76 10.14 16.62
C THR C 97 -26.56 11.44 16.42
N ASP C 98 -25.93 12.49 15.93
CA ASP C 98 -26.61 13.78 15.79
C ASP C 98 -27.01 14.06 14.34
N VAL C 99 -26.99 13.02 13.51
CA VAL C 99 -27.47 13.15 12.13
C VAL C 99 -28.66 12.21 11.95
N LYS C 100 -29.80 12.75 11.48
CA LYS C 100 -31.09 12.07 11.49
C LYS C 100 -31.62 11.86 10.08
N LEU C 101 -32.56 10.93 9.90
CA LEU C 101 -33.20 10.78 8.59
C LEU C 101 -33.75 12.10 8.08
N ARG C 102 -33.52 12.35 6.79
N ARG C 102 -33.58 12.31 6.77
N ARG C 102 -33.56 12.31 6.78
CA ARG C 102 -34.05 13.52 6.09
CA ARG C 102 -34.05 13.51 6.07
CA ARG C 102 -34.03 13.50 6.05
C ARG C 102 -33.31 14.80 6.45
C ARG C 102 -33.19 14.75 6.29
C ARG C 102 -33.17 14.74 6.25
N ASP C 103 -32.19 14.65 7.14
CA ASP C 103 -31.26 15.77 7.31
C ASP C 103 -30.52 15.95 5.97
N VAL C 104 -30.21 17.20 5.65
CA VAL C 104 -29.40 17.50 4.47
C VAL C 104 -27.96 17.81 4.86
N VAL C 105 -27.01 17.18 4.16
CA VAL C 105 -25.56 17.36 4.44
C VAL C 105 -24.82 17.77 3.15
N ILE C 106 -23.80 18.61 3.32
CA ILE C 106 -23.07 19.16 2.17
C ILE C 106 -21.62 18.69 2.27
N GLY C 107 -21.12 18.05 1.22
CA GLY C 107 -19.78 17.46 1.29
C GLY C 107 -18.75 18.44 0.79
N MET C 108 -18.23 19.26 1.70
CA MET C 108 -17.07 20.08 1.37
C MET C 108 -15.87 19.20 0.96
N GLY C 109 -15.81 18.00 1.56
CA GLY C 109 -14.80 17.04 1.22
C GLY C 109 -15.45 15.66 1.12
N ALA C 110 -14.76 14.73 0.45
CA ALA C 110 -15.22 13.33 0.46
C ALA C 110 -14.06 12.36 0.63
N CYS C 111 -14.06 11.68 1.76
CA CYS C 111 -13.11 10.58 2.00
C CYS C 111 -13.55 9.41 1.14
N THR C 112 -12.68 8.41 0.98
CA THR C 112 -13.06 7.23 0.21
C THR C 112 -12.19 6.03 0.52
N ASP C 113 -12.72 4.83 0.26
CA ASP C 113 -11.91 3.60 0.26
C ASP C 113 -11.63 3.06 -1.16
N SER C 114 -12.00 3.89 -2.14
CA SER C 114 -11.67 3.59 -3.53
C SER C 114 -10.18 3.80 -3.81
N LYS C 115 -9.66 3.12 -4.83
CA LYS C 115 -8.31 3.45 -5.34
C LYS C 115 -8.23 4.52 -6.43
N VAL C 116 -9.36 5.07 -6.85
CA VAL C 116 -9.34 5.92 -8.06
C VAL C 116 -8.46 7.16 -7.97
N ASN C 117 -8.46 7.81 -6.83
CA ASN C 117 -7.65 9.03 -6.69
C ASN C 117 -6.21 8.72 -6.46
N ARG C 118 -5.94 7.58 -5.82
CA ARG C 118 -4.56 7.08 -5.77
C ARG C 118 -4.05 6.84 -7.20
N MET C 119 -4.91 6.35 -8.10
CA MET C 119 -4.43 6.08 -9.47
C MET C 119 -4.14 7.38 -10.23
N ARG C 120 -4.83 8.46 -9.84
CA ARG C 120 -4.62 9.77 -10.47
C ARG C 120 -3.43 10.50 -9.86
N PHE C 121 -3.11 10.17 -8.61
CA PHE C 121 -2.24 11.06 -7.80
C PHE C 121 -0.98 10.34 -7.26
N LYS C 122 -0.39 9.45 -8.08
CA LYS C 122 0.87 8.75 -7.74
C LYS C 122 0.82 8.07 -6.35
N ASP C 123 -0.35 7.52 -6.03
CA ASP C 123 -0.55 6.75 -4.82
C ASP C 123 -0.40 7.60 -3.57
N HIS C 124 -0.55 8.92 -3.71
CA HIS C 124 -0.58 9.78 -2.53
C HIS C 124 -2.00 10.08 -2.09
N ASP C 125 -2.21 10.95 -1.09
CA ASP C 125 -3.57 11.29 -0.69
C ASP C 125 -4.02 12.54 -1.44
N TYR C 126 -4.96 12.37 -2.35
CA TYR C 126 -5.65 13.50 -2.98
C TYR C 126 -6.87 13.87 -2.12
N ALA C 127 -6.94 15.12 -1.68
CA ALA C 127 -8.07 15.58 -0.84
C ALA C 127 -9.18 15.89 -1.82
N ALA C 128 -10.17 15.01 -1.88
CA ALA C 128 -11.25 15.21 -2.87
C ALA C 128 -12.20 16.26 -2.35
N ILE C 129 -12.10 17.47 -2.87
CA ILE C 129 -12.91 18.57 -2.36
C ILE C 129 -13.85 19.12 -3.42
N ALA C 130 -14.92 19.75 -2.93
CA ALA C 130 -15.85 20.53 -3.76
C ALA C 130 -15.22 21.87 -4.15
N ASP C 131 -15.87 22.55 -5.11
CA ASP C 131 -15.55 23.93 -5.38
C ASP C 131 -16.00 24.79 -4.22
N PHE C 132 -15.14 25.72 -3.77
CA PHE C 132 -15.52 26.54 -2.60
C PHE C 132 -16.78 27.38 -2.82
N GLU C 133 -16.82 28.13 -3.92
CA GLU C 133 -17.96 29.01 -4.13
C GLU C 133 -19.27 28.23 -4.28
N MET C 134 -19.25 27.09 -4.97
CA MET C 134 -20.46 26.26 -5.03
C MET C 134 -20.89 25.84 -3.63
N THR C 135 -19.91 25.55 -2.78
CA THR C 135 -20.24 25.11 -1.42
C THR C 135 -20.89 26.26 -0.66
N ARG C 136 -20.28 27.43 -0.72
CA ARG C 136 -20.83 28.61 -0.06
C ARG C 136 -22.22 28.90 -0.61
N ASN C 137 -22.39 28.75 -1.92
CA ASN C 137 -23.71 29.03 -2.49
C ASN C 137 -24.77 28.12 -1.89
N ALA C 138 -24.44 26.84 -1.72
CA ALA C 138 -25.38 25.88 -1.17
C ALA C 138 -25.68 26.17 0.28
N VAL C 139 -24.65 26.50 1.05
CA VAL C 139 -24.88 26.87 2.46
C VAL C 139 -25.77 28.10 2.56
N ASP C 140 -25.52 29.10 1.71
CA ASP C 140 -26.32 30.34 1.78
C ASP C 140 -27.74 30.08 1.31
N ALA C 141 -27.88 29.22 0.31
CA ALA C 141 -29.21 28.87 -0.22
C ALA C 141 -29.99 28.14 0.86
N ALA C 142 -29.33 27.21 1.57
CA ALA C 142 -29.98 26.50 2.67
C ALA C 142 -30.48 27.48 3.73
N LYS C 143 -29.65 28.45 4.09
CA LYS C 143 -30.03 29.45 5.09
C LYS C 143 -31.27 30.19 4.61
N ALA C 144 -31.26 30.59 3.35
CA ALA C 144 -32.41 31.31 2.79
C ALA C 144 -33.70 30.46 2.75
N LYS C 145 -33.55 29.15 2.63
CA LYS C 145 -34.68 28.20 2.57
C LYS C 145 -35.08 27.77 3.99
N GLY C 146 -34.31 28.19 5.00
CA GLY C 146 -34.61 27.80 6.38
C GLY C 146 -34.38 26.31 6.65
N VAL C 147 -33.47 25.71 5.89
CA VAL C 147 -33.17 24.29 6.03
C VAL C 147 -31.81 24.15 6.76
N ASN C 148 -31.81 23.50 7.91
N ASN C 148 -31.83 23.49 7.91
CA ASN C 148 -30.56 23.25 8.67
CA ASN C 148 -30.60 23.13 8.63
C ASN C 148 -29.64 22.29 7.91
C ASN C 148 -29.67 22.33 7.72
N VAL C 149 -28.38 22.68 7.68
CA VAL C 149 -27.43 21.80 6.96
C VAL C 149 -26.18 21.63 7.79
N ARG C 150 -25.51 20.51 7.63
CA ARG C 150 -24.15 20.38 8.18
C ARG C 150 -23.18 20.32 6.98
N VAL C 151 -21.99 20.91 7.11
CA VAL C 151 -21.08 21.01 6.00
C VAL C 151 -19.76 20.39 6.46
N GLY C 152 -19.22 19.47 5.67
CA GLY C 152 -18.04 18.74 6.16
C GLY C 152 -17.72 17.58 5.23
N ASN C 153 -17.26 16.47 5.83
CA ASN C 153 -16.80 15.31 5.05
C ASN C 153 -17.88 14.28 4.85
N LEU C 154 -18.02 13.85 3.60
CA LEU C 154 -18.70 12.60 3.27
C LEU C 154 -17.69 11.45 3.23
N PHE C 155 -18.21 10.23 3.14
CA PHE C 155 -17.32 9.10 2.85
C PHE C 155 -17.91 8.31 1.70
N SER C 156 -17.17 8.26 0.58
CA SER C 156 -17.63 7.55 -0.62
C SER C 156 -17.09 6.13 -0.58
N ALA C 157 -17.98 5.19 -0.29
CA ALA C 157 -17.62 3.77 -0.16
C ALA C 157 -17.71 3.05 -1.52
N ASP C 158 -16.88 2.02 -1.67
CA ASP C 158 -17.07 1.13 -2.81
C ASP C 158 -18.00 -0.05 -2.50
N LEU C 159 -18.09 -0.45 -1.24
CA LEU C 159 -18.94 -1.61 -0.90
C LEU C 159 -20.02 -1.16 0.09
N PHE C 160 -21.25 -1.06 -0.42
CA PHE C 160 -22.43 -0.84 0.42
C PHE C 160 -22.48 -1.89 1.51
N TYR C 161 -22.32 -3.15 1.09
CA TYR C 161 -22.34 -4.29 2.01
C TYR C 161 -20.91 -4.53 2.48
N THR C 162 -20.43 -3.63 3.33
CA THR C 162 -19.00 -3.63 3.66
C THR C 162 -18.57 -4.84 4.52
N PRO C 163 -17.40 -5.45 4.20
CA PRO C 163 -16.85 -6.49 5.07
C PRO C 163 -16.16 -5.92 6.32
N ASP C 164 -16.15 -4.59 6.47
CA ASP C 164 -15.44 -3.94 7.56
C ASP C 164 -16.33 -2.87 8.18
N PRO C 165 -17.39 -3.33 8.86
CA PRO C 165 -18.32 -2.42 9.54
C PRO C 165 -17.64 -1.64 10.68
N GLN C 166 -16.50 -2.12 11.19
CA GLN C 166 -15.78 -1.31 12.19
C GLN C 166 -15.35 0.06 11.65
N MET C 167 -15.15 0.15 10.32
CA MET C 167 -14.76 1.41 9.73
C MET C 167 -15.80 2.48 10.03
N PHE C 168 -17.08 2.12 10.13
CA PHE C 168 -18.09 3.13 10.46
C PHE C 168 -17.77 3.86 11.78
N ASP C 169 -17.20 3.14 12.75
CA ASP C 169 -16.77 3.75 14.02
C ASP C 169 -15.69 4.81 13.82
N VAL C 170 -14.76 4.50 12.92
CA VAL C 170 -13.68 5.44 12.57
C VAL C 170 -14.30 6.66 11.87
N MET C 171 -15.21 6.40 10.91
CA MET C 171 -15.93 7.52 10.25
C MET C 171 -16.61 8.41 11.27
N GLU C 172 -17.33 7.80 12.20
CA GLU C 172 -18.05 8.57 13.21
C GLU C 172 -17.08 9.43 14.06
N LYS C 173 -15.99 8.81 14.50
N LYS C 173 -15.96 8.84 14.48
CA LYS C 173 -14.98 9.52 15.28
CA LYS C 173 -14.98 9.56 15.32
C LYS C 173 -14.51 10.78 14.56
C LYS C 173 -14.27 10.70 14.58
N TYR C 174 -14.30 10.65 13.25
CA TYR C 174 -13.77 11.70 12.43
C TYR C 174 -14.84 12.67 11.89
N GLY C 175 -16.08 12.51 12.38
CA GLY C 175 -17.15 13.43 12.06
C GLY C 175 -17.81 13.28 10.69
N ILE C 176 -17.61 12.14 10.02
CA ILE C 176 -18.18 11.94 8.68
C ILE C 176 -19.74 12.11 8.73
N LEU C 177 -20.25 13.00 7.86
CA LEU C 177 -21.66 13.37 7.91
C LEU C 177 -22.57 12.34 7.27
N GLY C 178 -22.07 11.68 6.23
CA GLY C 178 -22.86 10.64 5.57
C GLY C 178 -21.98 9.76 4.73
N VAL C 179 -22.41 8.50 4.60
CA VAL C 179 -21.78 7.53 3.73
C VAL C 179 -22.56 7.45 2.43
N GLU C 180 -21.88 7.74 1.31
CA GLU C 180 -22.52 7.50 0.01
C GLU C 180 -21.46 6.79 -0.85
N MET C 181 -21.54 6.85 -2.18
CA MET C 181 -20.66 6.01 -2.96
C MET C 181 -20.12 6.72 -4.16
N GLU C 182 -20.10 8.05 -4.14
CA GLU C 182 -19.87 8.76 -5.42
C GLU C 182 -19.02 10.04 -5.34
N ALA C 183 -19.25 10.82 -4.28
CA ALA C 183 -18.67 12.16 -4.21
C ALA C 183 -17.18 12.23 -4.50
N ALA C 184 -16.40 11.33 -3.88
CA ALA C 184 -14.92 11.41 -4.02
C ALA C 184 -14.54 11.20 -5.44
N GLY C 185 -15.33 10.39 -6.15
CA GLY C 185 -15.07 10.10 -7.57
C GLY C 185 -15.45 11.30 -8.44
N ILE C 186 -16.61 11.90 -8.17
CA ILE C 186 -17.00 13.08 -8.95
C ILE C 186 -15.99 14.21 -8.70
N TYR C 187 -15.58 14.40 -7.46
CA TYR C 187 -14.59 15.46 -7.17
C TYR C 187 -13.25 15.20 -7.87
N GLY C 188 -12.83 13.93 -7.96
CA GLY C 188 -11.60 13.67 -8.68
C GLY C 188 -11.69 13.95 -10.17
N VAL C 189 -12.83 13.59 -10.75
CA VAL C 189 -13.05 13.87 -12.20
C VAL C 189 -13.09 15.38 -12.45
N ALA C 190 -13.73 16.10 -11.55
CA ALA C 190 -13.88 17.55 -11.78
C ALA C 190 -12.52 18.19 -11.77
N ALA C 191 -11.67 17.81 -10.81
CA ALA C 191 -10.28 18.34 -10.80
C ALA C 191 -9.48 17.92 -12.02
N GLU C 192 -9.58 16.64 -12.37
CA GLU C 192 -8.83 16.13 -13.51
C GLU C 192 -9.13 16.87 -14.80
N PHE C 193 -10.41 17.17 -15.03
CA PHE C 193 -10.80 17.78 -16.30
C PHE C 193 -11.17 19.26 -16.19
N GLY C 194 -10.88 19.86 -15.06
CA GLY C 194 -10.94 21.32 -14.95
C GLY C 194 -12.33 21.91 -14.84
N ALA C 195 -13.24 21.24 -14.15
CA ALA C 195 -14.56 21.83 -13.87
C ALA C 195 -14.81 21.88 -12.37
N LYS C 196 -16.06 22.09 -11.99
CA LYS C 196 -16.43 22.33 -10.58
C LYS C 196 -17.54 21.37 -10.17
N ALA C 197 -17.48 20.90 -8.91
CA ALA C 197 -18.53 20.00 -8.46
C ALA C 197 -18.83 20.19 -6.99
N LEU C 198 -20.03 19.77 -6.60
CA LEU C 198 -20.43 19.75 -5.17
C LEU C 198 -21.40 18.58 -5.00
N THR C 199 -21.34 17.95 -3.82
CA THR C 199 -22.28 16.93 -3.50
C THR C 199 -23.12 17.39 -2.33
N ILE C 200 -24.44 17.33 -2.50
CA ILE C 200 -25.38 17.56 -1.38
C ILE C 200 -26.20 16.27 -1.27
N CYS C 201 -26.43 15.75 -0.04
CA CYS C 201 -27.14 14.49 0.13
C CYS C 201 -28.20 14.66 1.20
N THR C 202 -29.25 13.87 1.05
CA THR C 202 -30.25 13.68 2.08
C THR C 202 -30.04 12.36 2.77
N VAL C 203 -30.11 12.36 4.10
CA VAL C 203 -29.91 11.11 4.85
C VAL C 203 -31.13 10.19 4.65
N SER C 204 -30.90 9.03 4.04
CA SER C 204 -31.99 8.10 3.70
C SER C 204 -31.98 6.88 4.61
N ASP C 205 -30.86 6.68 5.33
CA ASP C 205 -30.65 5.48 6.18
C ASP C 205 -29.86 5.95 7.37
N HIS C 206 -30.11 5.35 8.54
CA HIS C 206 -29.15 5.43 9.61
C HIS C 206 -28.45 4.10 9.81
N ILE C 207 -27.16 4.09 9.53
CA ILE C 207 -26.40 2.86 9.53
C ILE C 207 -26.35 2.15 10.89
N ARG C 208 -26.42 2.93 11.97
CA ARG C 208 -26.45 2.33 13.30
C ARG C 208 -27.84 1.87 13.71
N THR C 209 -28.82 2.77 13.57
CA THR C 209 -30.14 2.50 14.15
C THR C 209 -30.97 1.59 13.26
N GLY C 210 -30.62 1.52 11.98
CA GLY C 210 -31.37 0.71 11.05
C GLY C 210 -32.56 1.44 10.47
N GLU C 211 -32.80 2.69 10.87
CA GLU C 211 -33.92 3.48 10.29
C GLU C 211 -33.68 3.64 8.79
N GLN C 212 -34.75 3.46 7.99
CA GLN C 212 -34.61 3.50 6.53
C GLN C 212 -35.83 4.14 5.90
N THR C 213 -35.61 4.88 4.83
CA THR C 213 -36.72 5.40 4.03
C THR C 213 -37.04 4.39 2.94
N THR C 214 -38.26 4.45 2.39
CA THR C 214 -38.63 3.49 1.36
C THR C 214 -37.97 3.85 0.05
N ALA C 215 -38.01 2.93 -0.92
CA ALA C 215 -37.51 3.28 -2.24
C ALA C 215 -38.31 4.44 -2.87
N ALA C 216 -39.63 4.45 -2.69
CA ALA C 216 -40.45 5.56 -3.22
C ALA C 216 -40.08 6.91 -2.55
N GLU C 217 -39.85 6.90 -1.23
CA GLU C 217 -39.41 8.10 -0.55
C GLU C 217 -38.09 8.63 -1.15
N ARG C 218 -37.15 7.74 -1.43
CA ARG C 218 -35.86 8.21 -2.00
C ARG C 218 -36.05 8.83 -3.37
N GLN C 219 -36.97 8.23 -4.12
CA GLN C 219 -37.20 8.64 -5.49
C GLN C 219 -37.92 9.99 -5.61
N THR C 220 -38.86 10.28 -4.72
CA THR C 220 -39.74 11.43 -4.93
C THR C 220 -40.05 12.33 -3.72
N THR C 221 -39.30 12.22 -2.63
CA THR C 221 -39.61 13.07 -1.50
C THR C 221 -38.45 13.88 -0.94
N PHE C 222 -37.26 13.83 -1.56
CA PHE C 222 -36.14 14.54 -0.98
C PHE C 222 -36.05 15.95 -1.58
N ASN C 223 -37.03 16.79 -1.23
CA ASN C 223 -37.22 18.06 -1.92
C ASN C 223 -36.24 19.11 -1.42
N ASP C 224 -35.97 19.13 -0.11
CA ASP C 224 -35.10 20.18 0.44
C ASP C 224 -33.80 20.24 -0.34
N MET C 225 -33.16 19.10 -0.59
CA MET C 225 -31.83 19.18 -1.18
C MET C 225 -31.93 19.72 -2.58
N ILE C 226 -33.06 19.47 -3.23
CA ILE C 226 -33.21 19.95 -4.62
C ILE C 226 -33.43 21.45 -4.67
N GLU C 227 -34.29 21.95 -3.77
CA GLU C 227 -34.55 23.38 -3.67
C GLU C 227 -33.25 24.12 -3.37
N ILE C 228 -32.47 23.56 -2.45
CA ILE C 228 -31.19 24.16 -2.07
C ILE C 228 -30.23 24.16 -3.27
N ALA C 229 -30.11 23.04 -4.00
CA ALA C 229 -29.22 22.96 -5.15
C ALA C 229 -29.60 23.96 -6.23
N LEU C 230 -30.89 24.03 -6.54
CA LEU C 230 -31.33 24.92 -7.62
C LEU C 230 -31.16 26.37 -7.20
N GLU C 231 -31.53 26.70 -5.96
CA GLU C 231 -31.34 28.11 -5.53
C GLU C 231 -29.84 28.46 -5.45
N SER C 232 -28.99 27.48 -5.19
CA SER C 232 -27.56 27.77 -5.01
C SER C 232 -26.98 28.16 -6.38
N VAL C 233 -27.55 27.58 -7.41
CA VAL C 233 -27.07 27.89 -8.76
C VAL C 233 -27.35 29.36 -9.02
N LEU C 234 -28.56 29.82 -8.69
CA LEU C 234 -28.92 31.22 -8.94
C LEU C 234 -27.98 32.17 -8.17
N LEU C 235 -27.59 31.80 -6.96
CA LEU C 235 -26.64 32.62 -6.20
C LEU C 235 -25.28 32.68 -6.89
N GLY C 236 -24.88 31.55 -7.46
CA GLY C 236 -23.61 31.47 -8.14
C GLY C 236 -23.59 32.33 -9.38
N ASP C 237 -24.73 32.44 -10.04
CA ASP C 237 -24.82 33.21 -11.27
C ASP C 237 -24.64 34.69 -10.99
N ASN C 238 -25.06 35.10 -9.80
CA ASN C 238 -25.25 36.51 -9.48
C ASN C 238 -24.14 37.07 -8.60
N ALA C 239 -23.24 36.22 -8.15
CA ALA C 239 -22.16 36.66 -7.27
C ALA C 239 -21.09 37.30 -8.11
N ALA D 2 2.57 21.25 31.63
CA ALA D 2 3.46 20.11 32.03
C ALA D 2 3.92 19.23 30.88
N THR D 3 3.54 19.52 29.63
CA THR D 3 4.08 18.71 28.53
C THR D 3 5.56 19.01 28.26
N PRO D 4 6.23 18.11 27.55
CA PRO D 4 7.61 18.34 27.14
C PRO D 4 7.78 19.48 26.13
N HIS D 5 6.70 19.96 25.54
CA HIS D 5 6.79 20.84 24.40
C HIS D 5 6.28 22.24 24.66
N ILE D 6 5.42 22.37 25.68
CA ILE D 6 4.81 23.68 25.97
C ILE D 6 4.91 23.98 27.44
N ASN D 7 5.61 25.06 27.79
CA ASN D 7 5.78 25.43 29.22
C ASN D 7 4.83 26.55 29.59
N ALA D 8 3.54 26.25 29.59
CA ALA D 8 2.53 27.27 29.84
C ALA D 8 1.45 26.67 30.71
N GLU D 9 0.58 27.52 31.23
CA GLU D 9 -0.50 27.10 32.11
C GLU D 9 -1.81 27.25 31.35
N MET D 10 -2.81 26.44 31.69
CA MET D 10 -4.12 26.61 31.09
C MET D 10 -4.53 28.07 31.28
N GLY D 11 -5.12 28.65 30.24
CA GLY D 11 -5.48 30.06 30.24
C GLY D 11 -4.47 30.97 29.59
N ASP D 12 -3.23 30.51 29.43
CA ASP D 12 -2.21 31.35 28.81
C ASP D 12 -2.49 31.58 27.33
N PHE D 13 -3.12 30.60 26.70
CA PHE D 13 -3.47 30.70 25.26
C PHE D 13 -4.90 31.15 25.09
N ALA D 14 -5.13 31.96 24.06
CA ALA D 14 -6.49 32.26 23.61
C ALA D 14 -7.17 31.00 23.08
N ASP D 15 -8.48 31.08 22.88
CA ASP D 15 -9.17 29.99 22.17
C ASP D 15 -8.84 29.90 20.65
N VAL D 16 -8.21 30.93 20.10
CA VAL D 16 -7.75 30.90 18.71
C VAL D 16 -6.23 31.13 18.70
N VAL D 17 -5.50 30.27 18.00
CA VAL D 17 -4.06 30.43 17.84
C VAL D 17 -3.68 30.49 16.34
N LEU D 18 -3.02 31.58 15.94
CA LEU D 18 -2.36 31.68 14.61
C LEU D 18 -1.02 30.96 14.74
N MET D 19 -0.71 30.09 13.76
CA MET D 19 0.56 29.37 13.82
C MET D 19 1.30 29.41 12.51
N PRO D 20 2.43 30.14 12.46
CA PRO D 20 3.37 29.98 11.35
C PRO D 20 4.35 28.85 11.69
N GLY D 21 5.12 28.36 10.70
CA GLY D 21 6.12 27.33 11.01
C GLY D 21 7.29 27.92 11.78
N ASP D 22 7.53 29.21 11.58
CA ASP D 22 8.77 29.87 12.04
C ASP D 22 8.48 30.63 13.33
N PRO D 23 9.11 30.24 14.45
CA PRO D 23 8.84 30.93 15.72
C PRO D 23 9.20 32.42 15.63
N LEU D 24 10.15 32.78 14.76
CA LEU D 24 10.52 34.20 14.65
C LEU D 24 9.45 34.98 13.89
N ARG D 25 8.74 34.32 12.97
CA ARG D 25 7.56 34.92 12.38
C ARG D 25 6.45 35.08 13.42
N ALA D 26 6.30 34.09 14.31
CA ALA D 26 5.30 34.21 15.40
C ALA D 26 5.64 35.44 16.23
N LYS D 27 6.91 35.63 16.58
CA LYS D 27 7.29 36.83 17.34
C LYS D 27 6.99 38.12 16.57
N PHE D 28 7.33 38.16 15.28
CA PHE D 28 7.05 39.37 14.50
C PHE D 28 5.55 39.65 14.43
N ILE D 29 4.75 38.58 14.27
CA ILE D 29 3.31 38.76 14.14
C ILE D 29 2.75 39.35 15.44
N ALA D 30 3.16 38.77 16.58
CA ALA D 30 2.64 39.19 17.86
C ALA D 30 3.04 40.65 18.09
N GLU D 31 4.29 40.98 17.84
CA GLU D 31 4.78 42.31 18.15
C GLU D 31 4.18 43.38 17.23
N THR D 32 3.95 43.01 15.98
CA THR D 32 3.45 43.94 14.99
C THR D 32 1.93 44.17 15.08
N PHE D 33 1.15 43.12 15.39
CA PHE D 33 -0.30 43.14 15.27
C PHE D 33 -1.07 43.07 16.59
N LEU D 34 -0.44 42.67 17.69
CA LEU D 34 -1.22 42.51 18.92
C LEU D 34 -0.81 43.52 19.97
N GLN D 35 -1.73 43.83 20.86
CA GLN D 35 -1.43 44.65 22.02
C GLN D 35 -1.24 43.81 23.27
N ASP D 36 -0.55 44.39 24.25
CA ASP D 36 -0.37 43.75 25.55
C ASP D 36 0.13 42.32 25.45
N VAL D 37 1.18 42.16 24.65
CA VAL D 37 1.72 40.85 24.32
C VAL D 37 2.53 40.31 25.47
N ARG D 38 2.34 39.03 25.75
CA ARG D 38 3.24 38.31 26.63
C ARG D 38 3.69 37.05 25.96
N GLU D 39 4.95 36.68 26.20
CA GLU D 39 5.46 35.39 25.72
C GLU D 39 4.93 34.32 26.65
N VAL D 40 4.38 33.25 26.08
CA VAL D 40 3.80 32.20 26.90
C VAL D 40 4.46 30.83 26.70
N ASN D 41 5.31 30.69 25.68
CA ASN D 41 6.09 29.45 25.52
C ASN D 41 7.44 29.76 24.92
N ASN D 42 8.46 29.04 25.37
CA ASN D 42 9.76 29.09 24.71
C ASN D 42 10.53 27.79 24.70
N VAL D 43 9.88 26.70 25.11
CA VAL D 43 10.53 25.37 25.07
C VAL D 43 10.98 25.09 23.62
N ARG D 44 12.21 24.58 23.46
CA ARG D 44 12.77 24.26 22.13
C ARG D 44 12.87 25.47 21.21
N GLY D 45 12.78 26.66 21.79
CA GLY D 45 12.84 27.90 21.01
C GLY D 45 11.54 28.13 20.26
N MET D 46 10.49 27.35 20.58
CA MET D 46 9.24 27.45 19.77
C MET D 46 8.31 28.51 20.35
N LEU D 47 8.69 29.77 20.11
CA LEU D 47 8.05 30.90 20.75
C LEU D 47 6.53 30.96 20.54
N GLY D 48 5.82 31.20 21.62
CA GLY D 48 4.37 31.44 21.57
C GLY D 48 4.04 32.68 22.38
N PHE D 49 2.99 33.39 21.98
CA PHE D 49 2.65 34.72 22.55
C PHE D 49 1.14 34.82 22.62
N THR D 50 0.65 35.67 23.53
CA THR D 50 -0.77 35.96 23.64
C THR D 50 -0.89 37.43 23.86
N GLY D 51 -1.85 38.04 23.16
CA GLY D 51 -2.14 39.46 23.30
C GLY D 51 -3.58 39.69 22.86
N THR D 52 -3.88 40.95 22.51
CA THR D 52 -5.20 41.27 21.96
C THR D 52 -5.10 41.86 20.55
N TYR D 53 -6.09 41.52 19.71
CA TYR D 53 -6.27 42.17 18.43
C TYR D 53 -7.62 42.86 18.48
N LYS D 54 -7.61 44.20 18.33
CA LYS D 54 -8.85 44.94 18.43
C LYS D 54 -9.65 44.53 19.67
N GLY D 55 -8.93 44.31 20.77
CA GLY D 55 -9.56 43.96 22.04
C GLY D 55 -9.87 42.48 22.25
N ARG D 56 -9.65 41.66 21.22
CA ARG D 56 -9.99 40.25 21.26
C ARG D 56 -8.73 39.43 21.54
N LYS D 57 -8.80 38.55 22.53
CA LYS D 57 -7.61 37.76 22.90
C LYS D 57 -7.21 36.83 21.77
N ILE D 58 -5.93 36.83 21.41
CA ILE D 58 -5.45 36.02 20.28
C ILE D 58 -4.07 35.49 20.71
N SER D 59 -3.73 34.27 20.31
CA SER D 59 -2.36 33.76 20.46
C SER D 59 -1.69 33.52 19.12
N VAL D 60 -0.37 33.51 19.10
CA VAL D 60 0.39 33.21 17.91
C VAL D 60 1.61 32.42 18.35
N MET D 61 1.79 31.24 17.77
CA MET D 61 2.92 30.38 18.18
C MET D 61 3.41 29.59 16.99
N GLY D 62 4.72 29.45 16.89
CA GLY D 62 5.36 28.61 15.87
C GLY D 62 4.92 27.16 15.99
N HIS D 63 4.88 26.44 14.88
CA HIS D 63 4.62 24.97 14.95
C HIS D 63 5.80 24.14 14.41
N GLY D 64 6.88 24.81 13.95
CA GLY D 64 8.03 24.09 13.32
C GLY D 64 7.77 23.59 11.89
N MET D 65 8.76 22.97 11.26
CA MET D 65 8.53 22.50 9.87
C MET D 65 8.05 21.02 9.83
N GLY D 66 6.96 20.79 9.09
CA GLY D 66 6.56 19.42 8.73
C GLY D 66 5.42 18.91 9.60
N ILE D 67 4.73 17.89 9.07
CA ILE D 67 3.57 17.33 9.73
C ILE D 67 3.89 16.82 11.14
N PRO D 68 4.98 16.06 11.33
CA PRO D 68 5.22 15.53 12.71
C PRO D 68 5.43 16.61 13.77
N SER D 69 6.10 17.70 13.39
CA SER D 69 6.32 18.82 14.32
C SER D 69 4.99 19.51 14.67
N CYS D 70 4.29 19.97 13.63
CA CYS D 70 3.09 20.75 13.89
C CYS D 70 2.00 19.89 14.54
N SER D 71 2.04 18.55 14.32
CA SER D 71 1.02 17.68 14.90
C SER D 71 1.12 17.63 16.42
N ILE D 72 2.33 17.70 16.94
CA ILE D 72 2.53 17.72 18.40
C ILE D 72 1.92 19.01 19.00
N TYR D 73 2.29 20.16 18.45
CA TYR D 73 1.79 21.41 19.03
C TYR D 73 0.30 21.58 18.87
N ALA D 74 -0.24 21.19 17.72
CA ALA D 74 -1.68 21.36 17.48
C ALA D 74 -2.45 20.50 18.44
N LYS D 75 -2.02 19.25 18.61
CA LYS D 75 -2.73 18.33 19.55
C LYS D 75 -2.74 18.92 20.95
N GLU D 76 -1.57 19.33 21.43
CA GLU D 76 -1.52 19.79 22.82
C GLU D 76 -2.34 21.07 23.04
N LEU D 77 -2.29 21.98 22.07
CA LEU D 77 -3.09 23.21 22.23
C LEU D 77 -4.57 22.89 22.40
N ILE D 78 -5.03 21.92 21.62
CA ILE D 78 -6.43 21.50 21.65
C ILE D 78 -6.79 20.77 22.95
N THR D 79 -5.99 19.76 23.32
CA THR D 79 -6.40 18.93 24.43
C THR D 79 -5.98 19.49 25.77
N ASP D 80 -4.88 20.24 25.81
CA ASP D 80 -4.30 20.66 27.10
C ASP D 80 -4.55 22.15 27.39
N PHE D 81 -4.82 22.95 26.36
CA PHE D 81 -4.98 24.41 26.54
C PHE D 81 -6.31 24.96 26.02
N GLY D 82 -7.24 24.07 25.70
CA GLY D 82 -8.61 24.47 25.35
C GLY D 82 -8.76 25.19 24.03
N VAL D 83 -7.74 25.11 23.18
CA VAL D 83 -7.82 25.83 21.91
C VAL D 83 -8.91 25.26 21.01
N LYS D 84 -9.72 26.15 20.43
CA LYS D 84 -10.86 25.74 19.62
C LYS D 84 -10.58 25.89 18.13
N LYS D 85 -9.78 26.88 17.76
CA LYS D 85 -9.42 27.12 16.35
C LYS D 85 -7.94 27.34 16.19
N ILE D 86 -7.35 26.72 15.16
CA ILE D 86 -5.99 27.00 14.79
C ILE D 86 -6.01 27.51 13.36
N ILE D 87 -5.36 28.65 13.13
CA ILE D 87 -5.15 29.16 11.76
C ILE D 87 -3.66 29.15 11.47
N ARG D 88 -3.25 28.20 10.63
CA ARG D 88 -1.86 28.15 10.17
C ARG D 88 -1.68 29.30 9.18
N VAL D 89 -0.63 30.10 9.41
CA VAL D 89 -0.31 31.24 8.57
C VAL D 89 1.09 30.99 8.00
N GLY D 90 1.12 30.31 6.86
CA GLY D 90 2.33 29.71 6.36
C GLY D 90 2.86 30.32 5.07
N SER D 91 3.95 29.72 4.58
CA SER D 91 4.45 30.03 3.24
C SER D 91 4.13 28.82 2.35
N CYS D 92 4.34 28.96 1.04
CA CYS D 92 4.18 27.81 0.18
C CYS D 92 4.88 28.03 -1.14
N GLY D 93 5.06 26.94 -1.85
CA GLY D 93 5.67 27.00 -3.17
C GLY D 93 4.61 26.84 -4.26
N ALA D 94 4.66 27.65 -5.32
CA ALA D 94 3.62 27.54 -6.38
C ALA D 94 4.07 26.61 -7.49
N VAL D 95 3.13 25.83 -8.02
CA VAL D 95 3.39 25.05 -9.23
C VAL D 95 2.60 25.52 -10.44
N ARG D 96 1.52 26.27 -10.21
CA ARG D 96 0.69 26.81 -11.32
C ARG D 96 1.30 28.07 -11.97
N THR D 97 1.08 28.21 -13.29
CA THR D 97 1.54 29.39 -14.03
C THR D 97 0.76 30.65 -13.64
N ASP D 98 -0.45 30.46 -13.09
CA ASP D 98 -1.30 31.60 -12.73
C ASP D 98 -1.23 31.95 -11.24
N VAL D 99 -0.29 31.36 -10.52
CA VAL D 99 -0.05 31.72 -9.14
C VAL D 99 1.32 32.39 -9.03
N LYS D 100 1.37 33.58 -8.40
CA LYS D 100 2.58 34.41 -8.39
C LYS D 100 3.13 34.53 -7.00
N LEU D 101 4.43 34.81 -6.91
CA LEU D 101 5.02 35.16 -5.62
C LEU D 101 4.15 36.18 -4.87
N ARG D 102 4.01 35.97 -3.57
CA ARG D 102 3.27 36.82 -2.65
C ARG D 102 1.75 36.70 -2.71
N ASP D 103 1.26 35.83 -3.60
CA ASP D 103 -0.20 35.57 -3.64
C ASP D 103 -0.57 34.86 -2.34
N VAL D 104 -1.77 35.15 -1.87
CA VAL D 104 -2.31 34.45 -0.72
C VAL D 104 -3.27 33.36 -1.18
N VAL D 105 -3.05 32.16 -0.68
CA VAL D 105 -3.90 30.98 -0.99
C VAL D 105 -4.52 30.39 0.28
N ILE D 106 -5.77 29.92 0.16
CA ILE D 106 -6.52 29.42 1.30
C ILE D 106 -6.79 27.93 1.04
N GLY D 107 -6.35 27.10 1.99
CA GLY D 107 -6.42 25.64 1.78
C GLY D 107 -7.69 25.06 2.31
N MET D 108 -8.75 25.04 1.49
N MET D 108 -8.74 25.07 1.48
CA MET D 108 -9.99 24.39 1.94
CA MET D 108 -9.98 24.41 1.87
C MET D 108 -9.77 22.89 2.01
C MET D 108 -9.68 22.94 2.09
N GLY D 109 -8.77 22.40 1.28
CA GLY D 109 -8.33 21.01 1.46
C GLY D 109 -6.79 20.96 1.41
N ALA D 110 -6.24 19.84 1.88
CA ALA D 110 -4.79 19.62 1.75
C ALA D 110 -4.51 18.15 1.39
N CYS D 111 -3.94 17.96 0.19
CA CYS D 111 -3.43 16.65 -0.24
C CYS D 111 -2.14 16.39 0.55
N THR D 112 -1.64 15.17 0.48
CA THR D 112 -0.36 14.91 1.15
C THR D 112 0.26 13.61 0.67
N ASP D 113 1.58 13.52 0.81
CA ASP D 113 2.28 12.24 0.65
C ASP D 113 2.75 11.65 1.95
N SER D 114 2.24 12.19 3.05
CA SER D 114 2.45 11.60 4.38
C SER D 114 1.58 10.38 4.60
N LYS D 115 2.01 9.51 5.52
CA LYS D 115 1.21 8.36 5.91
C LYS D 115 0.34 8.67 7.15
N VAL D 116 0.38 9.89 7.71
CA VAL D 116 -0.33 10.07 9.02
C VAL D 116 -1.85 9.88 8.98
N ASN D 117 -2.49 10.34 7.92
CA ASN D 117 -3.94 10.20 7.84
C ASN D 117 -4.35 8.78 7.49
N ARG D 118 -3.52 8.08 6.71
CA ARG D 118 -3.74 6.64 6.52
C ARG D 118 -3.67 5.92 7.88
N MET D 119 -2.74 6.33 8.74
CA MET D 119 -2.67 5.68 10.06
C MET D 119 -3.92 5.93 10.91
N ARG D 120 -4.57 7.07 10.70
CA ARG D 120 -5.78 7.40 11.46
C ARG D 120 -7.03 6.72 10.85
N PHE D 121 -6.96 6.43 9.57
CA PHE D 121 -8.19 6.15 8.79
C PHE D 121 -8.16 4.78 8.10
N LYS D 122 -7.52 3.80 8.75
CA LYS D 122 -7.50 2.39 8.28
C LYS D 122 -6.98 2.30 6.84
N ASP D 123 -5.98 3.12 6.56
CA ASP D 123 -5.28 3.11 5.26
C ASP D 123 -6.20 3.47 4.10
N HIS D 124 -7.32 4.14 4.38
CA HIS D 124 -8.16 4.71 3.29
C HIS D 124 -7.79 6.18 3.03
N ASP D 125 -8.52 6.86 2.14
CA ASP D 125 -8.25 8.24 1.81
C ASP D 125 -9.10 9.11 2.74
N TYR D 126 -8.42 9.78 3.67
CA TYR D 126 -9.06 10.79 4.50
C TYR D 126 -8.92 12.14 3.77
N ALA D 127 -10.06 12.78 3.49
CA ALA D 127 -10.03 14.13 2.87
C ALA D 127 -9.71 15.15 3.94
N ALA D 128 -8.45 15.60 3.99
CA ALA D 128 -8.03 16.55 5.01
C ALA D 128 -8.55 17.93 4.63
N ILE D 129 -9.63 18.33 5.31
CA ILE D 129 -10.29 19.61 4.99
C ILE D 129 -10.27 20.55 6.14
N ALA D 130 -10.37 21.84 5.79
CA ALA D 130 -10.52 22.91 6.77
C ALA D 130 -11.96 22.91 7.30
N ASP D 131 -12.18 23.62 8.40
CA ASP D 131 -13.55 23.95 8.83
C ASP D 131 -14.23 24.92 7.82
N PHE D 132 -15.47 24.64 7.42
CA PHE D 132 -16.05 25.45 6.38
C PHE D 132 -16.22 26.92 6.81
N GLU D 133 -16.81 27.14 7.98
CA GLU D 133 -17.07 28.51 8.38
C GLU D 133 -15.77 29.32 8.51
N MET D 134 -14.71 28.70 9.00
CA MET D 134 -13.43 29.41 9.13
C MET D 134 -12.94 29.79 7.74
N THR D 135 -13.17 28.88 6.79
CA THR D 135 -12.79 29.13 5.38
C THR D 135 -13.59 30.30 4.83
N ARG D 136 -14.92 30.25 4.99
CA ARG D 136 -15.77 31.37 4.62
C ARG D 136 -15.32 32.67 5.27
N ASN D 137 -15.02 32.63 6.56
CA ASN D 137 -14.62 33.86 7.25
C ASN D 137 -13.36 34.46 6.63
N ALA D 138 -12.42 33.60 6.28
CA ALA D 138 -11.16 34.04 5.63
C ALA D 138 -11.39 34.62 4.24
N VAL D 139 -12.24 33.96 3.43
CA VAL D 139 -12.62 34.54 2.13
C VAL D 139 -13.29 35.88 2.27
N ASP D 140 -14.22 35.99 3.21
CA ASP D 140 -14.93 37.23 3.40
C ASP D 140 -14.02 38.33 3.97
N ALA D 141 -13.13 37.98 4.89
CA ALA D 141 -12.15 38.95 5.41
C ALA D 141 -11.24 39.41 4.27
N ALA D 142 -10.86 38.52 3.37
CA ALA D 142 -9.97 38.93 2.28
C ALA D 142 -10.66 39.95 1.40
N LYS D 143 -11.94 39.69 1.12
CA LYS D 143 -12.72 40.64 0.31
C LYS D 143 -12.77 41.99 1.01
N ALA D 144 -13.05 41.99 2.32
CA ALA D 144 -13.08 43.25 3.08
C ALA D 144 -11.73 43.98 3.16
N LYS D 145 -10.64 43.22 3.09
CA LYS D 145 -9.31 43.80 3.19
C LYS D 145 -8.77 44.13 1.82
N GLY D 146 -9.52 43.83 0.76
CA GLY D 146 -9.06 44.10 -0.60
C GLY D 146 -7.86 43.26 -1.07
N VAL D 147 -7.79 42.02 -0.59
CA VAL D 147 -6.66 41.13 -0.88
C VAL D 147 -7.20 39.98 -1.73
N ASN D 148 -6.66 39.86 -2.93
CA ASN D 148 -6.98 38.75 -3.81
C ASN D 148 -6.55 37.42 -3.19
N VAL D 149 -7.46 36.45 -3.24
CA VAL D 149 -7.12 35.10 -2.80
C VAL D 149 -7.60 34.04 -3.76
N ARG D 150 -6.95 32.88 -3.71
CA ARG D 150 -7.49 31.66 -4.31
C ARG D 150 -7.78 30.64 -3.21
N VAL D 151 -8.83 29.85 -3.40
CA VAL D 151 -9.27 28.90 -2.38
C VAL D 151 -9.37 27.54 -3.06
N GLY D 152 -8.70 26.54 -2.48
CA GLY D 152 -8.64 25.25 -3.14
C GLY D 152 -7.69 24.35 -2.35
N ASN D 153 -7.01 23.46 -3.07
CA ASN D 153 -6.16 22.45 -2.44
C ASN D 153 -4.74 22.91 -2.28
N LEU D 154 -4.19 22.67 -1.09
CA LEU D 154 -2.75 22.67 -0.89
C LEU D 154 -2.19 21.25 -1.08
N PHE D 155 -0.86 21.13 -1.13
CA PHE D 155 -0.24 19.81 -1.02
C PHE D 155 0.79 19.85 0.09
N SER D 156 0.57 19.04 1.13
CA SER D 156 1.49 18.95 2.30
C SER D 156 2.52 17.86 2.08
N ALA D 157 3.73 18.27 1.67
CA ALA D 157 4.83 17.34 1.38
C ALA D 157 5.63 16.95 2.62
N ASP D 158 6.10 15.70 2.67
CA ASP D 158 7.07 15.33 3.70
C ASP D 158 8.51 15.66 3.32
N LEU D 159 8.83 15.63 2.01
CA LEU D 159 10.20 15.96 1.54
C LEU D 159 10.26 17.23 0.71
N PHE D 160 10.74 18.29 1.34
CA PHE D 160 11.03 19.53 0.61
C PHE D 160 11.96 19.23 -0.57
N TYR D 161 13.05 18.51 -0.27
CA TYR D 161 14.00 18.04 -1.31
C TYR D 161 13.50 16.74 -1.88
N THR D 162 12.43 16.84 -2.67
CA THR D 162 11.75 15.64 -3.14
C THR D 162 12.55 14.87 -4.18
N PRO D 163 12.55 13.53 -4.08
CA PRO D 163 13.20 12.71 -5.10
C PRO D 163 12.27 12.56 -6.31
N ASP D 164 11.05 13.11 -6.24
CA ASP D 164 10.06 12.94 -7.30
C ASP D 164 9.53 14.31 -7.77
N PRO D 165 10.36 15.08 -8.48
CA PRO D 165 9.88 16.40 -8.94
C PRO D 165 8.78 16.28 -9.98
N GLN D 166 8.67 15.13 -10.63
CA GLN D 166 7.56 14.94 -11.59
C GLN D 166 6.22 15.07 -10.88
N MET D 167 6.15 14.74 -9.59
CA MET D 167 4.88 14.91 -8.89
C MET D 167 4.38 16.38 -8.97
N PHE D 168 5.30 17.34 -9.10
CA PHE D 168 4.82 18.74 -9.19
C PHE D 168 3.93 18.90 -10.42
N ASP D 169 4.22 18.14 -11.48
CA ASP D 169 3.42 18.24 -12.70
C ASP D 169 1.99 17.73 -12.43
N VAL D 170 1.89 16.62 -11.70
CA VAL D 170 0.61 16.07 -11.26
C VAL D 170 -0.15 17.11 -10.39
N MET D 171 0.52 17.70 -9.40
CA MET D 171 -0.11 18.69 -8.53
C MET D 171 -0.67 19.80 -9.40
N GLU D 172 0.14 20.26 -10.36
CA GLU D 172 -0.29 21.36 -11.23
C GLU D 172 -1.53 21.00 -12.04
N LYS D 173 -1.53 19.81 -12.63
N LYS D 173 -1.55 19.78 -12.59
CA LYS D 173 -2.67 19.33 -13.39
CA LYS D 173 -2.65 19.28 -13.40
C LYS D 173 -3.95 19.40 -12.55
C LYS D 173 -3.95 19.09 -12.61
N TYR D 174 -3.83 19.00 -11.29
CA TYR D 174 -4.97 18.91 -10.37
C TYR D 174 -5.27 20.23 -9.62
N GLY D 175 -4.59 21.30 -10.02
CA GLY D 175 -4.94 22.64 -9.57
C GLY D 175 -4.42 23.04 -8.20
N ILE D 176 -3.46 22.29 -7.68
CA ILE D 176 -2.88 22.55 -6.36
C ILE D 176 -2.33 23.99 -6.35
N LEU D 177 -2.70 24.75 -5.32
CA LEU D 177 -2.41 26.19 -5.26
C LEU D 177 -1.04 26.48 -4.64
N GLY D 178 -0.60 25.60 -3.76
CA GLY D 178 0.69 25.78 -3.11
C GLY D 178 1.14 24.48 -2.47
N VAL D 179 2.46 24.29 -2.45
CA VAL D 179 3.11 23.14 -1.80
C VAL D 179 3.67 23.65 -0.47
N GLU D 180 3.17 23.08 0.62
CA GLU D 180 3.75 23.37 1.95
C GLU D 180 3.97 22.01 2.62
N MET D 181 3.98 21.94 3.96
CA MET D 181 4.45 20.70 4.62
C MET D 181 3.68 20.42 5.87
N GLU D 182 2.48 21.00 6.02
CA GLU D 182 1.85 20.96 7.34
C GLU D 182 0.32 20.79 7.34
N ALA D 183 -0.36 21.45 6.41
CA ALA D 183 -1.81 21.62 6.50
C ALA D 183 -2.58 20.29 6.66
N ALA D 184 -2.19 19.27 5.90
CA ALA D 184 -2.91 17.99 5.96
C ALA D 184 -2.81 17.40 7.36
N GLY D 185 -1.65 17.62 7.98
CA GLY D 185 -1.40 17.14 9.33
C GLY D 185 -2.22 17.88 10.38
N ILE D 186 -2.27 19.21 10.24
CA ILE D 186 -3.08 20.01 11.15
C ILE D 186 -4.58 19.67 11.02
N TYR D 187 -5.04 19.50 9.80
CA TYR D 187 -6.45 19.17 9.59
C TYR D 187 -6.78 17.77 10.17
N GLY D 188 -5.84 16.84 10.09
CA GLY D 188 -6.03 15.49 10.60
C GLY D 188 -6.14 15.54 12.12
N VAL D 189 -5.26 16.32 12.76
CA VAL D 189 -5.30 16.47 14.24
C VAL D 189 -6.60 17.16 14.65
N ALA D 190 -6.98 18.22 13.94
CA ALA D 190 -8.21 18.95 14.33
C ALA D 190 -9.44 18.03 14.29
N ALA D 191 -9.52 17.20 13.25
CA ALA D 191 -10.60 16.21 13.17
C ALA D 191 -10.51 15.16 14.29
N GLU D 192 -9.31 14.61 14.52
CA GLU D 192 -9.11 13.59 15.54
C GLU D 192 -9.56 14.08 16.89
N PHE D 193 -9.24 15.35 17.20
CA PHE D 193 -9.47 15.83 18.58
C PHE D 193 -10.60 16.83 18.69
N GLY D 194 -11.37 16.96 17.61
CA GLY D 194 -12.65 17.68 17.67
C GLY D 194 -12.52 19.19 17.73
N ALA D 195 -11.52 19.73 17.05
CA ALA D 195 -11.40 21.19 16.95
C ALA D 195 -11.47 21.61 15.47
N LYS D 196 -11.17 22.87 15.22
CA LYS D 196 -11.38 23.46 13.89
C LYS D 196 -10.05 24.07 13.40
N ALA D 197 -9.72 23.91 12.12
CA ALA D 197 -8.49 24.52 11.64
C ALA D 197 -8.62 25.04 10.23
N LEU D 198 -7.71 25.94 9.85
CA LEU D 198 -7.65 26.47 8.49
C LEU D 198 -6.17 26.82 8.24
N THR D 199 -5.72 26.62 7.01
CA THR D 199 -4.36 27.03 6.64
C THR D 199 -4.50 28.07 5.56
N ILE D 200 -3.86 29.22 5.81
CA ILE D 200 -3.72 30.24 4.80
C ILE D 200 -2.21 30.43 4.53
N CYS D 201 -1.79 30.48 3.27
CA CYS D 201 -0.35 30.59 3.00
C CYS D 201 -0.04 31.71 2.01
N THR D 202 1.19 32.23 2.07
CA THR D 202 1.68 33.21 1.10
C THR D 202 2.74 32.57 0.25
N VAL D 203 2.64 32.78 -1.06
CA VAL D 203 3.57 32.16 -2.00
C VAL D 203 4.96 32.75 -1.84
N SER D 204 5.89 31.92 -1.39
CA SER D 204 7.27 32.34 -1.11
C SER D 204 8.29 31.89 -2.17
N ASP D 205 7.90 30.91 -2.99
CA ASP D 205 8.80 30.36 -4.02
C ASP D 205 7.91 30.01 -5.18
N HIS D 206 8.46 30.11 -6.38
CA HIS D 206 7.76 29.56 -7.50
C HIS D 206 8.60 28.42 -8.06
N ILE D 207 8.06 27.22 -7.95
CA ILE D 207 8.82 26.02 -8.29
C ILE D 207 9.19 25.98 -9.76
N ARG D 208 8.39 26.60 -10.62
CA ARG D 208 8.71 26.61 -12.05
C ARG D 208 9.63 27.76 -12.47
N THR D 209 9.30 28.99 -12.06
CA THR D 209 10.15 30.12 -12.48
C THR D 209 11.45 30.22 -11.73
N GLY D 210 11.53 29.59 -10.57
CA GLY D 210 12.73 29.61 -9.74
C GLY D 210 12.81 30.81 -8.82
N GLU D 211 11.82 31.71 -8.87
CA GLU D 211 11.82 32.86 -7.96
C GLU D 211 11.71 32.40 -6.52
N GLN D 212 12.47 33.04 -5.64
CA GLN D 212 12.51 32.68 -4.23
C GLN D 212 12.58 33.97 -3.41
N THR D 213 11.85 34.06 -2.31
CA THR D 213 12.01 35.17 -1.37
C THR D 213 13.17 34.88 -0.38
N THR D 214 13.68 35.93 0.27
CA THR D 214 14.78 35.73 1.21
C THR D 214 14.26 35.22 2.53
N ALA D 215 15.16 34.72 3.39
CA ALA D 215 14.77 34.33 4.75
C ALA D 215 14.15 35.53 5.47
N ALA D 216 14.74 36.71 5.33
CA ALA D 216 14.16 37.90 5.95
C ALA D 216 12.70 38.20 5.48
N GLU D 217 12.46 38.12 4.17
CA GLU D 217 11.11 38.29 3.62
C GLU D 217 10.11 37.31 4.21
N ARG D 218 10.50 36.04 4.32
CA ARG D 218 9.58 35.06 4.86
C ARG D 218 9.24 35.36 6.30
N GLN D 219 10.20 35.89 7.04
CA GLN D 219 10.03 36.12 8.46
C GLN D 219 9.13 37.33 8.79
N THR D 220 9.15 38.34 7.92
CA THR D 220 8.55 39.63 8.29
C THR D 220 7.67 40.34 7.26
N THR D 221 7.49 39.79 6.05
CA THR D 221 6.81 40.58 5.01
C THR D 221 5.52 39.99 4.46
N PHE D 222 5.12 38.81 4.96
CA PHE D 222 3.92 38.16 4.42
C PHE D 222 2.77 38.49 5.32
N ASN D 223 2.30 39.73 5.18
CA ASN D 223 1.40 40.27 6.16
C ASN D 223 -0.06 40.34 5.73
N ASP D 224 -0.32 40.37 4.42
CA ASP D 224 -1.72 40.26 4.00
C ASP D 224 -2.41 39.04 4.61
N MET D 225 -1.71 37.90 4.67
CA MET D 225 -2.33 36.71 5.22
C MET D 225 -2.65 36.86 6.70
N ILE D 226 -1.86 37.67 7.41
CA ILE D 226 -2.08 37.86 8.84
C ILE D 226 -3.31 38.76 9.04
N GLU D 227 -3.41 39.83 8.26
CA GLU D 227 -4.61 40.69 8.30
C GLU D 227 -5.88 39.91 7.99
N ILE D 228 -5.82 39.05 6.97
CA ILE D 228 -6.96 38.17 6.66
C ILE D 228 -7.26 37.25 7.85
N ALA D 229 -6.23 36.61 8.41
CA ALA D 229 -6.46 35.65 9.49
C ALA D 229 -7.12 36.32 10.67
N LEU D 230 -6.58 37.46 11.09
CA LEU D 230 -7.08 38.17 12.28
C LEU D 230 -8.47 38.70 12.09
N GLU D 231 -8.74 39.29 10.92
CA GLU D 231 -10.08 39.80 10.65
C GLU D 231 -11.07 38.65 10.50
N SER D 232 -10.60 37.50 10.01
CA SER D 232 -11.50 36.34 9.88
C SER D 232 -11.99 35.84 11.25
N VAL D 233 -11.16 35.98 12.28
CA VAL D 233 -11.54 35.54 13.62
C VAL D 233 -12.73 36.41 14.11
N LEU D 234 -12.60 37.71 13.90
CA LEU D 234 -13.64 38.64 14.33
C LEU D 234 -14.95 38.33 13.61
N LEU D 235 -14.88 38.03 12.31
CA LEU D 235 -16.09 37.61 11.60
C LEU D 235 -16.70 36.34 12.23
N GLY D 236 -15.84 35.38 12.54
CA GLY D 236 -16.30 34.12 13.15
C GLY D 236 -16.98 34.32 14.49
N ASP D 237 -16.51 35.30 15.25
CA ASP D 237 -17.10 35.57 16.56
C ASP D 237 -18.52 36.11 16.42
N ASN D 238 -18.79 36.79 15.31
CA ASN D 238 -19.97 37.66 15.15
C ASN D 238 -21.04 37.00 14.31
N ALA D 239 -20.75 35.79 13.85
CA ALA D 239 -21.73 35.03 13.10
C ALA D 239 -22.85 34.65 14.05
N ALA E 2 21.64 31.93 -0.59
CA ALA E 2 21.49 30.97 0.55
C ALA E 2 20.11 30.28 0.49
N THR E 3 19.95 29.21 1.26
CA THR E 3 18.64 28.59 1.32
C THR E 3 17.80 29.34 2.35
N PRO E 4 16.51 29.01 2.41
CA PRO E 4 15.63 29.61 3.40
C PRO E 4 15.94 29.11 4.80
N HIS E 5 16.81 28.10 4.94
CA HIS E 5 16.93 27.43 6.22
C HIS E 5 18.25 27.61 6.96
N ILE E 6 19.30 27.96 6.24
CA ILE E 6 20.62 28.08 6.88
C ILE E 6 21.28 29.35 6.37
N ASN E 7 21.59 30.27 7.28
CA ASN E 7 22.24 31.53 6.89
C ASN E 7 23.71 31.52 7.25
N ALA E 8 24.43 30.51 6.79
CA ALA E 8 25.85 30.38 7.10
C ALA E 8 26.59 30.40 5.77
N GLU E 9 27.91 30.58 5.83
CA GLU E 9 28.79 30.55 4.65
C GLU E 9 29.47 29.20 4.57
N MET E 10 29.86 28.76 3.36
CA MET E 10 30.65 27.52 3.25
C MET E 10 31.91 27.70 4.09
N GLY E 11 32.32 26.63 4.78
CA GLY E 11 33.42 26.73 5.73
C GLY E 11 32.93 26.91 7.16
N ASP E 12 31.67 27.37 7.33
CA ASP E 12 31.20 27.70 8.71
C ASP E 12 30.97 26.45 9.58
N PHE E 13 30.66 25.34 8.90
CA PHE E 13 30.46 24.06 9.57
C PHE E 13 31.67 23.16 9.47
N ALA E 14 31.97 22.45 10.56
CA ALA E 14 32.92 21.34 10.51
C ALA E 14 32.44 20.23 9.60
N ASP E 15 33.32 19.27 9.32
CA ASP E 15 32.98 18.06 8.54
C ASP E 15 32.09 17.08 9.35
N VAL E 16 32.00 17.30 10.66
CA VAL E 16 31.15 16.51 11.55
C VAL E 16 30.21 17.44 12.28
N VAL E 17 28.91 17.12 12.30
CA VAL E 17 27.94 17.95 12.98
C VAL E 17 27.12 17.09 13.92
N LEU E 18 27.11 17.42 15.21
CA LEU E 18 26.14 16.83 16.12
C LEU E 18 24.82 17.53 16.01
N MET E 19 23.72 16.78 16.01
CA MET E 19 22.39 17.44 15.84
C MET E 19 21.39 16.87 16.83
N PRO E 20 20.99 17.66 17.83
CA PRO E 20 19.79 17.36 18.61
C PRO E 20 18.59 17.98 17.88
N GLY E 21 17.38 17.60 18.26
CA GLY E 21 16.18 18.18 17.62
C GLY E 21 16.02 19.61 18.13
N ASP E 22 16.45 19.82 19.39
CA ASP E 22 16.20 21.10 20.09
C ASP E 22 17.37 22.07 19.90
N PRO E 23 17.12 23.23 19.29
CA PRO E 23 18.18 24.23 19.12
C PRO E 23 18.75 24.68 20.46
N LEU E 24 17.96 24.67 21.53
CA LEU E 24 18.49 25.07 22.84
C LEU E 24 19.42 24.00 23.42
N ARG E 25 19.21 22.73 23.05
CA ARG E 25 20.17 21.70 23.45
C ARG E 25 21.43 21.88 22.63
N ALA E 26 21.30 22.31 21.38
CA ALA E 26 22.50 22.53 20.61
C ALA E 26 23.32 23.67 21.28
N LYS E 27 22.65 24.74 21.68
CA LYS E 27 23.29 25.80 22.44
C LYS E 27 23.98 25.30 23.74
N PHE E 28 23.23 24.53 24.53
CA PHE E 28 23.83 23.87 25.71
C PHE E 28 25.09 23.07 25.36
N ILE E 29 25.00 22.25 24.30
CA ILE E 29 26.15 21.41 23.94
C ILE E 29 27.33 22.29 23.60
N ALA E 30 27.11 23.31 22.75
CA ALA E 30 28.20 24.20 22.34
C ALA E 30 28.82 24.89 23.56
N GLU E 31 27.98 25.44 24.42
CA GLU E 31 28.47 26.17 25.63
C GLU E 31 29.22 25.28 26.62
N THR E 32 28.81 24.02 26.68
CA THR E 32 29.27 23.15 27.76
C THR E 32 30.47 22.30 27.34
N PHE E 33 30.54 21.94 26.07
CA PHE E 33 31.53 20.96 25.64
C PHE E 33 32.55 21.50 24.66
N LEU E 34 32.28 22.67 24.06
CA LEU E 34 33.20 23.16 23.02
C LEU E 34 33.90 24.44 23.45
N GLN E 35 35.07 24.66 22.87
CA GLN E 35 35.80 25.91 23.05
C GLN E 35 35.76 26.74 21.77
N ASP E 36 36.05 28.04 21.90
CA ASP E 36 36.12 28.97 20.75
C ASP E 36 34.87 28.89 19.89
N VAL E 37 33.73 28.93 20.54
CA VAL E 37 32.44 28.75 19.88
C VAL E 37 32.00 30.02 19.17
N ARG E 38 31.52 29.85 17.94
CA ARG E 38 30.75 30.89 17.27
C ARG E 38 29.41 30.34 16.80
N GLU E 39 28.39 31.19 16.90
CA GLU E 39 27.06 30.87 16.34
C GLU E 39 27.13 31.05 14.84
N VAL E 40 26.68 30.04 14.10
CA VAL E 40 26.77 30.12 12.65
C VAL E 40 25.42 30.06 11.95
N ASN E 41 24.34 29.75 12.67
CA ASN E 41 23.01 29.78 12.03
C ASN E 41 21.99 30.20 13.05
N ASN E 42 21.01 31.01 12.63
CA ASN E 42 19.87 31.27 13.50
C ASN E 42 18.54 31.48 12.79
N VAL E 43 18.51 31.19 11.49
CA VAL E 43 17.25 31.28 10.75
C VAL E 43 16.19 30.36 11.38
N ARG E 44 14.96 30.89 11.53
CA ARG E 44 13.87 30.14 12.16
C ARG E 44 14.17 29.73 13.60
N GLY E 45 15.17 30.38 14.21
CA GLY E 45 15.54 29.98 15.58
C GLY E 45 16.34 28.69 15.63
N MET E 46 16.73 28.15 14.47
CA MET E 46 17.38 26.81 14.47
C MET E 46 18.89 26.97 14.64
N LEU E 47 19.26 27.24 15.90
CA LEU E 47 20.62 27.61 16.31
C LEU E 47 21.64 26.56 15.93
N GLY E 48 22.73 27.02 15.30
CA GLY E 48 23.86 26.14 15.01
C GLY E 48 25.15 26.85 15.38
N PHE E 49 26.15 26.06 15.77
CA PHE E 49 27.40 26.57 16.37
C PHE E 49 28.58 25.75 15.84
N THR E 50 29.75 26.38 15.82
CA THR E 50 30.97 25.64 15.51
C THR E 50 32.02 26.05 16.55
N GLY E 51 32.75 25.05 17.04
CA GLY E 51 33.88 25.31 17.94
C GLY E 51 34.79 24.11 17.90
N THR E 52 35.52 23.87 18.99
CA THR E 52 36.42 22.71 19.02
C THR E 52 36.20 21.86 20.26
N TYR E 53 36.40 20.55 20.08
CA TYR E 53 36.42 19.63 21.18
C TYR E 53 37.82 19.02 21.26
N LYS E 54 38.51 19.25 22.37
CA LYS E 54 39.88 18.75 22.53
C LYS E 54 40.67 19.07 21.26
N GLY E 55 40.46 20.27 20.73
CA GLY E 55 41.25 20.73 19.57
C GLY E 55 40.67 20.42 18.21
N ARG E 56 39.64 19.58 18.16
CA ARG E 56 39.09 19.10 16.88
C ARG E 56 37.86 19.93 16.52
N LYS E 57 37.81 20.45 15.30
CA LYS E 57 36.65 21.29 14.89
C LYS E 57 35.40 20.42 14.88
N ILE E 58 34.36 20.91 15.55
CA ILE E 58 33.07 20.20 15.62
C ILE E 58 31.96 21.26 15.47
N SER E 59 30.84 20.91 14.83
CA SER E 59 29.66 21.81 14.82
C SER E 59 28.53 21.12 15.56
N VAL E 60 27.59 21.91 16.06
CA VAL E 60 26.35 21.35 16.63
C VAL E 60 25.19 22.24 16.27
N MET E 61 24.11 21.65 15.73
CA MET E 61 22.99 22.47 15.25
C MET E 61 21.71 21.68 15.42
N GLY E 62 20.65 22.35 15.87
CA GLY E 62 19.34 21.71 15.95
C GLY E 62 18.80 21.29 14.58
N HIS E 63 18.00 20.21 14.57
CA HIS E 63 17.33 19.78 13.33
C HIS E 63 15.81 19.88 13.37
N GLY E 64 15.25 20.26 14.53
CA GLY E 64 13.79 20.36 14.71
C GLY E 64 13.14 18.99 14.93
N MET E 65 11.82 18.97 15.11
CA MET E 65 11.16 17.69 15.40
C MET E 65 10.63 17.05 14.13
N GLY E 66 10.94 15.77 13.99
CA GLY E 66 10.33 14.95 12.93
C GLY E 66 11.16 14.84 11.67
N ILE E 67 10.86 13.79 10.91
CA ILE E 67 11.57 13.49 9.69
C ILE E 67 11.56 14.64 8.68
N PRO E 68 10.41 15.27 8.41
CA PRO E 68 10.45 16.33 7.38
C PRO E 68 11.35 17.49 7.80
N SER E 69 11.34 17.85 9.09
CA SER E 69 12.20 18.95 9.54
C SER E 69 13.68 18.58 9.44
N CYS E 70 14.04 17.42 9.99
CA CYS E 70 15.49 17.08 10.03
C CYS E 70 16.02 16.75 8.63
N SER E 71 15.12 16.29 7.73
CA SER E 71 15.55 15.97 6.36
C SER E 71 16.05 17.20 5.63
N ILE E 72 15.44 18.34 5.91
CA ILE E 72 15.85 19.58 5.24
C ILE E 72 17.23 19.97 5.74
N TYR E 73 17.45 19.99 7.06
CA TYR E 73 18.75 20.45 7.56
C TYR E 73 19.88 19.51 7.19
N ALA E 74 19.61 18.20 7.25
CA ALA E 74 20.65 17.21 7.01
C ALA E 74 21.07 17.30 5.53
N LYS E 75 20.09 17.39 4.62
CA LYS E 75 20.42 17.48 3.17
C LYS E 75 21.32 18.68 2.90
N GLU E 76 20.91 19.85 3.38
CA GLU E 76 21.64 21.08 3.12
C GLU E 76 23.02 21.03 3.70
N LEU E 77 23.18 20.50 4.91
CA LEU E 77 24.56 20.40 5.48
C LEU E 77 25.46 19.56 4.60
N ILE E 78 24.93 18.42 4.15
CA ILE E 78 25.71 17.57 3.23
C ILE E 78 26.00 18.24 1.89
N THR E 79 24.97 18.72 1.20
CA THR E 79 25.22 19.13 -0.20
C THR E 79 25.78 20.54 -0.29
N ASP E 80 25.42 21.40 0.66
CA ASP E 80 25.79 22.82 0.55
C ASP E 80 26.98 23.20 1.45
N PHE E 81 27.19 22.45 2.52
CA PHE E 81 28.28 22.78 3.46
C PHE E 81 29.36 21.70 3.60
N GLY E 82 29.26 20.66 2.76
CA GLY E 82 30.27 19.59 2.67
C GLY E 82 30.41 18.70 3.90
N VAL E 83 29.35 18.61 4.70
CA VAL E 83 29.40 17.82 5.92
C VAL E 83 29.49 16.33 5.56
N LYS E 84 30.37 15.61 6.25
CA LYS E 84 30.64 14.20 5.95
C LYS E 84 29.95 13.26 6.94
N LYS E 85 29.80 13.71 8.17
CA LYS E 85 29.22 12.84 9.19
C LYS E 85 28.24 13.66 10.01
N ILE E 86 27.06 13.09 10.24
CA ILE E 86 26.09 13.70 11.15
C ILE E 86 25.81 12.73 12.29
N ILE E 87 25.94 13.20 13.52
CA ILE E 87 25.54 12.35 14.65
C ILE E 87 24.37 13.00 15.33
N ARG E 88 23.21 12.38 15.15
CA ARG E 88 22.04 12.89 15.83
C ARG E 88 22.21 12.53 17.31
N VAL E 89 21.97 13.50 18.17
CA VAL E 89 22.07 13.30 19.62
C VAL E 89 20.70 13.61 20.25
N GLY E 90 19.87 12.58 20.38
CA GLY E 90 18.42 12.77 20.47
C GLY E 90 17.90 12.33 21.82
N SER E 91 16.59 12.42 22.00
CA SER E 91 15.93 11.76 23.12
C SER E 91 15.08 10.61 22.54
N CYS E 92 14.53 9.75 23.38
CA CYS E 92 13.61 8.74 22.86
C CYS E 92 12.69 8.24 23.96
N GLY E 93 11.63 7.55 23.55
CA GLY E 93 10.72 6.93 24.50
C GLY E 93 10.90 5.41 24.52
N ALA E 94 10.96 4.81 25.70
CA ALA E 94 11.25 3.36 25.79
C ALA E 94 9.95 2.57 25.75
N VAL E 95 9.97 1.40 25.10
CA VAL E 95 8.83 0.48 25.16
C VAL E 95 9.16 -0.81 25.88
N ARG E 96 10.45 -1.09 26.09
CA ARG E 96 10.89 -2.33 26.76
C ARG E 96 10.97 -2.13 28.25
N THR E 97 10.68 -3.19 29.01
CA THR E 97 10.79 -3.12 30.47
C THR E 97 12.23 -2.96 30.91
N ASP E 98 13.15 -3.51 30.13
CA ASP E 98 14.56 -3.47 30.52
C ASP E 98 15.29 -2.20 30.05
N VAL E 99 14.55 -1.22 29.52
CA VAL E 99 15.14 0.07 29.12
C VAL E 99 14.58 1.18 30.01
N LYS E 100 15.45 1.97 30.64
CA LYS E 100 15.05 2.86 31.71
C LYS E 100 15.36 4.30 31.36
N LEU E 101 14.67 5.24 32.03
CA LEU E 101 15.00 6.66 31.85
C LEU E 101 16.49 6.91 32.01
N ARG E 102 17.03 7.70 31.08
CA ARG E 102 18.43 8.12 31.03
C ARG E 102 19.39 7.07 30.50
N ASP E 103 18.88 5.89 30.14
CA ASP E 103 19.71 4.95 29.41
C ASP E 103 20.08 5.54 28.03
N VAL E 104 21.26 5.20 27.55
CA VAL E 104 21.68 5.63 26.21
C VAL E 104 21.56 4.45 25.25
N VAL E 105 21.00 4.71 24.07
CA VAL E 105 20.78 3.66 23.07
C VAL E 105 21.37 4.14 21.77
N ILE E 106 21.85 3.18 20.99
CA ILE E 106 22.54 3.49 19.73
C ILE E 106 21.76 2.85 18.60
N GLY E 107 21.33 3.68 17.64
CA GLY E 107 20.45 3.19 16.58
C GLY E 107 21.21 2.67 15.38
N MET E 108 21.61 1.41 15.41
N MET E 108 21.64 1.41 15.42
CA MET E 108 22.27 0.83 14.25
CA MET E 108 22.27 0.84 14.22
C MET E 108 21.30 0.70 13.07
C MET E 108 21.28 0.83 13.06
N GLY E 109 20.01 0.64 13.38
CA GLY E 109 18.96 0.76 12.36
C GLY E 109 17.83 1.62 12.93
N ALA E 110 16.94 2.06 12.04
CA ALA E 110 15.74 2.80 12.46
C ALA E 110 14.58 2.36 11.59
N CYS E 111 13.61 1.72 12.21
CA CYS E 111 12.32 1.42 11.61
C CYS E 111 11.57 2.72 11.47
N THR E 112 10.45 2.72 10.73
CA THR E 112 9.67 3.95 10.64
C THR E 112 8.26 3.68 10.14
N ASP E 113 7.33 4.56 10.53
CA ASP E 113 5.99 4.60 9.88
C ASP E 113 5.78 5.75 8.90
N SER E 114 6.89 6.40 8.56
CA SER E 114 6.90 7.46 7.54
C SER E 114 6.90 6.83 6.17
N LYS E 115 6.43 7.59 5.18
CA LYS E 115 6.45 7.15 3.80
C LYS E 115 7.71 7.64 3.08
N VAL E 116 8.62 8.33 3.75
CA VAL E 116 9.69 9.01 2.97
C VAL E 116 10.66 8.04 2.29
N ASN E 117 11.03 6.97 2.98
CA ASN E 117 11.98 6.02 2.33
C ASN E 117 11.30 5.17 1.27
N ARG E 118 9.99 4.90 1.43
CA ARG E 118 9.21 4.32 0.32
C ARG E 118 9.21 5.23 -0.91
N MET E 119 9.16 6.55 -0.71
CA MET E 119 9.20 7.47 -1.86
C MET E 119 10.55 7.43 -2.58
N ARG E 120 11.60 7.24 -1.80
CA ARG E 120 12.97 7.13 -2.36
C ARG E 120 13.21 5.77 -3.02
N PHE E 121 12.53 4.74 -2.56
CA PHE E 121 12.98 3.34 -2.87
C PHE E 121 11.90 2.49 -3.56
N LYS E 122 11.13 3.14 -4.46
CA LYS E 122 10.12 2.49 -5.30
C LYS E 122 9.13 1.67 -4.47
N ASP E 123 8.75 2.21 -3.32
CA ASP E 123 7.76 1.57 -2.43
C ASP E 123 8.19 0.22 -1.83
N HIS E 124 9.50 -0.02 -1.80
CA HIS E 124 10.04 -1.24 -1.18
C HIS E 124 10.51 -0.94 0.22
N ASP E 125 11.08 -1.92 0.91
CA ASP E 125 11.60 -1.68 2.24
C ASP E 125 13.06 -1.28 2.13
N TYR E 126 13.36 0.00 2.38
CA TYR E 126 14.72 0.46 2.57
C TYR E 126 15.12 0.28 4.05
N ALA E 127 16.19 -0.49 4.31
CA ALA E 127 16.64 -0.67 5.69
C ALA E 127 17.44 0.55 6.09
N ALA E 128 16.85 1.41 6.91
CA ALA E 128 17.53 2.66 7.24
C ALA E 128 18.59 2.41 8.33
N ILE E 129 19.84 2.37 7.89
CA ILE E 129 20.96 2.01 8.78
C ILE E 129 21.97 3.12 8.96
N ALA E 130 22.62 3.10 10.12
CA ALA E 130 23.76 3.99 10.42
C ALA E 130 24.99 3.55 9.61
N ASP E 131 25.99 4.40 9.56
CA ASP E 131 27.30 3.98 9.09
C ASP E 131 27.92 2.98 10.08
N PHE E 132 28.46 1.87 9.59
CA PHE E 132 29.02 0.88 10.51
C PHE E 132 30.16 1.43 11.37
N GLU E 133 31.18 2.01 10.76
CA GLU E 133 32.28 2.50 11.57
C GLU E 133 31.86 3.54 12.59
N MET E 134 30.95 4.44 12.23
CA MET E 134 30.50 5.43 13.21
C MET E 134 29.84 4.72 14.39
N THR E 135 29.06 3.67 14.10
CA THR E 135 28.39 2.91 15.15
C THR E 135 29.45 2.27 16.05
N ARG E 136 30.42 1.56 15.44
CA ARG E 136 31.49 0.96 16.22
C ARG E 136 32.21 1.99 17.09
N ASN E 137 32.53 3.15 16.51
CA ASN E 137 33.21 4.21 17.29
C ASN E 137 32.38 4.62 18.52
N ALA E 138 31.07 4.74 18.34
CA ALA E 138 30.16 5.08 19.47
C ALA E 138 30.13 4.00 20.54
N VAL E 139 30.06 2.74 20.12
CA VAL E 139 30.06 1.61 21.08
C VAL E 139 31.38 1.61 21.84
N ASP E 140 32.49 1.80 21.12
CA ASP E 140 33.79 1.78 21.76
C ASP E 140 33.95 2.98 22.70
N ALA E 141 33.48 4.16 22.29
CA ALA E 141 33.56 5.32 23.14
C ALA E 141 32.75 5.13 24.40
N ALA E 142 31.55 4.58 24.25
CA ALA E 142 30.73 4.27 25.46
C ALA E 142 31.48 3.35 26.43
N LYS E 143 32.13 2.32 25.90
CA LYS E 143 32.89 1.42 26.74
C LYS E 143 33.99 2.18 27.48
N ALA E 144 34.69 3.06 26.77
CA ALA E 144 35.77 3.85 27.38
C ALA E 144 35.25 4.83 28.44
N LYS E 145 34.02 5.30 28.26
CA LYS E 145 33.36 6.21 29.21
C LYS E 145 32.67 5.47 30.34
N GLY E 146 32.61 4.14 30.29
CA GLY E 146 31.96 3.41 31.36
C GLY E 146 30.44 3.55 31.37
N VAL E 147 29.87 3.85 30.19
CA VAL E 147 28.43 4.02 30.05
C VAL E 147 27.84 2.81 29.34
N ASN E 148 26.90 2.13 30.01
CA ASN E 148 26.21 0.98 29.38
C ASN E 148 25.37 1.45 28.21
N VAL E 149 25.50 0.79 27.06
CA VAL E 149 24.63 1.15 25.92
C VAL E 149 23.96 -0.09 25.41
N ARG E 150 22.82 0.06 24.72
CA ARG E 150 22.29 -1.03 23.88
C ARG E 150 22.36 -0.56 22.43
N VAL E 151 22.62 -1.47 21.51
CA VAL E 151 22.77 -1.11 20.10
C VAL E 151 21.77 -1.95 19.32
N GLY E 152 20.96 -1.31 18.48
CA GLY E 152 19.89 -2.04 17.83
C GLY E 152 19.00 -1.10 17.03
N ASN E 153 17.72 -1.42 16.97
CA ASN E 153 16.75 -0.64 16.19
C ASN E 153 16.09 0.45 17.00
N LEU E 154 16.00 1.64 16.43
CA LEU E 154 15.07 2.65 16.92
C LEU E 154 13.79 2.53 16.08
N PHE E 155 12.74 3.24 16.49
CA PHE E 155 11.56 3.38 15.62
C PHE E 155 11.28 4.90 15.50
N SER E 156 11.35 5.40 14.25
CA SER E 156 11.15 6.83 13.98
C SER E 156 9.66 6.99 13.61
N ALA E 157 8.88 7.51 14.56
CA ALA E 157 7.45 7.73 14.36
C ALA E 157 7.18 9.10 13.72
N ASP E 158 6.07 9.16 12.96
CA ASP E 158 5.56 10.45 12.52
C ASP E 158 4.62 11.09 13.53
N LEU E 159 3.94 10.27 14.35
CA LEU E 159 2.95 10.81 15.29
C LEU E 159 3.36 10.43 16.70
N PHE E 160 3.87 11.44 17.41
CA PHE E 160 4.14 11.33 18.85
C PHE E 160 2.87 10.90 19.58
N TYR E 161 1.76 11.57 19.29
CA TYR E 161 0.45 11.23 19.83
C TYR E 161 -0.19 10.22 18.86
N THR E 162 0.33 8.99 18.88
CA THR E 162 -0.15 7.97 17.96
C THR E 162 -1.60 7.49 18.13
N PRO E 163 -2.34 7.34 17.01
CA PRO E 163 -3.67 6.77 17.02
C PRO E 163 -3.62 5.23 17.14
N ASP E 164 -2.41 4.67 17.17
CA ASP E 164 -2.27 3.20 17.22
C ASP E 164 -1.28 2.78 18.32
N PRO E 165 -1.65 2.98 19.61
CA PRO E 165 -0.71 2.59 20.68
C PRO E 165 -0.41 1.07 20.70
N GLN E 166 -1.26 0.25 20.08
CA GLN E 166 -0.94 -1.18 20.01
C GLN E 166 0.40 -1.42 19.29
N MET E 167 0.77 -0.53 18.37
CA MET E 167 2.03 -0.69 17.66
C MET E 167 3.20 -0.75 18.64
N PHE E 168 3.08 -0.09 19.79
CA PHE E 168 4.20 -0.15 20.75
C PHE E 168 4.45 -1.59 21.19
N ASP E 169 3.39 -2.40 21.27
CA ASP E 169 3.55 -3.83 21.65
C ASP E 169 4.36 -4.56 20.57
N VAL E 170 4.06 -4.26 19.31
CA VAL E 170 4.84 -4.80 18.17
C VAL E 170 6.32 -4.38 18.21
N MET E 171 6.54 -3.07 18.43
CA MET E 171 7.88 -2.57 18.62
C MET E 171 8.61 -3.33 19.74
N GLU E 172 7.93 -3.51 20.87
CA GLU E 172 8.56 -4.13 22.00
C GLU E 172 8.94 -5.59 21.68
N LYS E 173 8.02 -6.32 21.04
N LYS E 173 8.04 -6.29 20.98
CA LYS E 173 8.26 -7.68 20.59
CA LYS E 173 8.25 -7.69 20.62
C LYS E 173 9.55 -7.75 19.77
C LYS E 173 9.34 -7.88 19.57
N TYR E 174 9.69 -6.79 18.87
CA TYR E 174 10.77 -6.79 17.88
C TYR E 174 12.07 -6.14 18.42
N GLY E 175 12.07 -5.85 19.72
CA GLY E 175 13.27 -5.40 20.42
C GLY E 175 13.61 -3.94 20.23
N ILE E 176 12.64 -3.14 19.77
CA ILE E 176 12.91 -1.70 19.54
C ILE E 176 13.40 -1.03 20.81
N LEU E 177 14.50 -0.28 20.69
CA LEU E 177 15.18 0.23 21.89
C LEU E 177 14.63 1.58 22.32
N GLY E 178 14.16 2.33 21.35
CA GLY E 178 13.64 3.65 21.62
C GLY E 178 12.76 4.10 20.48
N VAL E 179 11.76 4.90 20.84
CA VAL E 179 10.88 5.54 19.86
C VAL E 179 11.30 6.99 19.78
N GLU E 180 11.72 7.41 18.59
CA GLU E 180 11.97 8.85 18.39
C GLU E 180 11.29 9.23 17.08
N MET E 181 11.74 10.29 16.40
CA MET E 181 10.96 10.74 15.26
C MET E 181 11.81 11.14 14.09
N GLU E 182 13.08 10.70 14.05
CA GLU E 182 14.02 11.33 13.10
C GLU E 182 15.02 10.42 12.42
N ALA E 183 15.56 9.47 13.17
CA ALA E 183 16.68 8.67 12.66
C ALA E 183 16.46 8.13 11.25
N ALA E 184 15.30 7.48 11.00
CA ALA E 184 15.13 6.83 9.71
C ALA E 184 15.18 7.85 8.56
N GLY E 185 14.79 9.10 8.84
CA GLY E 185 14.85 10.17 7.87
C GLY E 185 16.28 10.63 7.68
N ILE E 186 17.03 10.78 8.77
CA ILE E 186 18.45 11.15 8.67
C ILE E 186 19.24 10.10 7.90
N TYR E 187 18.94 8.84 8.16
CA TYR E 187 19.68 7.74 7.51
C TYR E 187 19.31 7.67 6.00
N GLY E 188 18.05 7.96 5.66
CA GLY E 188 17.69 8.04 4.26
C GLY E 188 18.37 9.15 3.49
N VAL E 189 18.44 10.34 4.10
CA VAL E 189 19.14 11.47 3.51
C VAL E 189 20.62 11.19 3.35
N ALA E 190 21.21 10.57 4.37
CA ALA E 190 22.66 10.32 4.35
C ALA E 190 22.97 9.40 3.20
N ALA E 191 22.16 8.36 3.03
CA ALA E 191 22.38 7.47 1.88
C ALA E 191 22.11 8.18 0.55
N GLU E 192 21.00 8.93 0.47
CA GLU E 192 20.61 9.61 -0.79
C GLU E 192 21.74 10.50 -1.31
N PHE E 193 22.36 11.23 -0.38
CA PHE E 193 23.35 12.26 -0.76
C PHE E 193 24.80 11.87 -0.46
N GLY E 194 24.99 10.59 -0.13
CA GLY E 194 26.31 9.98 -0.06
C GLY E 194 27.15 10.43 1.14
N ALA E 195 26.51 10.65 2.29
CA ALA E 195 27.25 10.90 3.53
C ALA E 195 27.01 9.81 4.60
N LYS E 196 27.45 10.04 5.82
CA LYS E 196 27.40 9.00 6.87
C LYS E 196 26.65 9.55 8.06
N ALA E 197 25.85 8.72 8.71
CA ALA E 197 25.14 9.24 9.88
C ALA E 197 24.98 8.17 10.96
N LEU E 198 24.73 8.63 12.19
CA LEU E 198 24.45 7.74 13.34
C LEU E 198 23.50 8.51 14.27
N THR E 199 22.59 7.78 14.89
CA THR E 199 21.74 8.37 15.93
C THR E 199 22.02 7.70 17.28
N ILE E 200 22.31 8.54 18.28
CA ILE E 200 22.45 8.10 19.67
C ILE E 200 21.35 8.85 20.44
N CYS E 201 20.59 8.14 21.28
CA CYS E 201 19.51 8.81 22.03
C CYS E 201 19.60 8.51 23.48
N THR E 202 19.08 9.43 24.28
CA THR E 202 18.93 9.20 25.71
C THR E 202 17.42 9.02 25.97
N VAL E 203 17.09 8.03 26.79
CA VAL E 203 15.69 7.73 27.08
C VAL E 203 15.10 8.82 27.99
N SER E 204 14.12 9.55 27.47
CA SER E 204 13.58 10.70 28.16
C SER E 204 12.16 10.46 28.65
N ASP E 205 11.54 9.36 28.17
CA ASP E 205 10.16 9.04 28.55
C ASP E 205 10.10 7.54 28.62
N HIS E 206 9.27 7.00 29.51
CA HIS E 206 8.93 5.59 29.36
C HIS E 206 7.48 5.47 28.96
N ILE E 207 7.25 4.90 27.79
CA ILE E 207 5.90 4.81 27.24
C ILE E 207 5.01 3.90 28.05
N ARG E 208 5.60 2.92 28.72
CA ARG E 208 4.79 2.05 29.56
C ARG E 208 4.49 2.62 30.94
N THR E 209 5.47 3.25 31.58
CA THR E 209 5.23 3.65 32.98
C THR E 209 4.67 5.06 33.02
N GLY E 210 4.82 5.78 31.91
CA GLY E 210 4.42 7.18 31.86
C GLY E 210 5.41 8.16 32.43
N GLU E 211 6.53 7.69 32.93
N GLU E 211 6.54 7.66 32.92
CA GLU E 211 7.47 8.63 33.56
CA GLU E 211 7.60 8.53 33.45
C GLU E 211 8.16 9.48 32.49
C GLU E 211 8.01 9.52 32.36
N GLN E 212 8.20 10.79 32.72
CA GLN E 212 8.68 11.80 31.75
C GLN E 212 9.74 12.69 32.39
N THR E 213 10.86 12.93 31.74
CA THR E 213 11.80 13.91 32.24
C THR E 213 11.23 15.30 31.89
N THR E 214 11.68 16.34 32.57
CA THR E 214 11.14 17.67 32.30
C THR E 214 11.77 18.23 31.02
N ALA E 215 11.17 19.30 30.49
CA ALA E 215 11.78 20.00 29.37
C ALA E 215 13.21 20.45 29.69
N ALA E 216 13.42 20.96 30.91
CA ALA E 216 14.75 21.42 31.32
C ALA E 216 15.77 20.29 31.36
N GLU E 217 15.34 19.10 31.82
CA GLU E 217 16.25 17.95 31.87
C GLU E 217 16.67 17.51 30.46
N ARG E 218 15.75 17.53 29.49
CA ARG E 218 16.09 17.16 28.12
C ARG E 218 17.06 18.16 27.53
N GLN E 219 16.89 19.41 27.92
CA GLN E 219 17.69 20.47 27.30
C GLN E 219 19.13 20.47 27.80
N THR E 220 19.36 20.14 29.07
CA THR E 220 20.70 20.39 29.64
C THR E 220 21.26 19.31 30.56
N THR E 221 20.78 18.10 30.45
CA THR E 221 21.15 17.13 31.45
C THR E 221 21.57 15.78 30.83
N PHE E 222 21.46 15.66 29.51
CA PHE E 222 21.76 14.36 28.88
C PHE E 222 23.23 14.35 28.45
N ASN E 223 24.12 14.31 29.44
CA ASN E 223 25.55 14.48 29.17
C ASN E 223 26.20 13.22 28.57
N ASP E 224 25.85 12.05 29.11
CA ASP E 224 26.46 10.80 28.65
C ASP E 224 26.46 10.69 27.12
N MET E 225 25.31 10.94 26.48
CA MET E 225 25.28 10.72 25.02
C MET E 225 26.17 11.71 24.30
N ILE E 226 26.32 12.92 24.85
CA ILE E 226 27.17 13.91 24.17
C ILE E 226 28.65 13.55 24.32
N GLU E 227 29.02 13.13 25.51
CA GLU E 227 30.41 12.67 25.76
C GLU E 227 30.75 11.47 24.88
N ILE E 228 29.77 10.59 24.73
CA ILE E 228 29.96 9.43 23.86
C ILE E 228 30.09 9.90 22.40
N ALA E 229 29.21 10.78 21.96
CA ALA E 229 29.25 11.24 20.57
C ALA E 229 30.58 11.90 20.26
N LEU E 230 31.01 12.82 21.13
CA LEU E 230 32.25 13.57 20.85
C LEU E 230 33.49 12.68 20.87
N GLU E 231 33.59 11.82 21.87
CA GLU E 231 34.73 10.90 21.92
C GLU E 231 34.68 9.95 20.71
N SER E 232 33.47 9.60 20.25
CA SER E 232 33.38 8.67 19.10
C SER E 232 33.96 9.29 17.83
N VAL E 233 33.85 10.61 17.71
CA VAL E 233 34.41 11.31 16.56
C VAL E 233 35.95 11.17 16.56
N LEU E 234 36.56 11.35 17.74
CA LEU E 234 38.01 11.25 17.86
C LEU E 234 38.48 9.83 17.50
N LEU E 235 37.71 8.83 17.91
CA LEU E 235 38.02 7.45 17.53
C LEU E 235 37.99 7.27 16.02
N GLY E 236 36.96 7.81 15.38
CA GLY E 236 36.83 7.72 13.92
C GLY E 236 37.94 8.43 13.17
N ASP E 237 38.54 9.46 13.78
CA ASP E 237 39.61 10.20 13.12
C ASP E 237 40.88 9.39 13.08
N ASN E 238 41.05 8.52 14.07
CA ASN E 238 42.33 7.88 14.31
C ASN E 238 42.41 6.44 13.77
N ALA E 239 41.40 6.05 13.01
CA ALA E 239 41.33 4.68 12.42
C ALA E 239 41.28 3.56 13.49
N ALA F 2 10.24 -34.04 14.51
CA ALA F 2 8.74 -34.03 14.44
C ALA F 2 8.25 -33.00 13.41
N THR F 3 9.13 -32.08 13.02
CA THR F 3 8.87 -31.12 11.94
C THR F 3 8.97 -31.73 10.52
N PRO F 4 8.20 -31.20 9.56
CA PRO F 4 8.31 -31.70 8.19
C PRO F 4 9.61 -31.31 7.49
N HIS F 5 10.44 -30.44 8.09
CA HIS F 5 11.59 -29.87 7.39
C HIS F 5 12.94 -30.32 7.87
N ILE F 6 13.01 -30.74 9.12
CA ILE F 6 14.28 -31.10 9.76
C ILE F 6 14.07 -32.41 10.50
N ASN F 7 14.89 -33.42 10.19
CA ASN F 7 14.77 -34.76 10.81
C ASN F 7 15.93 -34.98 11.78
N ALA F 8 16.18 -34.02 12.65
CA ALA F 8 17.22 -34.12 13.63
C ALA F 8 16.58 -34.14 15.03
N GLU F 9 17.36 -34.46 16.05
CA GLU F 9 16.89 -34.34 17.44
C GLU F 9 17.55 -33.13 18.08
N MET F 10 16.87 -32.53 19.07
CA MET F 10 17.50 -31.50 19.90
C MET F 10 18.88 -32.00 20.34
N GLY F 11 19.87 -31.13 20.27
CA GLY F 11 21.24 -31.52 20.59
C GLY F 11 22.08 -31.69 19.34
N ASP F 12 21.44 -31.98 18.21
CA ASP F 12 22.17 -32.30 17.00
C ASP F 12 22.84 -31.08 16.41
N PHE F 13 22.27 -29.90 16.65
CA PHE F 13 22.85 -28.66 16.12
C PHE F 13 23.63 -27.92 17.20
N ALA F 14 24.71 -27.28 16.80
CA ALA F 14 25.45 -26.36 17.67
C ALA F 14 24.58 -25.13 17.90
N ASP F 15 25.02 -24.28 18.83
CA ASP F 15 24.30 -23.04 19.12
C ASP F 15 24.51 -21.98 18.01
N VAL F 16 25.45 -22.25 17.12
CA VAL F 16 25.75 -21.38 15.99
C VAL F 16 25.66 -22.21 14.73
N VAL F 17 24.88 -21.75 13.76
CA VAL F 17 24.77 -22.46 12.50
C VAL F 17 25.13 -21.53 11.37
N LEU F 18 26.08 -21.95 10.52
CA LEU F 18 26.35 -21.27 9.25
C LEU F 18 25.36 -21.78 8.22
N MET F 19 24.82 -20.90 7.39
CA MET F 19 23.83 -21.33 6.39
C MET F 19 24.04 -20.71 5.02
N PRO F 20 24.51 -21.51 4.06
CA PRO F 20 24.47 -21.11 2.65
C PRO F 20 23.09 -21.49 2.09
N GLY F 21 22.73 -20.94 0.95
CA GLY F 21 21.46 -21.33 0.28
C GLY F 21 21.54 -22.76 -0.26
N ASP F 22 22.75 -23.16 -0.64
CA ASP F 22 22.98 -24.39 -1.42
C ASP F 22 23.38 -25.50 -0.43
N PRO F 23 22.57 -26.57 -0.33
CA PRO F 23 22.98 -27.65 0.58
C PRO F 23 24.33 -28.30 0.18
N LEU F 24 24.67 -28.28 -1.11
CA LEU F 24 25.97 -28.84 -1.54
C LEU F 24 27.14 -27.96 -1.05
N ARG F 25 26.91 -26.66 -0.96
CA ARG F 25 27.92 -25.80 -0.35
C ARG F 25 28.03 -26.09 1.15
N ALA F 26 26.91 -26.37 1.80
CA ALA F 26 26.98 -26.74 3.23
C ALA F 26 27.82 -28.00 3.39
N LYS F 27 27.60 -28.99 2.53
CA LYS F 27 28.40 -30.21 2.57
C LYS F 27 29.89 -29.91 2.38
N PHE F 28 30.21 -29.10 1.36
CA PHE F 28 31.60 -28.73 1.12
C PHE F 28 32.20 -27.96 2.31
N ILE F 29 31.44 -27.03 2.87
CA ILE F 29 31.97 -26.30 4.02
C ILE F 29 32.26 -27.25 5.18
N ALA F 30 31.32 -28.14 5.49
CA ALA F 30 31.49 -29.06 6.61
C ALA F 30 32.72 -29.94 6.41
N GLU F 31 32.87 -30.47 5.21
CA GLU F 31 33.92 -31.46 4.92
C GLU F 31 35.30 -30.82 4.82
N THR F 32 35.33 -29.56 4.45
CA THR F 32 36.57 -28.83 4.29
C THR F 32 37.08 -28.14 5.55
N PHE F 33 36.19 -27.59 6.36
CA PHE F 33 36.57 -26.71 7.45
C PHE F 33 36.40 -27.33 8.82
N LEU F 34 35.58 -28.39 8.91
CA LEU F 34 35.23 -28.94 10.23
C LEU F 34 35.81 -30.33 10.46
N GLN F 35 36.01 -30.65 11.73
CA GLN F 35 36.44 -31.99 12.13
C GLN F 35 35.28 -32.77 12.76
N ASP F 36 35.35 -34.10 12.68
CA ASP F 36 34.38 -34.99 13.34
C ASP F 36 32.95 -34.67 12.94
N VAL F 37 32.75 -34.63 11.64
CA VAL F 37 31.53 -34.14 11.07
C VAL F 37 30.52 -35.27 11.03
N ARG F 38 29.27 -34.93 11.35
CA ARG F 38 28.13 -35.82 11.23
C ARG F 38 27.07 -35.10 10.39
N GLU F 39 26.40 -35.84 9.52
CA GLU F 39 25.22 -35.32 8.82
C GLU F 39 24.05 -35.42 9.78
N VAL F 40 23.31 -34.32 9.96
CA VAL F 40 22.23 -34.31 10.92
C VAL F 40 20.87 -34.01 10.32
N ASN F 41 20.82 -33.54 9.07
CA ASN F 41 19.55 -33.36 8.35
C ASN F 41 19.70 -33.74 6.88
N ASN F 42 18.67 -34.37 6.33
CA ASN F 42 18.59 -34.58 4.89
C ASN F 42 17.19 -34.57 4.29
N VAL F 43 16.19 -34.19 5.07
CA VAL F 43 14.82 -34.05 4.52
C VAL F 43 14.83 -33.01 3.37
N ARG F 44 14.11 -33.32 2.29
CA ARG F 44 14.04 -32.49 1.10
C ARG F 44 15.41 -32.21 0.50
N GLY F 45 16.39 -33.04 0.85
CA GLY F 45 17.77 -32.83 0.35
C GLY F 45 18.47 -31.62 0.96
N MET F 46 17.90 -31.06 2.02
CA MET F 46 18.46 -29.83 2.62
C MET F 46 19.51 -30.17 3.68
N LEU F 47 20.67 -30.56 3.18
CA LEU F 47 21.72 -31.17 4.00
C LEU F 47 22.17 -30.25 5.13
N GLY F 48 22.28 -30.81 6.34
CA GLY F 48 22.88 -30.10 7.45
C GLY F 48 23.88 -30.99 8.17
N PHE F 49 24.86 -30.37 8.82
CA PHE F 49 26.01 -31.08 9.40
C PHE F 49 26.42 -30.38 10.71
N THR F 50 27.05 -31.14 11.60
CA THR F 50 27.63 -30.59 12.81
C THR F 50 29.02 -31.19 12.96
N GLY F 51 29.98 -30.32 13.24
CA GLY F 51 31.35 -30.75 13.54
C GLY F 51 31.96 -29.76 14.50
N THR F 52 33.30 -29.71 14.54
CA THR F 52 34.01 -28.69 15.31
C THR F 52 34.99 -27.92 14.46
N TYR F 53 35.16 -26.64 14.82
CA TYR F 53 36.19 -25.80 14.23
C TYR F 53 37.09 -25.35 15.36
N LYS F 54 38.37 -25.66 15.26
CA LYS F 54 39.30 -25.41 16.37
C LYS F 54 38.67 -25.77 17.72
N GLY F 55 38.01 -26.92 17.76
CA GLY F 55 37.49 -27.43 19.03
C GLY F 55 36.08 -26.96 19.39
N ARG F 56 35.57 -25.96 18.68
CA ARG F 56 34.27 -25.39 19.00
C ARG F 56 33.18 -26.03 18.15
N LYS F 57 32.07 -26.42 18.77
CA LYS F 57 30.96 -27.01 18.01
C LYS F 57 30.39 -26.01 17.02
N ILE F 58 30.19 -26.44 15.78
CA ILE F 58 29.65 -25.58 14.73
C ILE F 58 28.74 -26.42 13.83
N SER F 59 27.57 -25.89 13.46
CA SER F 59 26.76 -26.56 12.45
C SER F 59 26.77 -25.78 11.13
N VAL F 60 26.50 -26.46 10.03
CA VAL F 60 26.34 -25.82 8.72
C VAL F 60 25.22 -26.51 7.98
N MET F 61 24.25 -25.72 7.50
CA MET F 61 23.08 -26.30 6.88
C MET F 61 22.54 -25.36 5.81
N GLY F 62 22.13 -25.94 4.69
CA GLY F 62 21.50 -25.15 3.62
C GLY F 62 20.17 -24.56 4.04
N HIS F 63 19.79 -23.43 3.45
CA HIS F 63 18.48 -22.85 3.78
C HIS F 63 17.60 -22.69 2.52
N GLY F 64 18.11 -23.09 1.36
CA GLY F 64 17.36 -22.98 0.10
C GLY F 64 17.33 -21.56 -0.44
N MET F 65 16.68 -21.35 -1.58
CA MET F 65 16.70 -20.00 -2.16
C MET F 65 15.44 -19.24 -1.77
N GLY F 66 15.64 -18.03 -1.30
CA GLY F 66 14.54 -17.09 -1.16
C GLY F 66 14.08 -16.99 0.29
N ILE F 67 13.45 -15.85 0.58
CA ILE F 67 12.92 -15.61 1.93
C ILE F 67 11.97 -16.65 2.50
N PRO F 68 10.99 -17.13 1.72
CA PRO F 68 10.08 -18.09 2.32
C PRO F 68 10.79 -19.42 2.68
N SER F 69 11.74 -19.85 1.87
CA SER F 69 12.53 -21.04 2.20
C SER F 69 13.37 -20.88 3.48
N CYS F 70 14.21 -19.85 3.52
CA CYS F 70 15.14 -19.73 4.66
C CYS F 70 14.39 -19.37 5.95
N SER F 71 13.21 -18.75 5.82
CA SER F 71 12.42 -18.37 6.99
C SER F 71 11.97 -19.60 7.77
N ILE F 72 11.62 -20.66 7.04
CA ILE F 72 11.20 -21.90 7.68
C ILE F 72 12.37 -22.51 8.46
N TYR F 73 13.51 -22.67 7.80
CA TYR F 73 14.66 -23.31 8.47
C TYR F 73 15.20 -22.48 9.62
N ALA F 74 15.25 -21.16 9.45
CA ALA F 74 15.77 -20.32 10.53
C ALA F 74 14.86 -20.39 11.74
N LYS F 75 13.55 -20.29 11.49
CA LYS F 75 12.59 -20.32 12.60
C LYS F 75 12.74 -21.61 13.42
N GLU F 76 12.74 -22.74 12.71
CA GLU F 76 12.85 -24.02 13.37
C GLU F 76 14.16 -24.19 14.14
N LEU F 77 15.28 -23.76 13.56
CA LEU F 77 16.56 -23.92 14.26
C LEU F 77 16.49 -23.19 15.60
N ILE F 78 15.93 -21.97 15.57
CA ILE F 78 15.83 -21.18 16.79
C ILE F 78 14.83 -21.78 17.79
N THR F 79 13.60 -22.09 17.39
CA THR F 79 12.61 -22.45 18.41
C THR F 79 12.70 -23.93 18.79
N ASP F 80 13.16 -24.75 17.86
CA ASP F 80 13.07 -26.20 18.07
C ASP F 80 14.42 -26.81 18.40
N PHE F 81 15.50 -26.09 18.09
CA PHE F 81 16.85 -26.66 18.29
C PHE F 81 17.75 -25.73 19.10
N GLY F 82 17.17 -24.65 19.63
CA GLY F 82 17.85 -23.74 20.55
C GLY F 82 19.01 -22.97 19.97
N VAL F 83 19.03 -22.83 18.64
CA VAL F 83 20.12 -22.10 17.97
C VAL F 83 20.08 -20.63 18.41
N LYS F 84 21.24 -20.11 18.81
CA LYS F 84 21.36 -18.73 19.27
C LYS F 84 21.80 -17.78 18.18
N LYS F 85 22.59 -18.26 17.22
CA LYS F 85 23.18 -17.40 16.22
C LYS F 85 23.10 -18.10 14.88
N ILE F 86 22.70 -17.37 13.85
CA ILE F 86 22.74 -17.89 12.48
C ILE F 86 23.61 -16.96 11.69
N ILE F 87 24.59 -17.53 11.00
CA ILE F 87 25.37 -16.72 10.04
C ILE F 87 25.11 -17.23 8.65
N ARG F 88 24.36 -16.46 7.86
CA ARG F 88 24.16 -16.82 6.45
C ARG F 88 25.49 -16.57 5.72
N VAL F 89 25.93 -17.55 4.95
CA VAL F 89 27.18 -17.44 4.17
C VAL F 89 26.85 -17.63 2.69
N GLY F 90 26.51 -16.50 2.04
CA GLY F 90 25.78 -16.55 0.78
C GLY F 90 26.61 -16.07 -0.40
N SER F 91 25.96 -16.03 -1.56
CA SER F 91 26.51 -15.29 -2.68
C SER F 91 25.67 -14.01 -2.88
N CYS F 92 26.09 -13.11 -3.75
CA CYS F 92 25.21 -11.98 -4.08
C CYS F 92 25.64 -11.40 -5.41
N GLY F 93 24.78 -10.58 -5.99
CA GLY F 93 25.10 -9.94 -7.26
C GLY F 93 25.37 -8.46 -7.00
N ALA F 94 26.45 -7.96 -7.59
CA ALA F 94 26.86 -6.54 -7.37
C ALA F 94 26.09 -5.60 -8.31
N VAL F 95 25.75 -4.40 -7.81
CA VAL F 95 25.25 -3.33 -8.67
C VAL F 95 26.15 -2.09 -8.73
N ARG F 96 27.07 -1.96 -7.78
CA ARG F 96 27.98 -0.83 -7.70
C ARG F 96 29.21 -1.04 -8.57
N THR F 97 29.74 0.06 -9.12
CA THR F 97 30.91 -0.02 -10.01
C THR F 97 32.14 -0.35 -9.18
N ASP F 98 32.07 -0.12 -7.88
CA ASP F 98 33.25 -0.28 -7.05
C ASP F 98 33.20 -1.59 -6.26
N VAL F 99 32.25 -2.45 -6.60
CA VAL F 99 32.17 -3.77 -5.98
C VAL F 99 32.44 -4.82 -7.06
N LYS F 100 33.37 -5.74 -6.76
CA LYS F 100 33.93 -6.67 -7.75
C LYS F 100 33.61 -8.11 -7.41
N LEU F 101 33.66 -8.97 -8.43
CA LEU F 101 33.54 -10.42 -8.22
C LEU F 101 34.53 -10.88 -7.13
N ARG F 102 34.01 -11.75 -6.25
CA ARG F 102 34.75 -12.31 -5.13
C ARG F 102 34.98 -11.39 -3.93
N ASP F 103 34.48 -10.15 -3.99
CA ASP F 103 34.57 -9.28 -2.83
C ASP F 103 33.68 -9.91 -1.76
N VAL F 104 34.04 -9.70 -0.51
CA VAL F 104 33.20 -10.14 0.59
C VAL F 104 32.45 -8.95 1.21
N VAL F 105 31.13 -9.06 1.33
CA VAL F 105 30.31 -7.97 1.82
C VAL F 105 29.51 -8.45 3.04
N ILE F 106 29.37 -7.55 4.02
CA ILE F 106 28.72 -7.89 5.29
C ILE F 106 27.44 -7.05 5.39
N GLY F 107 26.31 -7.73 5.56
CA GLY F 107 25.04 -7.03 5.56
C GLY F 107 24.62 -6.57 6.94
N MET F 108 25.08 -5.38 7.34
N MET F 108 25.05 -5.37 7.32
CA MET F 108 24.59 -4.83 8.60
CA MET F 108 24.61 -4.84 8.61
C MET F 108 23.08 -4.67 8.50
C MET F 108 23.10 -4.52 8.53
N GLY F 109 22.62 -4.27 7.32
CA GLY F 109 21.17 -4.19 7.05
C GLY F 109 20.84 -4.94 5.78
N ALA F 110 19.55 -5.21 5.59
CA ALA F 110 19.08 -5.78 4.34
C ALA F 110 17.74 -5.16 3.99
N CYS F 111 17.72 -4.46 2.86
CA CYS F 111 16.50 -3.95 2.25
C CYS F 111 15.77 -5.15 1.64
N THR F 112 14.52 -4.96 1.21
CA THR F 112 13.81 -6.05 0.56
C THR F 112 12.60 -5.54 -0.20
N ASP F 113 12.21 -6.29 -1.23
CA ASP F 113 10.90 -6.10 -1.88
C ASP F 113 9.85 -7.15 -1.53
N SER F 114 10.15 -7.92 -0.49
CA SER F 114 9.24 -8.90 0.07
C SER F 114 8.25 -8.17 0.96
N LYS F 115 7.08 -8.78 1.13
CA LYS F 115 6.06 -8.28 2.06
C LYS F 115 6.17 -8.89 3.46
N VAL F 116 7.14 -9.78 3.71
CA VAL F 116 7.11 -10.54 4.99
C VAL F 116 7.29 -9.66 6.23
N ASN F 117 8.16 -8.66 6.16
CA ASN F 117 8.35 -7.78 7.33
C ASN F 117 7.20 -6.78 7.54
N ARG F 118 6.59 -6.34 6.45
CA ARG F 118 5.31 -5.64 6.53
C ARG F 118 4.23 -6.46 7.23
N MET F 119 4.17 -7.75 6.91
CA MET F 119 3.22 -8.63 7.63
C MET F 119 3.48 -8.71 9.14
N ARG F 120 4.76 -8.64 9.52
CA ARG F 120 5.17 -8.70 10.94
C ARG F 120 4.96 -7.35 11.67
N PHE F 121 4.99 -6.27 10.92
CA PHE F 121 5.21 -4.94 11.54
C PHE F 121 4.15 -3.92 11.12
N LYS F 122 2.88 -4.38 11.02
CA LYS F 122 1.73 -3.50 10.79
C LYS F 122 1.88 -2.64 9.54
N ASP F 123 2.53 -3.22 8.53
CA ASP F 123 2.70 -2.62 7.22
C ASP F 123 3.56 -1.34 7.31
N HIS F 124 4.37 -1.22 8.37
CA HIS F 124 5.37 -0.14 8.46
C HIS F 124 6.73 -0.62 7.97
N ASP F 125 7.75 0.21 8.04
CA ASP F 125 9.09 -0.17 7.59
C ASP F 125 9.87 -0.77 8.76
N TYR F 126 10.06 -2.09 8.76
CA TYR F 126 10.96 -2.74 9.71
C TYR F 126 12.40 -2.68 9.16
N ALA F 127 13.33 -2.08 9.89
CA ALA F 127 14.73 -2.08 9.43
C ALA F 127 15.32 -3.44 9.76
N ALA F 128 15.47 -4.28 8.72
CA ALA F 128 16.01 -5.63 8.91
C ALA F 128 17.53 -5.52 9.13
N ILE F 129 17.94 -5.63 10.40
CA ILE F 129 19.35 -5.47 10.74
C ILE F 129 19.97 -6.73 11.37
N ALA F 130 21.28 -6.85 11.20
CA ALA F 130 22.07 -7.90 11.86
C ALA F 130 22.26 -7.57 13.33
N ASP F 131 22.68 -8.57 14.10
CA ASP F 131 23.23 -8.32 15.44
C ASP F 131 24.50 -7.46 15.38
N PHE F 132 24.58 -6.38 16.17
CA PHE F 132 25.77 -5.54 16.08
C PHE F 132 27.08 -6.27 16.46
N GLU F 133 27.11 -6.97 17.60
CA GLU F 133 28.36 -7.66 17.95
C GLU F 133 28.79 -8.72 16.94
N MET F 134 27.84 -9.46 16.38
CA MET F 134 28.21 -10.43 15.31
C MET F 134 28.82 -9.72 14.10
N THR F 135 28.26 -8.56 13.76
CA THR F 135 28.82 -7.75 12.67
C THR F 135 30.23 -7.31 13.00
N ARG F 136 30.43 -6.73 14.21
CA ARG F 136 31.78 -6.34 14.63
C ARG F 136 32.73 -7.54 14.63
N ASN F 137 32.25 -8.69 15.11
CA ASN F 137 33.13 -9.88 15.13
C ASN F 137 33.60 -10.25 13.71
N ALA F 138 32.68 -10.20 12.74
CA ALA F 138 33.03 -10.46 11.34
C ALA F 138 34.01 -9.45 10.75
N VAL F 139 33.81 -8.17 11.06
CA VAL F 139 34.74 -7.15 10.55
C VAL F 139 36.13 -7.38 11.13
N ASP F 140 36.17 -7.65 12.43
CA ASP F 140 37.45 -7.87 13.09
C ASP F 140 38.15 -9.15 12.61
N ALA F 141 37.38 -10.22 12.41
CA ALA F 141 37.96 -11.47 11.88
C ALA F 141 38.51 -11.25 10.47
N ALA F 142 37.81 -10.49 9.64
CA ALA F 142 38.34 -10.16 8.30
C ALA F 142 39.65 -9.35 8.38
N LYS F 143 39.70 -8.41 9.32
CA LYS F 143 40.90 -7.58 9.50
C LYS F 143 42.08 -8.47 9.86
N ALA F 144 41.84 -9.41 10.76
CA ALA F 144 42.88 -10.30 11.24
C ALA F 144 43.37 -11.26 10.15
N LYS F 145 42.48 -11.63 9.22
CA LYS F 145 42.84 -12.46 8.09
C LYS F 145 43.45 -11.67 6.94
N GLY F 146 43.35 -10.35 6.97
CA GLY F 146 43.83 -9.52 5.90
C GLY F 146 42.91 -9.56 4.68
N VAL F 147 41.62 -9.78 4.89
CA VAL F 147 40.67 -9.78 3.78
C VAL F 147 39.83 -8.51 3.86
N ASN F 148 39.79 -7.75 2.76
CA ASN F 148 38.99 -6.52 2.73
C ASN F 148 37.51 -6.88 2.74
N VAL F 149 36.74 -6.13 3.51
CA VAL F 149 35.26 -6.31 3.46
C VAL F 149 34.61 -4.94 3.28
N ARG F 150 33.37 -4.92 2.81
CA ARG F 150 32.59 -3.71 2.89
C ARG F 150 31.41 -4.05 3.79
N VAL F 151 30.98 -3.10 4.61
CA VAL F 151 29.86 -3.33 5.54
C VAL F 151 28.73 -2.35 5.24
N GLY F 152 27.49 -2.83 5.08
CA GLY F 152 26.45 -1.91 4.65
C GLY F 152 25.15 -2.65 4.37
N ASN F 153 24.39 -2.18 3.38
CA ASN F 153 23.08 -2.78 3.09
C ASN F 153 23.18 -3.80 1.97
N LEU F 154 22.53 -4.93 2.16
CA LEU F 154 22.16 -5.84 1.09
C LEU F 154 20.74 -5.48 0.63
N PHE F 155 20.35 -6.07 -0.49
CA PHE F 155 18.95 -6.01 -0.94
C PHE F 155 18.50 -7.47 -1.15
N SER F 156 17.51 -7.93 -0.38
CA SER F 156 16.97 -9.29 -0.50
C SER F 156 15.76 -9.21 -1.45
N ALA F 157 15.96 -9.72 -2.66
CA ALA F 157 14.96 -9.71 -3.74
C ALA F 157 14.08 -10.96 -3.63
N ASP F 158 12.81 -10.80 -4.02
CA ASP F 158 11.93 -11.95 -4.25
C ASP F 158 12.04 -12.50 -5.68
N LEU F 159 12.32 -11.66 -6.68
CA LEU F 159 12.42 -12.14 -8.07
C LEU F 159 13.84 -11.95 -8.64
N PHE F 160 14.58 -13.06 -8.69
CA PHE F 160 15.89 -13.08 -9.33
C PHE F 160 15.73 -12.53 -10.76
N TYR F 161 14.70 -12.99 -11.48
CA TYR F 161 14.36 -12.51 -12.82
C TYR F 161 13.39 -11.35 -12.65
N THR F 162 13.93 -10.19 -12.30
CA THR F 162 13.02 -9.11 -11.90
C THR F 162 12.36 -8.44 -13.11
N PRO F 163 11.05 -8.12 -13.01
CA PRO F 163 10.38 -7.34 -14.04
C PRO F 163 10.71 -5.85 -13.97
N ASP F 164 11.52 -5.44 -12.98
CA ASP F 164 11.87 -4.01 -12.79
C ASP F 164 13.40 -3.83 -12.64
N PRO F 165 14.15 -4.01 -13.75
CA PRO F 165 15.59 -3.87 -13.63
C PRO F 165 16.01 -2.41 -13.31
N GLN F 166 15.14 -1.44 -13.56
CA GLN F 166 15.48 -0.07 -13.17
C GLN F 166 15.73 0.03 -11.67
N MET F 167 15.09 -0.82 -10.86
CA MET F 167 15.36 -0.79 -9.43
C MET F 167 16.83 -1.00 -9.11
N PHE F 168 17.58 -1.73 -9.94
CA PHE F 168 19.02 -1.87 -9.65
C PHE F 168 19.69 -0.49 -9.62
N ASP F 169 19.21 0.45 -10.45
CA ASP F 169 19.78 1.81 -10.44
C ASP F 169 19.55 2.50 -9.09
N VAL F 170 18.33 2.31 -8.55
CA VAL F 170 17.96 2.87 -7.25
C VAL F 170 18.81 2.23 -6.15
N MET F 171 18.96 0.90 -6.24
CA MET F 171 19.85 0.19 -5.30
C MET F 171 21.27 0.76 -5.35
N GLU F 172 21.80 0.96 -6.56
CA GLU F 172 23.17 1.48 -6.69
C GLU F 172 23.28 2.89 -6.07
N LYS F 173 22.29 3.74 -6.38
CA LYS F 173 22.29 5.10 -5.86
C LYS F 173 22.31 5.14 -4.32
N TYR F 174 21.65 4.16 -3.71
CA TYR F 174 21.54 4.05 -2.24
C TYR F 174 22.68 3.20 -1.61
N GLY F 175 23.68 2.87 -2.42
CA GLY F 175 24.86 2.17 -1.92
C GLY F 175 24.72 0.69 -1.61
N ILE F 176 23.65 0.05 -2.10
CA ILE F 176 23.51 -1.41 -1.87
C ILE F 176 24.76 -2.19 -2.36
N LEU F 177 25.30 -3.02 -1.47
CA LEU F 177 26.58 -3.71 -1.74
C LEU F 177 26.38 -4.99 -2.51
N GLY F 178 25.26 -5.64 -2.29
CA GLY F 178 24.98 -6.90 -3.01
C GLY F 178 23.49 -7.19 -3.02
N VAL F 179 23.06 -7.87 -4.08
CA VAL F 179 21.67 -8.32 -4.13
C VAL F 179 21.65 -9.80 -3.87
N GLU F 180 20.89 -10.24 -2.84
CA GLU F 180 20.69 -11.65 -2.67
C GLU F 180 19.19 -11.86 -2.45
N MET F 181 18.78 -12.91 -1.74
CA MET F 181 17.34 -13.20 -1.69
C MET F 181 16.87 -13.64 -0.33
N GLU F 182 17.65 -13.33 0.72
CA GLU F 182 17.39 -14.03 1.99
C GLU F 182 17.60 -13.20 3.25
N ALA F 183 18.64 -12.37 3.25
CA ALA F 183 19.04 -11.68 4.50
C ALA F 183 17.84 -11.02 5.24
N ALA F 184 17.02 -10.23 4.54
CA ALA F 184 15.97 -9.49 5.24
C ALA F 184 15.01 -10.44 5.92
N GLY F 185 14.84 -11.64 5.33
CA GLY F 185 13.95 -12.66 5.91
C GLY F 185 14.54 -13.29 7.16
N ILE F 186 15.81 -13.63 7.07
CA ILE F 186 16.51 -14.21 8.22
C ILE F 186 16.54 -13.19 9.36
N TYR F 187 16.77 -11.91 9.04
CA TYR F 187 16.82 -10.89 10.08
C TYR F 187 15.45 -10.71 10.75
N GLY F 188 14.38 -10.77 9.95
CA GLY F 188 13.04 -10.66 10.50
C GLY F 188 12.71 -11.83 11.40
N VAL F 189 13.09 -13.05 11.00
CA VAL F 189 12.87 -14.23 11.83
C VAL F 189 13.67 -14.15 13.12
N ALA F 190 14.92 -13.71 13.01
CA ALA F 190 15.76 -13.64 14.21
C ALA F 190 15.18 -12.67 15.24
N ALA F 191 14.68 -11.54 14.76
CA ALA F 191 14.04 -10.59 15.67
C ALA F 191 12.72 -11.14 16.25
N GLU F 192 11.91 -11.76 15.39
CA GLU F 192 10.60 -12.30 15.83
C GLU F 192 10.77 -13.30 16.96
N PHE F 193 11.79 -14.15 16.82
CA PHE F 193 11.98 -15.29 17.71
C PHE F 193 13.12 -15.12 18.70
N GLY F 194 13.70 -13.92 18.74
CA GLY F 194 14.57 -13.52 19.84
C GLY F 194 15.96 -14.12 19.76
N ALA F 195 16.46 -14.32 18.53
CA ALA F 195 17.88 -14.78 18.34
C ALA F 195 18.71 -13.77 17.54
N LYS F 196 19.91 -14.15 17.15
CA LYS F 196 20.81 -13.20 16.48
C LYS F 196 21.25 -13.74 15.12
N ALA F 197 21.42 -12.85 14.16
CA ALA F 197 21.83 -13.29 12.84
C ALA F 197 22.74 -12.26 12.17
N LEU F 198 23.48 -12.75 11.18
CA LEU F 198 24.31 -11.92 10.32
C LEU F 198 24.39 -12.62 8.97
N THR F 199 24.41 -11.83 7.90
CA THR F 199 24.62 -12.36 6.57
C THR F 199 25.95 -11.79 6.04
N ILE F 200 26.82 -12.70 5.60
CA ILE F 200 28.04 -12.37 4.90
C ILE F 200 27.93 -13.01 3.52
N CYS F 201 28.27 -12.27 2.47
CA CYS F 201 28.14 -12.81 1.11
C CYS F 201 29.41 -12.59 0.32
N THR F 202 29.68 -13.52 -0.61
CA THR F 202 30.71 -13.31 -1.63
C THR F 202 30.04 -12.93 -2.94
N VAL F 203 30.56 -11.88 -3.58
CA VAL F 203 30.02 -11.43 -4.88
C VAL F 203 30.32 -12.49 -5.94
N SER F 204 29.25 -13.05 -6.51
CA SER F 204 29.34 -14.16 -7.46
C SER F 204 28.98 -13.71 -8.87
N ASP F 205 28.36 -12.52 -9.00
CA ASP F 205 27.83 -12.02 -10.28
C ASP F 205 28.00 -10.52 -10.24
N HIS F 206 28.24 -9.90 -11.39
CA HIS F 206 27.98 -8.46 -11.50
C HIS F 206 26.76 -8.20 -12.39
N ILE F 207 25.73 -7.62 -11.78
CA ILE F 207 24.45 -7.45 -12.45
C ILE F 207 24.54 -6.49 -13.62
N ARG F 208 25.46 -5.53 -13.60
CA ARG F 208 25.54 -4.60 -14.73
C ARG F 208 26.22 -5.21 -15.93
N THR F 209 27.18 -6.09 -15.72
CA THR F 209 28.08 -6.45 -16.80
C THR F 209 27.88 -7.90 -17.23
N GLY F 210 27.19 -8.69 -16.41
CA GLY F 210 26.99 -10.10 -16.70
C GLY F 210 28.13 -10.99 -16.21
N GLU F 211 29.15 -10.41 -15.60
CA GLU F 211 30.31 -11.19 -15.13
C GLU F 211 29.78 -12.21 -14.12
N GLN F 212 30.22 -13.46 -14.24
CA GLN F 212 29.54 -14.57 -13.54
C GLN F 212 30.59 -15.57 -13.08
N THR F 213 30.28 -16.30 -12.02
CA THR F 213 31.08 -17.45 -11.59
C THR F 213 30.31 -18.71 -12.01
N THR F 214 31.00 -19.83 -12.12
CA THR F 214 30.30 -21.07 -12.51
C THR F 214 29.55 -21.67 -11.31
N ALA F 215 28.65 -22.62 -11.57
CA ALA F 215 27.95 -23.32 -10.47
C ALA F 215 28.98 -24.01 -9.54
N ALA F 216 30.02 -24.60 -10.12
CA ALA F 216 31.07 -25.24 -9.33
C ALA F 216 31.82 -24.23 -8.49
N GLU F 217 32.09 -23.05 -9.05
CA GLU F 217 32.77 -22.00 -8.29
C GLU F 217 31.90 -21.58 -7.09
N ARG F 218 30.60 -21.42 -7.32
CA ARG F 218 29.73 -21.04 -6.21
C ARG F 218 29.70 -22.09 -5.11
N GLN F 219 29.81 -23.35 -5.49
CA GLN F 219 29.58 -24.45 -4.55
C GLN F 219 30.78 -24.72 -3.67
N THR F 220 31.99 -24.45 -4.20
CA THR F 220 33.19 -24.94 -3.53
C THR F 220 34.36 -23.95 -3.42
N THR F 221 34.14 -22.70 -3.78
CA THR F 221 35.27 -21.87 -4.08
C THR F 221 35.23 -20.49 -3.34
N PHE F 222 34.15 -20.22 -2.60
CA PHE F 222 33.99 -18.94 -1.85
C PHE F 222 34.45 -19.11 -0.40
N ASN F 223 35.76 -19.28 -0.22
CA ASN F 223 36.32 -19.71 1.08
C ASN F 223 36.62 -18.59 2.06
N ASP F 224 37.03 -17.42 1.57
CA ASP F 224 37.34 -16.29 2.46
C ASP F 224 36.16 -16.01 3.41
N MET F 225 34.93 -15.97 2.86
CA MET F 225 33.76 -15.67 3.70
C MET F 225 33.56 -16.68 4.81
N ILE F 226 33.88 -17.93 4.53
CA ILE F 226 33.68 -19.00 5.53
C ILE F 226 34.76 -18.89 6.61
N GLU F 227 36.00 -18.62 6.23
CA GLU F 227 37.02 -18.42 7.27
C GLU F 227 36.66 -17.22 8.14
N ILE F 228 36.19 -16.17 7.51
CA ILE F 228 35.76 -15.00 8.27
C ILE F 228 34.61 -15.38 9.19
N ALA F 229 33.61 -16.11 8.69
CA ALA F 229 32.46 -16.47 9.53
C ALA F 229 32.89 -17.30 10.75
N LEU F 230 33.74 -18.31 10.52
CA LEU F 230 34.14 -19.21 11.60
C LEU F 230 35.01 -18.51 12.61
N GLU F 231 35.97 -17.71 12.13
CA GLU F 231 36.78 -16.96 13.08
C GLU F 231 35.95 -15.91 13.86
N SER F 232 34.89 -15.38 13.23
CA SER F 232 34.08 -14.34 13.90
C SER F 232 33.35 -15.00 15.10
N VAL F 233 33.03 -16.27 14.97
CA VAL F 233 32.31 -16.97 16.05
C VAL F 233 33.20 -17.09 17.27
N LEU F 234 34.48 -17.38 17.02
CA LEU F 234 35.46 -17.52 18.09
C LEU F 234 35.66 -16.17 18.79
N LEU F 235 35.71 -15.10 18.01
CA LEU F 235 35.81 -13.76 18.60
C LEU F 235 34.62 -13.48 19.51
N GLY F 236 33.42 -13.85 19.05
CA GLY F 236 32.19 -13.65 19.82
C GLY F 236 32.16 -14.42 21.12
N ASP F 237 32.77 -15.60 21.14
CA ASP F 237 32.80 -16.44 22.34
C ASP F 237 33.67 -15.82 23.40
N ASN F 238 34.70 -15.10 22.96
CA ASN F 238 35.84 -14.70 23.81
C ASN F 238 35.74 -13.27 24.30
N ALA F 239 34.69 -12.58 23.86
CA ALA F 239 34.59 -11.13 24.04
C ALA F 239 34.23 -10.81 25.48
O5' DIH G . 6.31 -27.39 4.34
C5' DIH G . 6.37 -26.29 3.40
C4' DIH G . 6.42 -26.84 1.96
C6' DIH G . 5.18 -27.71 1.68
C3' DIH G . 6.34 -25.65 1.00
O3' DIH G . 6.90 -25.97 -0.29
C2' DIH G . 4.85 -25.36 0.81
N1' DIH G . 4.33 -26.71 1.00
C10 DIH G . 2.91 -26.91 0.95
C9 DIH G . 2.37 -26.87 2.38
C8 DIH G . 1.95 -27.96 3.11
N7 DIH G . 1.42 -27.58 4.31
C5 DIH G . 1.50 -26.22 4.38
C6 DIH G . 1.06 -25.24 5.38
O6 DIH G . 0.53 -25.61 6.48
N1 DIH G . 1.33 -23.95 5.14
C2 DIH G . 1.88 -23.56 3.96
N3 DIH G . 2.28 -24.42 3.01
C4 DIH G . 2.11 -25.77 3.22
P PO4 H . 5.60 -29.11 -1.69
O1 PO4 H . 6.91 -28.33 -1.37
O2 PO4 H . 5.68 -29.59 -3.12
O3 PO4 H . 5.46 -30.20 -0.66
O4 PO4 H . 4.47 -28.09 -1.57
O5' DIH I . -18.90 1.35 -21.21
C5' DIH I . -18.64 0.86 -19.86
C4' DIH I . -19.52 -0.36 -19.54
C6' DIH I . -19.36 -1.49 -20.55
C3' DIH I . -19.14 -0.93 -18.19
O3' DIH I . -20.25 -1.68 -17.66
C2' DIH I . -18.05 -1.96 -18.47
N1' DIH I . -18.39 -2.32 -19.85
C10 DIH I . -17.48 -3.17 -20.61
C9 DIH I . -16.56 -2.31 -21.45
C8 DIH I . -16.63 -2.18 -22.84
N7 DIH I . -15.59 -1.42 -23.28
C5 DIH I . -14.82 -1.07 -22.22
C6 DIH I . -13.59 -0.27 -22.08
O6 DIH I . -13.01 0.20 -23.12
N1 DIH I . -13.08 -0.13 -20.85
C2 DIH I . -13.70 -0.67 -19.77
N3 DIH I . -14.83 -1.42 -19.85
C4 DIH I . -15.38 -1.62 -21.09
P PO4 J . -21.74 -4.13 -19.91
O1 PO4 J . -22.11 -2.96 -19.01
O2 PO4 J . -20.28 -4.41 -19.60
O3 PO4 J . -22.58 -5.37 -19.65
O4 PO4 J . -21.93 -3.64 -21.32
O5' DIH K . -28.23 2.49 -1.99
C5' DIH K . -26.96 2.80 -2.65
C4' DIH K . -27.03 4.12 -3.46
C6' DIH K . -27.52 5.28 -2.60
C3' DIH K . -25.62 4.52 -3.91
O3' DIH K . -25.78 5.34 -5.07
C2' DIH K . -25.04 5.41 -2.81
N1' DIH K . -26.25 5.92 -2.20
C10 DIH K . -26.20 6.70 -0.97
C9 DIH K . -26.39 5.79 0.23
C8 DIH K . -27.55 5.80 1.01
N7 DIH K . -27.39 4.98 2.07
C5 DIH K . -26.14 4.43 2.02
C6 DIH K . -25.39 3.48 2.84
O6 DIH K . -25.93 3.00 3.92
N1 DIH K . -24.16 3.16 2.44
C2 DIH K . -23.56 3.62 1.31
N3 DIH K . -24.21 4.51 0.53
C4 DIH K . -25.51 4.90 0.87
P PO4 L . -28.11 8.21 -4.68
O1 PO4 L . -26.96 8.27 -3.70
O2 PO4 L . -27.78 7.04 -5.64
O3 PO4 L . -29.41 7.84 -3.99
O4 PO4 L . -28.26 9.49 -5.43
O5' DIH M . 10.96 25.89 3.79
C5' DIH M . 10.15 24.83 4.30
C4' DIH M . 9.12 25.41 5.28
C6' DIH M . 8.25 26.50 4.63
C3' DIH M . 8.15 24.34 5.66
O3' DIH M . 7.56 24.72 6.91
C2' DIH M . 7.00 24.35 4.65
N1' DIH M . 7.05 25.75 4.26
C10 DIH M . 6.26 26.14 3.08
C9 DIH M . 7.06 26.02 1.79
C8 DIH M . 7.52 27.09 1.05
N7 DIH M . 8.10 26.66 -0.10
C5 DIH M . 7.98 25.32 -0.15
C6 DIH M . 8.38 24.32 -1.13
O6 DIH M . 8.93 24.67 -2.20
N1 DIH M . 8.12 23.04 -0.85
C2 DIH M . 7.49 22.68 0.30
N3 DIH M . 7.10 23.58 1.22
C4 DIH M . 7.35 24.90 1.01
P PO4 N . 6.08 28.09 7.00
O1 PO4 N . 6.97 29.13 6.41
O2 PO4 N . 6.97 27.08 7.81
O3 PO4 N . 5.12 28.66 8.00
O4 PO4 N . 5.39 27.20 6.00
O5' DIH O . 9.33 15.20 22.24
C5' DIH O . 9.31 14.96 20.81
C4' DIH O . 10.73 15.14 20.31
C6' DIH O . 11.74 14.31 21.13
C3' DIH O . 10.87 14.71 18.88
O3' DIH O . 12.00 15.40 18.31
C2' DIH O . 11.27 13.22 18.95
N1' DIH O . 11.96 13.20 20.21
C10 DIH O . 12.35 11.90 20.71
C9 DIH O . 11.28 11.36 21.63
C8 DIH O . 11.35 11.37 23.01
N7 DIH O . 10.27 10.74 23.55
C5 DIH O . 9.48 10.32 22.54
C6 DIH O . 8.24 9.55 22.49
O6 DIH O . 7.67 9.19 23.59
N1 DIH O . 7.70 9.31 21.29
C2 DIH O . 8.32 9.70 20.16
N3 DIH O . 9.48 10.38 20.15
C4 DIH O . 10.07 10.70 21.34
P PO4 P . 15.16 15.25 20.25
O1 PO4 P . 16.60 15.48 19.89
O2 PO4 P . 14.76 13.87 19.86
O3 PO4 P . 14.86 15.46 21.72
O4 PO4 P . 14.21 16.23 19.51
O5' DIH Q . 21.03 -17.61 -7.73
C5' DIH Q . 20.04 -17.28 -6.73
C4' DIH Q . 20.57 -17.68 -5.34
C6' DIH Q . 21.98 -17.12 -5.05
C3' DIH Q . 19.69 -17.14 -4.24
O3' DIH Q . 19.82 -17.98 -3.08
C2' DIH Q . 20.26 -15.78 -3.81
N1' DIH Q . 21.66 -15.97 -4.19
C10 DIH Q . 22.53 -14.81 -4.16
C9 DIH Q . 22.56 -14.13 -5.53
C8 DIH Q . 23.65 -14.22 -6.41
N7 DIH Q . 23.43 -13.47 -7.53
C5 DIH Q . 22.19 -12.91 -7.45
C6 DIH Q . 21.39 -12.02 -8.31
O6 DIH Q . 21.82 -11.55 -9.42
N1 DIH Q . 20.18 -11.67 -7.91
C2 DIH Q . 19.67 -12.06 -6.70
N3 DIH Q . 20.37 -12.90 -5.88
C4 DIH Q . 21.63 -13.31 -6.23
P PO4 R . 23.29 -18.47 -1.89
O1 PO4 R . 22.93 -16.97 -1.84
O2 PO4 R . 24.23 -18.76 -3.07
O3 PO4 R . 23.81 -18.86 -0.52
O4 PO4 R . 21.96 -19.20 -2.18
#